data_3B6A
#
_entry.id   3B6A
#
_cell.length_a   57.880
_cell.length_b   79.000
_cell.length_c   107.190
_cell.angle_alpha   89.56
_cell.angle_beta   89.92
_cell.angle_gamma   89.88
#
_symmetry.space_group_name_H-M   'P 1'
#
loop_
_entity.id
_entity.type
_entity.pdbx_description
1 polymer 'ActR protein'
2 non-polymer "2,2'-[(1R,1'R,3S,3'S)-6,6',9,9'-tetrahydroxy-1,1'-dimethyl-5,5',10,10'-tetraoxo-3,3',4,4',5,5',10,10'-octahydro-1H,1'H-8,8'-bibenzo[g]isochromene-3,3'-diyl]diacetic acid"
#
_entity_poly.entity_id   1
_entity_poly.type   'polypeptide(L)'
_entity_poly.pdbx_seq_one_letter_code
;GAMAPLTQDRIVVTALGILDAEGLDALSMRRLAQELKTGHASLYAHVGNRDELLDLVFDIVLTEVEVPEPEPGRWAEQVK
EMCRSLRRMFLAHRDLARIAIDRVPLGPNGMVGMERTMNLLRSGGLHDELAAYGGDLLSTFVTAEALEQSSRNPGTEQGR
EQAGVFADQLHGYLKSLPATSFPNLVHLAGPITSLDSDRRFELGLEIIIAGLLAGAGEAADDQVRTAGSPPAES
;
_entity_poly.pdbx_strand_id   A,B,C,D,E,F,G,H
#
# COMPACT_ATOMS: atom_id res chain seq x y z
N MET A 3 -14.37 -9.45 -6.77
CA MET A 3 -13.39 -10.19 -5.93
C MET A 3 -13.75 -10.29 -4.42
N ALA A 4 -13.84 -11.53 -3.93
CA ALA A 4 -13.84 -11.81 -2.48
C ALA A 4 -12.38 -11.81 -1.95
N PRO A 5 -12.18 -11.93 -0.61
CA PRO A 5 -10.82 -11.87 -0.04
C PRO A 5 -9.76 -12.81 -0.71
N LEU A 6 -9.06 -12.25 -1.69
CA LEU A 6 -8.08 -12.96 -2.50
C LEU A 6 -6.75 -13.28 -1.78
N THR A 7 -6.21 -14.48 -1.97
CA THR A 7 -4.88 -14.87 -1.40
C THR A 7 -4.15 -15.86 -2.28
N GLN A 8 -2.85 -15.92 -2.04
CA GLN A 8 -1.95 -16.77 -2.81
C GLN A 8 -2.33 -18.24 -2.67
N ASP A 9 -3.43 -18.52 -1.96
CA ASP A 9 -3.91 -19.88 -1.72
C ASP A 9 -5.25 -20.09 -2.33
N ARG A 10 -6.08 -19.08 -2.30
CA ARG A 10 -7.38 -19.26 -2.93
C ARG A 10 -7.20 -19.15 -4.43
N ILE A 11 -6.20 -18.40 -4.85
CA ILE A 11 -5.86 -18.28 -6.24
C ILE A 11 -5.36 -19.64 -6.79
N VAL A 12 -4.51 -20.32 -6.00
CA VAL A 12 -3.89 -21.56 -6.45
C VAL A 12 -4.90 -22.70 -6.50
N VAL A 13 -5.57 -22.93 -5.39
CA VAL A 13 -6.66 -23.87 -5.30
C VAL A 13 -7.66 -23.68 -6.47
N THR A 14 -7.73 -22.45 -6.99
CA THR A 14 -8.60 -22.14 -8.12
C THR A 14 -7.99 -22.64 -9.42
N ALA A 15 -6.71 -22.33 -9.63
CA ALA A 15 -6.02 -22.70 -10.86
C ALA A 15 -6.12 -24.19 -11.03
N LEU A 16 -5.56 -24.93 -10.10
CA LEU A 16 -5.66 -26.38 -10.10
C LEU A 16 -7.08 -26.86 -10.48
N GLY A 17 -8.09 -26.27 -9.85
CA GLY A 17 -9.48 -26.59 -10.18
C GLY A 17 -9.76 -26.66 -11.67
N ILE A 18 -9.37 -25.60 -12.39
CA ILE A 18 -9.53 -25.51 -13.84
C ILE A 18 -8.76 -26.61 -14.52
N LEU A 19 -7.58 -26.88 -13.98
CA LEU A 19 -6.56 -27.67 -14.68
C LEU A 19 -6.94 -29.13 -14.77
N ASP A 20 -7.40 -29.72 -13.66
CA ASP A 20 -8.03 -31.05 -13.68
C ASP A 20 -9.12 -31.05 -14.73
N ALA A 21 -10.04 -30.12 -14.58
CA ALA A 21 -11.23 -30.05 -15.37
C ALA A 21 -10.94 -30.05 -16.86
N GLU A 22 -9.97 -29.26 -17.31
CA GLU A 22 -9.88 -28.92 -18.72
C GLU A 22 -8.50 -29.05 -19.34
N GLY A 23 -7.47 -29.16 -18.51
CA GLY A 23 -6.11 -29.39 -19.00
C GLY A 23 -5.24 -28.16 -19.10
N LEU A 24 -3.95 -28.37 -19.40
CA LEU A 24 -2.92 -27.33 -19.35
C LEU A 24 -3.17 -26.09 -20.21
N ASP A 25 -3.55 -26.26 -21.45
CA ASP A 25 -3.69 -25.12 -22.37
C ASP A 25 -4.87 -24.21 -22.06
N ALA A 26 -5.88 -24.74 -21.38
CA ALA A 26 -7.04 -23.94 -20.96
C ALA A 26 -6.66 -23.04 -19.80
N LEU A 27 -5.58 -23.37 -19.11
CA LEU A 27 -5.05 -22.50 -18.08
C LEU A 27 -4.30 -21.31 -18.69
N SER A 28 -4.93 -20.14 -18.61
CA SER A 28 -4.26 -18.89 -18.90
C SER A 28 -4.53 -17.89 -17.78
N MET A 29 -3.72 -16.85 -17.72
CA MET A 29 -3.99 -15.75 -16.79
C MET A 29 -5.44 -15.19 -16.97
N ARG A 30 -5.75 -14.66 -18.15
CA ARG A 30 -7.10 -14.15 -18.42
C ARG A 30 -8.23 -15.14 -18.10
N ARG A 31 -8.00 -16.42 -18.37
CA ARG A 31 -8.97 -17.45 -18.02
C ARG A 31 -9.17 -17.45 -16.52
N LEU A 32 -8.07 -17.57 -15.78
CA LEU A 32 -8.03 -17.57 -14.32
C LEU A 32 -8.72 -16.35 -13.68
N ALA A 33 -8.22 -15.16 -13.96
CA ALA A 33 -8.84 -13.92 -13.48
C ALA A 33 -10.36 -13.86 -13.76
N GLN A 34 -10.80 -14.60 -14.76
CA GLN A 34 -12.20 -14.63 -15.13
C GLN A 34 -12.95 -15.39 -14.05
N GLU A 35 -12.56 -16.64 -13.83
CA GLU A 35 -13.22 -17.50 -12.86
C GLU A 35 -13.40 -16.79 -11.51
N LEU A 36 -12.34 -16.15 -11.04
CA LEU A 36 -12.29 -15.51 -9.71
C LEU A 36 -13.04 -14.17 -9.60
N LYS A 37 -13.51 -13.61 -10.72
CA LYS A 37 -14.32 -12.37 -10.71
C LYS A 37 -13.52 -11.07 -10.39
N THR A 38 -12.29 -10.99 -10.92
CA THR A 38 -11.37 -9.87 -10.61
C THR A 38 -10.62 -9.32 -11.82
N GLY A 39 -9.82 -8.29 -11.58
CA GLY A 39 -8.99 -7.67 -12.61
C GLY A 39 -7.55 -8.16 -12.52
N HIS A 40 -6.84 -8.04 -13.63
CA HIS A 40 -5.42 -8.46 -13.75
C HIS A 40 -4.50 -7.96 -12.62
N ALA A 41 -4.83 -6.79 -12.07
CA ALA A 41 -4.15 -6.20 -10.93
C ALA A 41 -3.93 -7.22 -9.83
N SER A 42 -5.04 -7.60 -9.19
CA SER A 42 -5.07 -8.55 -8.07
C SER A 42 -4.34 -9.85 -8.39
N LEU A 43 -4.54 -10.38 -9.58
CA LEU A 43 -3.90 -11.62 -9.97
C LEU A 43 -2.40 -11.43 -10.03
N TYR A 44 -1.92 -10.56 -10.93
CA TYR A 44 -0.49 -10.42 -11.13
C TYR A 44 0.22 -10.08 -9.84
N ALA A 45 -0.49 -9.50 -8.89
CA ALA A 45 0.06 -9.22 -7.57
C ALA A 45 0.57 -10.47 -6.81
N HIS A 46 -0.32 -11.41 -6.50
CA HIS A 46 0.08 -12.56 -5.68
C HIS A 46 1.01 -13.56 -6.35
N VAL A 47 1.03 -13.59 -7.69
CA VAL A 47 1.53 -14.79 -8.40
C VAL A 47 2.28 -14.60 -9.71
N GLY A 48 2.06 -13.51 -10.42
CA GLY A 48 2.98 -13.15 -11.52
C GLY A 48 2.58 -13.42 -12.96
N ASN A 49 3.51 -13.96 -13.75
CA ASN A 49 3.17 -14.44 -15.10
C ASN A 49 2.75 -15.90 -15.03
N ARG A 50 2.76 -16.64 -16.14
CA ARG A 50 2.16 -18.00 -16.14
C ARG A 50 3.08 -19.04 -15.52
N ASP A 51 4.40 -18.86 -15.73
CA ASP A 51 5.43 -19.74 -15.17
C ASP A 51 5.33 -19.90 -13.67
N GLU A 52 5.67 -18.80 -12.98
CA GLU A 52 5.51 -18.69 -11.54
C GLU A 52 4.24 -19.40 -11.01
N LEU A 53 3.11 -19.15 -11.69
CA LEU A 53 1.85 -19.75 -11.30
C LEU A 53 1.89 -21.28 -11.31
N LEU A 54 2.42 -21.88 -12.37
CA LEU A 54 2.57 -23.32 -12.41
C LEU A 54 3.41 -23.86 -11.26
N ASP A 55 4.45 -23.12 -10.85
CA ASP A 55 5.30 -23.54 -9.72
C ASP A 55 4.50 -23.60 -8.44
N LEU A 56 3.69 -22.58 -8.22
CA LEU A 56 2.85 -22.53 -7.05
C LEU A 56 1.83 -23.65 -7.10
N VAL A 57 1.23 -23.86 -8.27
CA VAL A 57 0.33 -24.98 -8.47
C VAL A 57 1.02 -26.29 -8.10
N PHE A 58 2.22 -26.49 -8.63
CA PHE A 58 2.99 -27.70 -8.37
C PHE A 58 3.26 -27.95 -6.89
N ASP A 59 3.74 -26.90 -6.22
CA ASP A 59 4.07 -27.02 -4.83
C ASP A 59 2.91 -27.45 -3.91
N ILE A 60 1.72 -26.92 -4.16
CA ILE A 60 0.59 -27.13 -3.26
C ILE A 60 0.05 -28.55 -3.32
N VAL A 61 0.01 -29.16 -4.50
CA VAL A 61 -0.53 -30.52 -4.60
C VAL A 61 0.37 -31.51 -3.92
N LEU A 62 1.66 -31.14 -3.79
CA LEU A 62 2.69 -31.97 -3.15
C LEU A 62 2.38 -32.40 -1.71
N THR A 63 1.53 -31.64 -1.03
CA THR A 63 1.13 -31.96 0.34
C THR A 63 0.50 -33.33 0.42
N GLU A 64 0.15 -33.86 -0.75
CA GLU A 64 -0.56 -35.12 -0.84
C GLU A 64 0.33 -36.33 -0.62
N VAL A 65 1.59 -36.22 -1.05
CA VAL A 65 2.54 -37.35 -1.00
C VAL A 65 2.92 -37.55 0.45
N GLU A 66 3.57 -38.67 0.78
CA GLU A 66 4.01 -38.92 2.16
C GLU A 66 5.36 -39.62 2.22
N VAL A 67 6.30 -39.00 2.92
CA VAL A 67 7.60 -39.62 3.12
C VAL A 67 7.66 -40.10 4.55
N PRO A 68 7.46 -41.41 4.77
CA PRO A 68 7.35 -41.90 6.16
C PRO A 68 8.66 -41.80 6.90
N GLU A 69 8.55 -41.71 8.23
CA GLU A 69 9.72 -41.66 9.13
C GLU A 69 10.43 -43.05 9.11
N PRO A 70 11.79 -43.06 9.03
CA PRO A 70 12.53 -44.34 8.92
C PRO A 70 12.19 -45.38 10.03
N GLU A 71 12.11 -46.65 9.66
CA GLU A 71 11.70 -47.68 10.61
C GLU A 71 12.53 -48.96 10.62
N PRO A 72 12.76 -49.54 11.81
CA PRO A 72 13.43 -50.82 12.01
C PRO A 72 13.06 -51.89 10.97
N GLY A 73 13.90 -52.05 9.95
CA GLY A 73 13.78 -53.14 8.97
C GLY A 73 12.51 -53.16 8.14
N ARG A 74 12.23 -52.05 7.46
CA ARG A 74 11.07 -51.90 6.57
C ARG A 74 11.54 -51.16 5.33
N TRP A 75 12.83 -50.80 5.34
CA TRP A 75 13.43 -49.95 4.32
C TRP A 75 12.85 -50.13 2.92
N ALA A 76 13.11 -51.27 2.27
CA ALA A 76 12.66 -51.50 0.88
C ALA A 76 11.20 -51.11 0.68
N GLU A 77 10.32 -51.60 1.56
CA GLU A 77 8.89 -51.24 1.53
C GLU A 77 8.63 -49.75 1.77
N GLN A 78 9.34 -49.17 2.73
CA GLN A 78 9.26 -47.73 2.99
C GLN A 78 9.66 -46.90 1.81
N VAL A 79 10.52 -47.44 0.94
CA VAL A 79 10.88 -46.73 -0.29
C VAL A 79 9.76 -46.88 -1.35
N LYS A 80 9.28 -48.10 -1.56
CA LYS A 80 8.07 -48.37 -2.40
C LYS A 80 6.82 -47.56 -2.01
N GLU A 81 6.43 -47.61 -0.73
CA GLU A 81 5.38 -46.74 -0.17
C GLU A 81 5.51 -45.30 -0.70
N MET A 82 6.66 -44.72 -0.40
CA MET A 82 7.02 -43.36 -0.79
C MET A 82 6.77 -43.07 -2.27
N CYS A 83 7.23 -43.98 -3.11
CA CYS A 83 7.10 -43.82 -4.53
C CYS A 83 5.66 -44.00 -4.94
N ARG A 84 5.08 -45.15 -4.59
CA ARG A 84 3.68 -45.46 -4.91
C ARG A 84 2.71 -44.37 -4.48
N SER A 85 3.12 -43.62 -3.45
CA SER A 85 2.38 -42.47 -2.96
C SER A 85 2.48 -41.34 -3.98
N LEU A 86 3.70 -41.01 -4.41
CA LEU A 86 3.94 -39.94 -5.36
C LEU A 86 3.18 -40.21 -6.67
N ARG A 87 3.18 -41.46 -7.13
CA ARG A 87 2.46 -41.84 -8.33
C ARG A 87 0.98 -41.61 -8.24
N ARG A 88 0.40 -41.94 -7.08
CA ARG A 88 -1.04 -41.82 -6.87
C ARG A 88 -1.43 -40.36 -7.04
N MET A 89 -0.59 -39.47 -6.51
CA MET A 89 -0.65 -38.05 -6.82
C MET A 89 -0.77 -37.71 -8.34
N PHE A 90 0.21 -38.11 -9.16
CA PHE A 90 0.20 -37.76 -10.59
C PHE A 90 -1.04 -38.26 -11.32
N LEU A 91 -1.64 -39.35 -10.83
CA LEU A 91 -2.82 -39.97 -11.48
C LEU A 91 -4.08 -39.09 -11.37
N ALA A 92 -4.36 -38.60 -10.17
CA ALA A 92 -5.49 -37.70 -9.96
C ALA A 92 -5.46 -36.45 -10.88
N HIS A 93 -4.28 -35.90 -11.09
CA HIS A 93 -4.19 -34.56 -11.64
C HIS A 93 -3.63 -34.49 -13.06
N ARG A 94 -4.53 -34.25 -14.01
CA ARG A 94 -4.20 -34.07 -15.44
C ARG A 94 -2.95 -33.20 -15.74
N ASP A 95 -2.10 -33.61 -16.69
CA ASP A 95 -0.99 -32.80 -17.19
C ASP A 95 0.06 -32.37 -16.14
N LEU A 96 0.00 -32.91 -14.93
CA LEU A 96 0.91 -32.44 -13.90
C LEU A 96 2.33 -32.89 -14.15
N ALA A 97 2.46 -34.07 -14.76
CA ALA A 97 3.77 -34.60 -15.10
C ALA A 97 4.43 -33.74 -16.19
N ARG A 98 3.67 -33.38 -17.25
CA ARG A 98 4.13 -32.45 -18.30
C ARG A 98 4.84 -31.22 -17.71
N ILE A 99 4.21 -30.64 -16.68
CA ILE A 99 4.75 -29.53 -15.91
C ILE A 99 6.11 -29.90 -15.32
N ALA A 100 6.16 -31.06 -14.67
CA ALA A 100 7.32 -31.49 -13.89
C ALA A 100 8.60 -31.60 -14.69
N ILE A 101 8.51 -32.00 -15.96
CA ILE A 101 9.70 -32.23 -16.82
C ILE A 101 10.66 -31.05 -16.95
N ASP A 102 10.14 -29.84 -17.13
CA ASP A 102 10.97 -28.62 -17.23
C ASP A 102 10.84 -27.66 -16.01
N ARG A 103 10.66 -28.22 -14.80
CA ARG A 103 10.53 -27.37 -13.59
C ARG A 103 11.29 -27.87 -12.35
N VAL A 104 11.83 -26.88 -11.63
CA VAL A 104 12.62 -27.05 -10.40
C VAL A 104 11.80 -27.70 -9.26
N PRO A 105 12.36 -28.73 -8.56
CA PRO A 105 11.59 -29.35 -7.48
C PRO A 105 11.67 -28.50 -6.19
N LEU A 106 11.41 -27.20 -6.34
CA LEU A 106 11.57 -26.23 -5.24
C LEU A 106 10.25 -25.79 -4.59
N GLY A 107 10.34 -25.13 -3.43
CA GLY A 107 9.15 -24.71 -2.72
C GLY A 107 8.98 -25.32 -1.35
N PRO A 108 8.29 -24.59 -0.49
CA PRO A 108 7.99 -25.02 0.86
C PRO A 108 7.84 -26.54 0.94
N ASN A 109 6.77 -27.06 0.33
CA ASN A 109 6.58 -28.49 0.19
C ASN A 109 7.77 -29.13 -0.51
N GLY A 110 8.28 -28.45 -1.52
CA GLY A 110 9.43 -28.93 -2.28
C GLY A 110 10.65 -29.35 -1.45
N MET A 111 11.13 -28.49 -0.55
CA MET A 111 12.28 -28.90 0.28
C MET A 111 11.95 -29.53 1.65
N VAL A 112 10.75 -29.34 2.16
CA VAL A 112 10.37 -30.16 3.28
C VAL A 112 10.32 -31.60 2.80
N GLY A 113 10.26 -31.76 1.49
CA GLY A 113 10.14 -33.08 0.90
C GLY A 113 11.44 -33.80 0.58
N MET A 114 12.38 -33.08 -0.03
CA MET A 114 13.74 -33.57 -0.25
C MET A 114 14.35 -33.99 1.09
N GLU A 115 14.20 -33.15 2.11
CA GLU A 115 14.79 -33.40 3.41
C GLU A 115 14.46 -34.81 3.92
N ARG A 116 13.16 -35.12 3.92
CA ARG A 116 12.65 -36.41 4.37
C ARG A 116 12.99 -37.53 3.40
N THR A 117 13.11 -37.22 2.11
CA THR A 117 13.64 -38.19 1.14
C THR A 117 15.12 -38.54 1.44
N MET A 118 15.95 -37.54 1.65
CA MET A 118 17.34 -37.82 1.99
C MET A 118 17.49 -38.58 3.31
N ASN A 119 16.71 -38.23 4.31
CA ASN A 119 16.77 -38.92 5.58
C ASN A 119 16.64 -40.43 5.41
N LEU A 120 15.47 -40.87 4.94
CA LEU A 120 15.12 -42.28 4.68
C LEU A 120 16.17 -43.08 3.88
N LEU A 121 16.73 -42.47 2.83
CA LEU A 121 17.73 -43.14 2.00
C LEU A 121 19.07 -43.35 2.75
N ARG A 122 19.64 -42.25 3.23
CA ARG A 122 20.82 -42.30 4.07
C ARG A 122 20.59 -43.30 5.19
N SER A 123 19.32 -43.42 5.57
CA SER A 123 18.87 -44.39 6.56
C SER A 123 19.04 -45.88 6.11
N GLY A 124 19.32 -46.11 4.83
CA GLY A 124 19.56 -47.44 4.33
C GLY A 124 21.02 -47.83 4.35
N GLY A 125 21.83 -47.16 5.17
CA GLY A 125 23.26 -47.40 5.16
C GLY A 125 23.79 -47.10 3.77
N LEU A 126 23.27 -46.02 3.19
CA LEU A 126 23.69 -45.53 1.88
C LEU A 126 24.58 -44.29 2.02
N HIS A 127 25.68 -44.28 1.27
CA HIS A 127 26.64 -43.19 1.33
C HIS A 127 26.15 -41.95 0.60
N ASP A 128 26.98 -40.92 0.60
CA ASP A 128 26.60 -39.58 0.12
C ASP A 128 26.18 -39.52 -1.37
N GLU A 129 27.16 -39.53 -2.27
CA GLU A 129 26.86 -39.46 -3.69
C GLU A 129 25.70 -40.36 -4.12
N LEU A 130 25.62 -41.58 -3.57
CA LEU A 130 24.55 -42.54 -3.90
C LEU A 130 23.15 -42.19 -3.34
N ALA A 131 23.06 -41.70 -2.10
CA ALA A 131 21.76 -41.25 -1.60
C ALA A 131 21.28 -39.95 -2.29
N ALA A 132 22.21 -39.07 -2.65
CA ALA A 132 21.94 -37.82 -3.39
C ALA A 132 21.30 -38.12 -4.74
N TYR A 133 22.11 -38.64 -5.66
CA TYR A 133 21.62 -39.09 -6.95
C TYR A 133 20.36 -40.00 -6.87
N GLY A 134 20.42 -41.00 -6.00
CA GLY A 134 19.36 -42.01 -5.89
C GLY A 134 17.97 -41.41 -5.98
N GLY A 135 17.66 -40.51 -5.05
CA GLY A 135 16.41 -39.74 -5.08
C GLY A 135 16.07 -39.13 -6.44
N ASP A 136 17.05 -38.45 -7.05
CA ASP A 136 16.91 -37.93 -8.41
C ASP A 136 16.30 -39.02 -9.31
N LEU A 137 17.02 -40.15 -9.40
CA LEU A 137 16.64 -41.27 -10.27
C LEU A 137 15.23 -41.82 -9.99
N LEU A 138 14.90 -42.00 -8.71
CA LEU A 138 13.57 -42.46 -8.37
C LEU A 138 12.52 -41.48 -8.89
N SER A 139 12.66 -40.20 -8.56
CA SER A 139 11.65 -39.21 -8.90
C SER A 139 11.57 -39.07 -10.41
N THR A 140 12.75 -39.19 -11.03
CA THR A 140 12.88 -39.21 -12.48
C THR A 140 12.13 -40.44 -12.98
N PHE A 141 12.49 -41.62 -12.49
CA PHE A 141 11.77 -42.84 -12.83
C PHE A 141 10.21 -42.74 -12.75
N VAL A 142 9.69 -42.32 -11.58
CA VAL A 142 8.24 -42.23 -11.34
C VAL A 142 7.50 -41.22 -12.22
N THR A 143 8.11 -40.07 -12.48
CA THR A 143 7.56 -39.11 -13.44
C THR A 143 7.35 -39.84 -14.76
N ALA A 144 8.46 -40.21 -15.41
CA ALA A 144 8.40 -40.79 -16.75
C ALA A 144 7.22 -41.76 -16.83
N GLU A 145 7.19 -42.66 -15.89
CA GLU A 145 6.11 -43.59 -15.83
C GLU A 145 4.76 -42.88 -15.90
N ALA A 146 4.63 -41.79 -15.14
CA ALA A 146 3.35 -41.13 -14.97
C ALA A 146 2.91 -40.51 -16.29
N LEU A 147 3.86 -39.96 -17.07
CA LEU A 147 3.62 -39.60 -18.47
C LEU A 147 3.14 -40.77 -19.34
N GLU A 148 3.94 -41.84 -19.38
CA GLU A 148 3.57 -43.09 -20.05
C GLU A 148 2.11 -43.47 -19.84
N GLN A 149 1.68 -43.36 -18.59
CA GLN A 149 0.32 -43.73 -18.28
C GLN A 149 -0.63 -42.63 -18.74
N SER A 150 -0.23 -41.38 -18.44
CA SER A 150 -1.00 -40.17 -18.76
C SER A 150 -1.71 -40.30 -20.10
N SER A 151 -0.98 -40.79 -21.11
CA SER A 151 -1.52 -40.96 -22.46
C SER A 151 -1.97 -42.39 -22.77
N ARG A 152 -2.69 -43.03 -21.86
CA ARG A 152 -3.24 -44.37 -22.16
C ARG A 152 -4.72 -44.46 -21.89
N GLN A 158 -15.17 -43.37 -23.20
CA GLN A 158 -14.50 -44.58 -23.64
C GLN A 158 -13.27 -44.91 -22.77
N GLY A 159 -12.22 -44.08 -22.88
CA GLY A 159 -10.93 -44.31 -22.22
C GLY A 159 -9.92 -45.12 -23.04
N ARG A 160 -9.65 -46.33 -22.59
CA ARG A 160 -8.63 -47.20 -23.16
C ARG A 160 -9.09 -48.01 -24.40
N GLU A 161 -9.83 -47.37 -25.31
CA GLU A 161 -10.26 -48.01 -26.57
C GLU A 161 -9.32 -47.72 -27.73
N GLN A 162 -8.90 -46.45 -27.82
CA GLN A 162 -7.92 -45.99 -28.82
C GLN A 162 -6.60 -46.69 -28.57
N ALA A 163 -6.14 -46.61 -27.33
CA ALA A 163 -4.95 -47.34 -26.86
C ALA A 163 -5.18 -48.85 -26.93
N GLY A 164 -6.39 -49.29 -26.58
CA GLY A 164 -6.75 -50.71 -26.59
C GLY A 164 -6.41 -51.41 -27.89
N VAL A 165 -7.02 -50.93 -28.97
CA VAL A 165 -6.80 -51.51 -30.30
C VAL A 165 -5.39 -51.28 -30.85
N PHE A 166 -4.84 -50.07 -30.66
CA PHE A 166 -3.47 -49.76 -31.09
C PHE A 166 -2.52 -50.80 -30.54
N ALA A 167 -2.57 -50.95 -29.22
CA ALA A 167 -1.78 -51.98 -28.57
C ALA A 167 -2.04 -53.32 -29.26
N ASP A 168 -3.31 -53.65 -29.51
CA ASP A 168 -3.58 -54.97 -30.04
C ASP A 168 -3.09 -55.12 -31.48
N GLN A 169 -3.23 -54.07 -32.28
CA GLN A 169 -2.74 -54.13 -33.65
C GLN A 169 -1.23 -54.16 -33.70
N LEU A 170 -0.58 -53.53 -32.71
CA LEU A 170 0.86 -53.67 -32.52
C LEU A 170 1.21 -55.10 -32.12
N HIS A 171 0.39 -55.68 -31.24
CA HIS A 171 0.62 -57.04 -30.76
C HIS A 171 0.38 -58.02 -31.89
N GLY A 172 -0.39 -57.60 -32.90
CA GLY A 172 -0.70 -58.46 -34.04
C GLY A 172 0.40 -58.53 -35.06
N TYR A 173 0.96 -57.36 -35.37
CA TYR A 173 2.06 -57.23 -36.32
C TYR A 173 3.31 -57.96 -35.86
N LEU A 174 3.56 -57.90 -34.56
CA LEU A 174 4.73 -58.52 -33.97
C LEU A 174 4.74 -60.03 -34.16
N LYS A 175 3.69 -60.70 -33.70
CA LYS A 175 3.56 -62.16 -33.80
C LYS A 175 3.54 -62.63 -35.26
N SER A 176 2.90 -61.87 -36.14
CA SER A 176 2.85 -62.21 -37.56
C SER A 176 4.12 -61.79 -38.33
N LEU A 177 5.13 -61.31 -37.61
CA LEU A 177 6.44 -61.01 -38.17
C LEU A 177 7.11 -62.36 -38.46
N PRO A 178 8.07 -62.43 -39.41
CA PRO A 178 8.66 -63.76 -39.72
C PRO A 178 9.57 -64.27 -38.59
N ALA A 179 9.48 -65.57 -38.30
CA ALA A 179 10.13 -66.16 -37.13
C ALA A 179 11.63 -66.37 -37.31
N THR A 180 12.04 -66.70 -38.52
CA THR A 180 13.43 -66.97 -38.80
C THR A 180 14.30 -65.70 -38.64
N SER A 181 13.77 -64.56 -39.06
CA SER A 181 14.50 -63.30 -38.96
C SER A 181 14.25 -62.53 -37.66
N PHE A 182 13.15 -62.87 -36.98
CA PHE A 182 12.72 -62.17 -35.76
C PHE A 182 12.30 -63.12 -34.63
N PRO A 183 13.20 -64.02 -34.20
CA PRO A 183 12.77 -64.96 -33.17
C PRO A 183 12.27 -64.30 -31.87
N ASN A 184 13.05 -63.35 -31.33
CA ASN A 184 12.80 -62.68 -30.02
C ASN A 184 11.47 -61.88 -29.89
N LEU A 185 11.21 -61.04 -30.89
CA LEU A 185 10.02 -60.18 -30.96
C LEU A 185 8.73 -61.01 -31.16
N VAL A 186 8.85 -62.09 -31.92
CA VAL A 186 7.79 -63.09 -32.06
C VAL A 186 7.54 -63.68 -30.68
N HIS A 187 8.61 -63.97 -29.96
CA HIS A 187 8.53 -64.56 -28.65
C HIS A 187 8.03 -63.60 -27.58
N LEU A 188 8.18 -62.30 -27.82
CA LEU A 188 7.95 -61.30 -26.79
C LEU A 188 6.88 -60.25 -27.14
N ALA A 189 5.98 -60.60 -28.06
CA ALA A 189 4.89 -59.69 -28.43
C ALA A 189 3.99 -59.24 -27.27
N GLY A 190 3.84 -60.09 -26.25
CA GLY A 190 3.07 -59.74 -25.05
C GLY A 190 3.73 -58.68 -24.17
N PRO A 191 4.75 -59.09 -23.39
CA PRO A 191 5.63 -58.26 -22.58
C PRO A 191 6.10 -56.90 -23.16
N ILE A 192 5.99 -56.69 -24.46
CA ILE A 192 6.23 -55.36 -25.03
C ILE A 192 4.94 -54.51 -25.07
N THR A 193 3.91 -55.08 -25.70
CA THR A 193 2.61 -54.42 -25.83
C THR A 193 1.76 -54.43 -24.55
N SER A 194 2.16 -55.23 -23.54
CA SER A 194 1.42 -55.25 -22.27
C SER A 194 1.08 -53.84 -21.86
N LEU A 195 -0.21 -53.57 -21.67
CA LEU A 195 -0.64 -52.27 -21.23
C LEU A 195 -1.13 -52.34 -19.81
N ASP A 196 -0.35 -53.07 -19.03
CA ASP A 196 -0.52 -53.27 -17.61
C ASP A 196 0.52 -52.42 -16.87
N SER A 197 0.19 -51.16 -16.69
CA SER A 197 1.13 -50.24 -16.08
C SER A 197 1.43 -50.55 -14.62
N ASP A 198 0.41 -50.94 -13.86
CA ASP A 198 0.58 -51.32 -12.45
C ASP A 198 1.75 -52.25 -12.16
N ARG A 199 1.85 -53.35 -12.92
CA ARG A 199 2.87 -54.39 -12.74
C ARG A 199 4.22 -54.02 -13.34
N ARG A 200 4.19 -53.27 -14.44
CA ARG A 200 5.42 -52.73 -15.02
C ARG A 200 6.05 -51.75 -14.04
N PHE A 201 5.20 -51.13 -13.22
CA PHE A 201 5.62 -50.12 -12.27
C PHE A 201 6.32 -50.74 -11.06
N GLU A 202 5.70 -51.76 -10.50
CA GLU A 202 6.29 -52.52 -9.40
C GLU A 202 7.60 -53.14 -9.84
N LEU A 203 7.71 -53.48 -11.12
CA LEU A 203 8.98 -53.98 -11.67
C LEU A 203 10.09 -52.92 -11.65
N GLY A 204 9.88 -51.80 -12.33
CA GLY A 204 10.85 -50.74 -12.31
C GLY A 204 11.36 -50.44 -10.92
N LEU A 205 10.49 -50.61 -9.93
CA LEU A 205 10.88 -50.38 -8.53
C LEU A 205 11.78 -51.49 -7.94
N GLU A 206 11.27 -52.72 -7.94
CA GLU A 206 12.08 -53.88 -7.59
C GLU A 206 13.50 -53.68 -8.09
N ILE A 207 13.62 -53.27 -9.35
CA ILE A 207 14.91 -53.18 -10.03
C ILE A 207 15.83 -52.07 -9.49
N ILE A 208 15.36 -50.83 -9.55
CA ILE A 208 16.13 -49.69 -9.08
C ILE A 208 16.59 -49.97 -7.65
N ILE A 209 15.63 -50.36 -6.81
CA ILE A 209 15.88 -50.56 -5.39
C ILE A 209 16.97 -51.59 -5.14
N ALA A 210 16.90 -52.73 -5.84
CA ALA A 210 17.93 -53.74 -5.70
C ALA A 210 19.24 -53.17 -6.27
N GLY A 211 19.13 -52.38 -7.35
CA GLY A 211 20.29 -51.67 -7.89
C GLY A 211 20.95 -50.74 -6.87
N LEU A 212 20.11 -50.17 -6.01
CA LEU A 212 20.58 -49.36 -4.90
C LEU A 212 21.24 -50.20 -3.81
N LEU A 213 20.48 -51.08 -3.16
CA LEU A 213 21.02 -52.03 -2.16
C LEU A 213 22.31 -52.71 -2.61
N ALA A 214 22.33 -53.19 -3.85
CA ALA A 214 23.53 -53.74 -4.44
C ALA A 214 24.58 -52.64 -4.55
N GLY A 215 24.20 -51.52 -5.18
CA GLY A 215 25.06 -50.34 -5.28
C GLY A 215 25.60 -50.09 -3.89
N ALA A 216 24.68 -50.03 -2.93
CA ALA A 216 24.97 -49.64 -1.54
C ALA A 216 26.20 -50.29 -0.93
N GLY A 217 26.00 -51.46 -0.34
CA GLY A 217 27.03 -52.19 0.39
C GLY A 217 28.07 -52.80 -0.53
N GLU A 218 28.71 -51.96 -1.33
CA GLU A 218 29.76 -52.42 -2.25
C GLU A 218 31.06 -52.65 -1.48
N ALA A 219 31.34 -51.77 -0.52
CA ALA A 219 32.44 -51.97 0.41
C ALA A 219 32.47 -53.44 0.86
N ALA A 220 33.26 -54.26 0.16
CA ALA A 220 33.34 -55.69 0.46
C ALA A 220 34.78 -56.10 0.77
N ALA B 4 17.36 -32.70 -59.91
CA ALA B 4 17.45 -32.94 -58.43
C ALA B 4 16.29 -33.79 -57.77
N PRO B 5 16.09 -35.05 -58.23
CA PRO B 5 14.97 -35.93 -57.80
C PRO B 5 14.68 -35.91 -56.30
N LEU B 6 13.52 -35.38 -55.91
CA LEU B 6 13.15 -35.28 -54.51
C LEU B 6 12.67 -36.61 -53.97
N THR B 7 13.15 -36.95 -52.77
CA THR B 7 12.72 -38.18 -52.07
C THR B 7 12.65 -38.00 -50.57
N GLN B 8 11.86 -38.84 -49.92
CA GLN B 8 11.67 -38.74 -48.47
C GLN B 8 12.99 -38.69 -47.70
N ASP B 9 13.94 -39.52 -48.12
CA ASP B 9 15.29 -39.47 -47.55
C ASP B 9 15.95 -38.08 -47.73
N ARG B 10 15.74 -37.47 -48.90
CA ARG B 10 16.28 -36.14 -49.14
C ARG B 10 15.50 -35.11 -48.31
N ILE B 11 14.20 -35.35 -48.12
CA ILE B 11 13.34 -34.45 -47.38
C ILE B 11 13.86 -34.35 -45.96
N VAL B 12 13.97 -35.51 -45.29
CA VAL B 12 14.41 -35.58 -43.90
C VAL B 12 15.89 -35.26 -43.66
N VAL B 13 16.72 -35.33 -44.69
CA VAL B 13 18.10 -34.85 -44.52
C VAL B 13 18.13 -33.30 -44.45
N THR B 14 17.16 -32.66 -45.09
CA THR B 14 17.05 -31.23 -45.00
C THR B 14 16.33 -30.81 -43.70
N ALA B 15 15.29 -31.54 -43.32
CA ALA B 15 14.58 -31.25 -42.07
C ALA B 15 15.46 -31.42 -40.84
N LEU B 16 16.34 -32.43 -40.88
CA LEU B 16 17.38 -32.62 -39.87
C LEU B 16 18.54 -31.63 -40.03
N GLY B 17 18.83 -31.21 -41.26
CA GLY B 17 19.89 -30.24 -41.47
C GLY B 17 19.55 -28.86 -40.92
N ILE B 18 18.27 -28.53 -40.83
CA ILE B 18 17.86 -27.23 -40.31
C ILE B 18 17.62 -27.35 -38.82
N LEU B 19 17.29 -28.56 -38.38
CA LEU B 19 17.03 -28.84 -36.99
C LEU B 19 18.29 -28.72 -36.15
N ASP B 20 19.39 -29.26 -36.66
CA ASP B 20 20.74 -29.09 -36.08
C ASP B 20 21.19 -27.62 -36.13
N ALA B 21 20.99 -27.00 -37.29
CA ALA B 21 21.53 -25.68 -37.59
C ALA B 21 20.72 -24.45 -37.11
N GLU B 22 19.45 -24.63 -36.77
CA GLU B 22 18.59 -23.51 -36.34
C GLU B 22 17.71 -23.77 -35.10
N GLY B 23 17.16 -24.97 -35.00
CA GLY B 23 16.49 -25.41 -33.76
C GLY B 23 15.08 -25.92 -33.97
N LEU B 24 14.74 -27.04 -33.31
CA LEU B 24 13.40 -27.63 -33.41
C LEU B 24 12.29 -26.60 -33.57
N ASP B 25 12.18 -25.70 -32.60
CA ASP B 25 11.04 -24.80 -32.54
C ASP B 25 10.76 -24.02 -33.82
N ALA B 26 11.78 -23.89 -34.65
CA ALA B 26 11.66 -23.22 -35.94
C ALA B 26 11.33 -24.15 -37.14
N LEU B 27 11.23 -25.47 -36.92
CA LEU B 27 10.92 -26.40 -38.01
C LEU B 27 9.43 -26.46 -38.29
N SER B 28 8.97 -25.52 -39.11
CA SER B 28 7.60 -25.51 -39.61
C SER B 28 7.57 -26.32 -40.87
N MET B 29 6.39 -26.77 -41.27
CA MET B 29 6.28 -27.33 -42.61
C MET B 29 6.66 -26.21 -43.59
N ARG B 30 6.10 -25.03 -43.36
CA ARG B 30 6.41 -23.84 -44.16
C ARG B 30 7.90 -23.77 -44.57
N ARG B 31 8.76 -23.50 -43.59
CA ARG B 31 10.23 -23.40 -43.76
C ARG B 31 10.76 -24.52 -44.66
N LEU B 32 10.62 -25.76 -44.19
CA LEU B 32 11.15 -26.92 -44.90
C LEU B 32 10.84 -26.87 -46.40
N ALA B 33 9.59 -26.57 -46.74
CA ALA B 33 9.13 -26.49 -48.13
C ALA B 33 9.92 -25.49 -48.99
N GLN B 34 10.11 -24.27 -48.47
CA GLN B 34 10.95 -23.25 -49.10
C GLN B 34 12.31 -23.81 -49.47
N GLU B 35 12.97 -24.41 -48.49
CA GLU B 35 14.32 -24.95 -48.63
C GLU B 35 14.47 -25.89 -49.82
N LEU B 36 13.55 -26.82 -49.95
CA LEU B 36 13.63 -27.79 -51.04
C LEU B 36 13.00 -27.24 -52.32
N LYS B 37 12.62 -25.96 -52.28
CA LYS B 37 11.99 -25.24 -53.42
C LYS B 37 10.75 -25.96 -53.97
N THR B 38 9.87 -26.40 -53.09
CA THR B 38 8.79 -27.31 -53.48
C THR B 38 7.52 -27.14 -52.65
N GLY B 39 6.36 -27.25 -53.31
CA GLY B 39 5.05 -27.05 -52.69
C GLY B 39 4.63 -28.02 -51.60
N HIS B 40 3.51 -27.72 -50.95
CA HIS B 40 2.96 -28.59 -49.93
C HIS B 40 2.54 -29.89 -50.59
N ALA B 41 2.11 -29.82 -51.84
CA ALA B 41 1.82 -31.00 -52.63
C ALA B 41 2.86 -32.11 -52.43
N SER B 42 4.04 -31.88 -53.04
CA SER B 42 5.13 -32.88 -53.14
C SER B 42 5.75 -33.26 -51.81
N LEU B 43 5.63 -32.36 -50.84
CA LEU B 43 6.16 -32.57 -49.50
C LEU B 43 5.22 -33.41 -48.64
N TYR B 44 3.92 -33.13 -48.72
CA TYR B 44 2.96 -33.90 -47.97
C TYR B 44 2.79 -35.26 -48.63
N ALA B 45 3.22 -35.38 -49.89
CA ALA B 45 3.13 -36.64 -50.61
C ALA B 45 3.94 -37.74 -49.92
N HIS B 46 5.18 -37.49 -49.52
CA HIS B 46 5.87 -38.41 -48.62
C HIS B 46 5.70 -37.80 -47.23
N VAL B 47 6.24 -38.43 -46.19
CA VAL B 47 6.27 -37.83 -44.81
C VAL B 47 4.92 -37.40 -44.17
N GLY B 48 3.92 -37.08 -44.97
CA GLY B 48 2.62 -36.69 -44.44
C GLY B 48 2.75 -35.34 -43.79
N ASN B 49 2.50 -35.27 -42.49
CA ASN B 49 2.48 -34.00 -41.74
C ASN B 49 3.65 -33.84 -40.78
N ARG B 50 3.79 -32.63 -40.21
CA ARG B 50 4.84 -32.26 -39.24
C ARG B 50 5.14 -33.34 -38.22
N ASP B 51 4.11 -34.01 -37.71
CA ASP B 51 4.30 -35.03 -36.71
C ASP B 51 4.78 -36.38 -37.23
N GLU B 52 4.15 -36.90 -38.28
CA GLU B 52 4.62 -38.15 -38.89
C GLU B 52 6.01 -38.04 -39.51
N LEU B 53 6.41 -36.80 -39.81
CA LEU B 53 7.72 -36.53 -40.34
C LEU B 53 8.78 -36.71 -39.25
N LEU B 54 8.44 -36.33 -38.03
CA LEU B 54 9.37 -36.41 -36.92
C LEU B 54 9.77 -37.85 -36.70
N ASP B 55 8.77 -38.72 -36.61
CA ASP B 55 8.98 -40.15 -36.50
C ASP B 55 10.11 -40.64 -37.43
N LEU B 56 10.03 -40.32 -38.73
CA LEU B 56 11.10 -40.64 -39.70
C LEU B 56 12.44 -39.98 -39.39
N VAL B 57 12.42 -38.74 -38.91
CA VAL B 57 13.65 -38.04 -38.55
C VAL B 57 14.32 -38.83 -37.44
N PHE B 58 13.53 -39.15 -36.42
CA PHE B 58 14.02 -39.94 -35.31
C PHE B 58 14.50 -41.28 -35.83
N ASP B 59 13.69 -41.90 -36.69
CA ASP B 59 14.04 -43.23 -37.20
C ASP B 59 15.24 -43.25 -38.12
N ILE B 60 15.55 -42.13 -38.77
CA ILE B 60 16.74 -42.07 -39.62
C ILE B 60 18.02 -41.98 -38.78
N VAL B 61 17.96 -41.22 -37.68
CA VAL B 61 19.17 -41.01 -36.87
C VAL B 61 19.57 -42.19 -36.00
N LEU B 62 18.58 -42.98 -35.57
CA LEU B 62 18.79 -44.22 -34.80
C LEU B 62 19.75 -45.19 -35.48
N THR B 63 20.17 -44.84 -36.70
CA THR B 63 21.20 -45.59 -37.43
C THR B 63 22.55 -45.45 -36.77
N GLU B 64 22.70 -44.41 -35.97
CA GLU B 64 23.99 -44.12 -35.34
C GLU B 64 24.25 -44.98 -34.13
N VAL B 65 23.27 -45.79 -33.76
CA VAL B 65 23.37 -46.68 -32.60
C VAL B 65 23.81 -48.11 -32.99
N GLU B 66 24.76 -48.67 -32.23
CA GLU B 66 25.42 -49.92 -32.63
C GLU B 66 25.34 -50.95 -31.52
N VAL B 67 24.26 -51.74 -31.49
CA VAL B 67 24.07 -52.82 -30.52
C VAL B 67 24.93 -53.99 -30.98
N PRO B 68 25.92 -54.40 -30.16
CA PRO B 68 26.93 -55.38 -30.59
C PRO B 68 26.53 -56.85 -30.39
N GLU B 69 27.23 -57.74 -31.10
CA GLU B 69 26.97 -59.18 -31.07
C GLU B 69 27.46 -59.72 -29.73
N PRO B 70 26.58 -60.46 -29.01
CA PRO B 70 26.81 -60.93 -27.63
C PRO B 70 28.07 -61.80 -27.47
N GLU B 71 28.91 -61.51 -26.47
CA GLU B 71 30.19 -62.21 -26.28
C GLU B 71 30.44 -62.78 -24.89
N PRO B 72 30.92 -64.04 -24.82
CA PRO B 72 31.35 -64.71 -23.57
C PRO B 72 31.91 -63.80 -22.46
N GLY B 73 31.30 -63.86 -21.26
CA GLY B 73 31.78 -63.16 -20.08
C GLY B 73 31.49 -61.68 -19.95
N ARG B 74 31.33 -60.98 -21.08
CA ARG B 74 31.32 -59.51 -21.09
C ARG B 74 29.93 -58.84 -21.11
N TRP B 75 28.87 -59.64 -20.93
CA TRP B 75 27.50 -59.17 -20.89
C TRP B 75 27.32 -57.76 -20.34
N ALA B 76 27.48 -57.58 -19.04
CA ALA B 76 27.28 -56.26 -18.43
C ALA B 76 28.04 -55.15 -19.17
N GLU B 77 29.26 -55.45 -19.64
CA GLU B 77 30.08 -54.48 -20.35
C GLU B 77 29.43 -54.07 -21.67
N GLN B 78 29.06 -55.07 -22.49
CA GLN B 78 28.41 -54.83 -23.79
C GLN B 78 27.17 -53.94 -23.69
N VAL B 79 26.36 -54.12 -22.64
CA VAL B 79 25.17 -53.32 -22.45
C VAL B 79 25.51 -51.82 -22.41
N LYS B 80 26.51 -51.46 -21.60
CA LYS B 80 26.94 -50.07 -21.41
C LYS B 80 27.34 -49.37 -22.71
N GLU B 81 28.13 -50.05 -23.54
CA GLU B 81 28.56 -49.55 -24.84
C GLU B 81 27.35 -49.13 -25.67
N MET B 82 26.32 -50.00 -25.65
CA MET B 82 25.04 -49.72 -26.28
C MET B 82 24.38 -48.49 -25.68
N CYS B 83 24.33 -48.45 -24.34
CA CYS B 83 23.76 -47.29 -23.65
C CYS B 83 24.52 -45.97 -23.95
N ARG B 84 25.86 -45.99 -24.02
CA ARG B 84 26.64 -44.78 -24.33
C ARG B 84 26.45 -44.30 -25.75
N SER B 85 26.39 -45.24 -26.69
CA SER B 85 26.20 -44.88 -28.10
C SER B 85 24.84 -44.17 -28.32
N LEU B 86 23.83 -44.59 -27.57
CA LEU B 86 22.58 -43.91 -27.67
C LEU B 86 22.81 -42.47 -27.22
N ARG B 87 23.38 -42.34 -26.03
CA ARG B 87 23.67 -41.02 -25.45
C ARG B 87 24.48 -40.11 -26.36
N ARG B 88 25.40 -40.63 -27.14
CA ARG B 88 26.11 -39.76 -28.05
C ARG B 88 25.24 -39.28 -29.21
N MET B 89 24.36 -40.14 -29.68
CA MET B 89 23.39 -39.77 -30.70
C MET B 89 22.63 -38.52 -30.26
N PHE B 90 22.12 -38.54 -29.04
CA PHE B 90 21.35 -37.41 -28.52
C PHE B 90 22.24 -36.19 -28.36
N LEU B 91 23.53 -36.43 -28.06
CA LEU B 91 24.53 -35.36 -27.84
C LEU B 91 24.92 -34.64 -29.11
N ALA B 92 24.92 -35.34 -30.24
CA ALA B 92 25.35 -34.75 -31.52
C ALA B 92 24.27 -34.03 -32.36
N HIS B 93 23.00 -34.08 -31.92
CA HIS B 93 21.88 -33.35 -32.55
C HIS B 93 20.99 -32.63 -31.50
N ARG B 94 20.72 -31.33 -31.66
CA ARG B 94 19.97 -30.60 -30.60
C ARG B 94 18.51 -31.02 -30.54
N ASP B 95 17.85 -30.79 -29.40
CA ASP B 95 16.40 -31.04 -29.24
C ASP B 95 15.89 -32.47 -29.55
N LEU B 96 16.77 -33.36 -30.00
CA LEU B 96 16.34 -34.67 -30.42
C LEU B 96 15.63 -35.46 -29.32
N ALA B 97 16.02 -35.22 -28.08
CA ALA B 97 15.37 -35.85 -26.95
C ALA B 97 13.93 -35.36 -26.82
N ARG B 98 13.74 -34.05 -26.97
CA ARG B 98 12.43 -33.43 -26.79
C ARG B 98 11.41 -34.25 -27.59
N ILE B 99 11.61 -34.31 -28.91
CA ILE B 99 10.96 -35.27 -29.82
C ILE B 99 10.77 -36.70 -29.22
N ALA B 100 11.89 -37.38 -28.97
CA ALA B 100 11.88 -38.75 -28.48
C ALA B 100 10.74 -39.04 -27.50
N ILE B 101 10.74 -38.29 -26.38
CA ILE B 101 9.83 -38.50 -25.23
C ILE B 101 8.36 -38.25 -25.62
N ASP B 102 8.04 -38.47 -26.90
CA ASP B 102 6.67 -38.39 -27.40
C ASP B 102 6.30 -39.57 -28.33
N ARG B 103 7.30 -40.26 -28.85
CA ARG B 103 7.16 -41.19 -30.00
C ARG B 103 7.60 -42.62 -29.66
N VAL B 104 7.05 -43.61 -30.37
CA VAL B 104 7.63 -44.97 -30.27
C VAL B 104 8.63 -45.20 -31.37
N PRO B 105 9.66 -46.05 -31.10
CA PRO B 105 10.48 -46.62 -32.17
C PRO B 105 9.75 -47.76 -32.92
N LEU B 106 8.63 -47.43 -33.59
CA LEU B 106 7.96 -48.37 -34.50
C LEU B 106 8.57 -48.31 -35.93
N GLY B 107 9.57 -47.46 -36.11
CA GLY B 107 10.16 -47.28 -37.43
C GLY B 107 10.98 -48.49 -37.79
N PRO B 108 11.09 -48.81 -39.09
CA PRO B 108 11.88 -49.95 -39.60
C PRO B 108 13.20 -50.07 -38.85
N ASN B 109 14.03 -49.03 -38.97
CA ASN B 109 15.26 -48.93 -38.24
C ASN B 109 15.07 -49.38 -36.81
N GLY B 110 14.09 -48.77 -36.15
CA GLY B 110 13.79 -48.96 -34.74
C GLY B 110 13.69 -50.43 -34.45
N MET B 111 12.90 -51.10 -35.27
CA MET B 111 12.62 -52.50 -35.11
C MET B 111 13.83 -53.43 -35.20
N VAL B 112 14.80 -53.10 -36.05
CA VAL B 112 15.98 -53.95 -36.14
C VAL B 112 16.67 -54.03 -34.78
N GLY B 113 16.80 -52.88 -34.13
CA GLY B 113 17.62 -52.80 -32.93
C GLY B 113 16.93 -53.26 -31.69
N MET B 114 15.61 -53.17 -31.70
CA MET B 114 14.79 -53.82 -30.67
C MET B 114 15.09 -55.32 -30.64
N GLU B 115 14.95 -55.99 -31.79
CA GLU B 115 15.43 -57.36 -31.92
C GLU B 115 16.89 -57.53 -31.44
N ARG B 116 17.81 -56.67 -31.93
CA ARG B 116 19.23 -56.79 -31.55
C ARG B 116 19.48 -56.65 -30.03
N THR B 117 19.02 -55.55 -29.46
CA THR B 117 19.02 -55.29 -28.01
C THR B 117 18.45 -56.44 -27.19
N MET B 118 17.23 -56.90 -27.50
CA MET B 118 16.51 -57.90 -26.69
C MET B 118 17.20 -59.26 -26.72
N ASN B 119 17.88 -59.51 -27.83
CA ASN B 119 18.70 -60.67 -27.99
C ASN B 119 19.84 -60.61 -26.99
N LEU B 120 20.59 -59.50 -26.96
CA LEU B 120 21.66 -59.29 -25.98
C LEU B 120 21.22 -59.45 -24.50
N LEU B 121 20.20 -58.68 -24.11
CA LEU B 121 19.61 -58.73 -22.75
C LEU B 121 19.22 -60.15 -22.30
N ARG B 122 18.50 -60.87 -23.17
CA ARG B 122 18.08 -62.27 -22.91
C ARG B 122 19.24 -63.24 -22.90
N SER B 123 20.41 -62.82 -23.40
CA SER B 123 21.62 -63.64 -23.30
C SER B 123 22.27 -63.67 -21.88
N GLY B 124 21.82 -62.81 -20.98
CA GLY B 124 22.43 -62.75 -19.64
C GLY B 124 21.75 -63.64 -18.62
N GLY B 125 20.61 -64.20 -18.99
CA GLY B 125 19.77 -64.98 -18.06
C GLY B 125 18.49 -64.26 -17.64
N LEU B 126 17.97 -63.41 -18.53
CA LEU B 126 16.75 -62.66 -18.22
C LEU B 126 15.46 -63.28 -18.75
N HIS B 127 14.68 -63.84 -17.83
CA HIS B 127 13.40 -64.44 -18.18
C HIS B 127 12.59 -63.44 -18.95
N ASP B 128 11.71 -63.92 -19.81
CA ASP B 128 10.92 -63.08 -20.71
C ASP B 128 10.66 -61.65 -20.20
N GLU B 129 9.91 -61.54 -19.10
CA GLU B 129 9.51 -60.25 -18.53
C GLU B 129 10.71 -59.32 -18.26
N LEU B 130 11.52 -59.67 -17.28
CA LEU B 130 12.74 -58.93 -16.95
C LEU B 130 13.39 -58.28 -18.17
N ALA B 131 13.44 -59.03 -19.26
CA ALA B 131 14.15 -58.59 -20.44
C ALA B 131 13.41 -57.53 -21.24
N ALA B 132 12.09 -57.68 -21.37
CA ALA B 132 11.29 -56.73 -22.15
C ALA B 132 11.15 -55.37 -21.47
N TYR B 133 11.08 -55.35 -20.14
CA TYR B 133 11.08 -54.11 -19.37
C TYR B 133 12.50 -53.60 -19.08
N GLY B 134 13.42 -54.52 -18.79
CA GLY B 134 14.82 -54.16 -18.74
C GLY B 134 15.11 -53.14 -19.82
N GLY B 135 14.67 -53.44 -21.04
CA GLY B 135 14.94 -52.62 -22.23
C GLY B 135 14.25 -51.27 -22.15
N ASP B 136 12.93 -51.31 -22.11
CA ASP B 136 12.08 -50.17 -21.83
C ASP B 136 12.67 -49.25 -20.77
N LEU B 137 13.15 -49.83 -19.67
CA LEU B 137 13.71 -49.10 -18.54
C LEU B 137 14.96 -48.40 -18.96
N LEU B 138 15.79 -49.09 -19.71
CA LEU B 138 17.07 -48.56 -20.09
C LEU B 138 16.84 -47.37 -21.01
N SER B 139 15.84 -47.50 -21.88
CA SER B 139 15.49 -46.43 -22.83
C SER B 139 15.19 -45.13 -22.14
N THR B 140 14.18 -45.17 -21.30
CA THR B 140 13.82 -44.03 -20.48
C THR B 140 15.05 -43.34 -19.85
N PHE B 141 15.87 -44.10 -19.11
CA PHE B 141 16.97 -43.50 -18.36
C PHE B 141 17.87 -42.65 -19.25
N VAL B 142 18.27 -43.19 -20.39
CA VAL B 142 19.21 -42.52 -21.30
C VAL B 142 18.58 -41.30 -21.96
N THR B 143 17.27 -41.40 -22.22
CA THR B 143 16.48 -40.31 -22.77
C THR B 143 16.45 -39.18 -21.74
N ALA B 144 15.99 -39.50 -20.54
CA ALA B 144 15.90 -38.50 -19.47
C ALA B 144 17.21 -37.76 -19.25
N GLU B 145 18.30 -38.50 -19.16
CA GLU B 145 19.63 -37.93 -18.94
C GLU B 145 19.96 -36.83 -19.94
N ALA B 146 19.73 -37.12 -21.21
CA ALA B 146 20.17 -36.23 -22.27
C ALA B 146 19.30 -34.98 -22.35
N LEU B 147 18.02 -35.13 -22.01
CA LEU B 147 17.14 -33.98 -21.87
C LEU B 147 17.76 -33.07 -20.82
N GLU B 148 18.01 -33.65 -19.65
CA GLU B 148 18.72 -32.99 -18.56
C GLU B 148 20.06 -32.42 -18.96
N GLN B 149 20.89 -33.21 -19.65
CA GLN B 149 22.17 -32.65 -20.09
C GLN B 149 21.93 -31.42 -20.96
N SER B 150 21.04 -31.54 -21.96
CA SER B 150 20.77 -30.43 -22.91
C SER B 150 20.28 -29.16 -22.22
N SER B 151 19.62 -29.33 -21.08
CA SER B 151 19.18 -28.22 -20.25
C SER B 151 20.35 -27.42 -19.60
N ARG B 152 21.53 -28.02 -19.50
CA ARG B 152 22.72 -27.31 -18.99
C ARG B 152 23.27 -26.44 -20.10
N ASN B 153 22.77 -26.67 -21.31
CA ASN B 153 23.16 -25.95 -22.55
C ASN B 153 24.51 -26.28 -23.25
N PRO B 154 25.08 -27.49 -23.04
CA PRO B 154 26.44 -27.76 -23.53
C PRO B 154 26.45 -28.51 -24.88
N GLY B 155 27.62 -29.04 -25.27
CA GLY B 155 27.79 -29.74 -26.55
C GLY B 155 28.78 -29.05 -27.49
N THR B 156 28.52 -27.79 -27.88
CA THR B 156 27.32 -27.02 -27.51
C THR B 156 26.09 -27.39 -28.41
N ALA B 163 24.87 -20.87 -17.93
CA ALA B 163 24.04 -21.59 -16.94
C ALA B 163 24.60 -22.01 -15.57
N GLY B 164 25.80 -22.60 -15.57
CA GLY B 164 26.51 -22.94 -14.32
C GLY B 164 26.50 -21.83 -13.29
N VAL B 165 26.06 -20.64 -13.70
CA VAL B 165 25.84 -19.48 -12.83
C VAL B 165 24.64 -19.69 -11.91
N PHE B 166 23.52 -20.14 -12.50
CA PHE B 166 22.29 -20.47 -11.75
C PHE B 166 22.54 -21.58 -10.72
N ALA B 167 23.11 -22.70 -11.17
CA ALA B 167 23.35 -23.86 -10.31
C ALA B 167 24.18 -23.49 -9.09
N ASP B 168 25.37 -22.93 -9.32
CA ASP B 168 26.18 -22.38 -8.24
C ASP B 168 25.35 -21.58 -7.21
N GLN B 169 24.30 -20.90 -7.70
CA GLN B 169 23.40 -20.07 -6.87
C GLN B 169 22.32 -20.88 -6.13
N LEU B 170 22.20 -22.16 -6.50
CA LEU B 170 21.32 -23.14 -5.84
C LEU B 170 22.13 -23.90 -4.76
N HIS B 171 23.47 -23.86 -4.91
CA HIS B 171 24.42 -24.40 -3.94
C HIS B 171 24.52 -23.46 -2.73
N GLY B 172 24.81 -22.18 -2.99
CA GLY B 172 24.85 -21.17 -1.94
C GLY B 172 23.58 -21.27 -1.12
N TYR B 173 22.46 -21.14 -1.82
CA TYR B 173 21.13 -21.09 -1.21
C TYR B 173 20.90 -22.26 -0.28
N LEU B 174 21.03 -23.48 -0.81
CA LEU B 174 20.84 -24.71 -0.01
C LEU B 174 21.79 -24.79 1.19
N LYS B 175 23.07 -24.50 0.97
CA LYS B 175 24.08 -24.46 2.04
C LYS B 175 23.68 -23.49 3.15
N SER B 176 22.93 -22.44 2.80
CA SER B 176 22.60 -21.38 3.75
C SER B 176 21.30 -21.56 4.53
N LEU B 177 20.73 -22.76 4.48
CA LEU B 177 19.55 -23.12 5.29
C LEU B 177 19.94 -23.22 6.77
N PRO B 178 18.95 -23.08 7.69
CA PRO B 178 19.21 -23.40 9.11
C PRO B 178 19.68 -24.85 9.30
N ALA B 179 20.91 -25.00 9.77
CA ALA B 179 21.59 -26.29 9.81
C ALA B 179 20.86 -27.41 10.58
N THR B 180 20.07 -27.04 11.60
CA THR B 180 19.36 -28.02 12.44
C THR B 180 18.08 -28.56 11.82
N SER B 181 17.33 -27.71 11.13
CA SER B 181 16.07 -28.10 10.49
C SER B 181 16.27 -28.83 9.15
N PHE B 182 17.45 -28.63 8.53
CA PHE B 182 17.74 -29.20 7.23
C PHE B 182 19.15 -29.79 7.16
N PRO B 183 19.47 -30.72 8.09
CA PRO B 183 20.80 -31.34 8.14
C PRO B 183 21.21 -32.08 6.83
N ASN B 184 20.37 -33.01 6.37
CA ASN B 184 20.62 -33.76 5.13
C ASN B 184 20.82 -32.86 3.90
N LEU B 185 19.96 -31.87 3.75
CA LEU B 185 20.07 -30.88 2.67
C LEU B 185 21.32 -30.00 2.83
N VAL B 186 21.64 -29.58 4.06
CA VAL B 186 22.90 -28.88 4.30
C VAL B 186 24.13 -29.73 3.91
N HIS B 187 24.22 -30.96 4.42
CA HIS B 187 25.38 -31.89 4.22
C HIS B 187 25.55 -32.33 2.76
N LEU B 188 24.44 -32.43 2.02
CA LEU B 188 24.48 -32.86 0.60
C LEU B 188 24.39 -31.71 -0.42
N ALA B 189 24.74 -30.49 -0.03
CA ALA B 189 24.57 -29.33 -0.90
C ALA B 189 25.17 -29.53 -2.30
N GLY B 190 26.39 -30.08 -2.37
CA GLY B 190 27.15 -30.19 -3.60
C GLY B 190 26.61 -31.20 -4.57
N PRO B 191 26.73 -32.49 -4.19
CA PRO B 191 26.20 -33.62 -4.97
C PRO B 191 24.76 -33.47 -5.49
N ILE B 192 23.93 -32.57 -4.93
CA ILE B 192 22.54 -32.38 -5.40
C ILE B 192 22.49 -31.33 -6.52
N THR B 193 23.09 -30.17 -6.24
CA THR B 193 22.99 -28.99 -7.11
C THR B 193 23.82 -29.25 -8.34
N SER B 194 25.13 -29.13 -8.19
CA SER B 194 26.08 -29.44 -9.24
C SER B 194 26.56 -30.90 -9.16
N LEU B 195 26.65 -31.52 -10.33
CA LEU B 195 27.21 -32.84 -10.52
C LEU B 195 27.62 -32.99 -11.97
N ASP B 196 28.90 -33.27 -12.17
CA ASP B 196 29.39 -33.68 -13.46
C ASP B 196 28.38 -34.64 -14.12
N SER B 197 28.02 -34.31 -15.35
CA SER B 197 27.06 -35.09 -16.12
C SER B 197 27.58 -36.49 -16.44
N ASP B 198 28.87 -36.57 -16.76
CA ASP B 198 29.55 -37.86 -17.06
C ASP B 198 29.56 -38.81 -15.82
N ARG B 199 29.57 -38.21 -14.63
CA ARG B 199 29.48 -38.95 -13.40
C ARG B 199 28.04 -39.42 -13.15
N ARG B 200 27.05 -38.56 -13.37
CA ARG B 200 25.67 -38.97 -13.07
C ARG B 200 25.13 -40.11 -13.95
N PHE B 201 25.77 -40.34 -15.09
CA PHE B 201 25.34 -41.32 -16.07
C PHE B 201 25.88 -42.66 -15.71
N GLU B 202 27.18 -42.71 -15.50
CA GLU B 202 27.86 -43.95 -15.11
C GLU B 202 27.24 -44.54 -13.85
N LEU B 203 26.84 -43.69 -12.90
CA LEU B 203 26.18 -44.17 -11.68
C LEU B 203 24.86 -44.90 -11.92
N GLY B 204 23.99 -44.32 -12.74
CA GLY B 204 22.67 -44.88 -12.97
C GLY B 204 22.73 -46.12 -13.82
N LEU B 205 23.75 -46.16 -14.67
CA LEU B 205 23.97 -47.29 -15.54
C LEU B 205 24.27 -48.49 -14.67
N GLU B 206 25.35 -48.39 -13.88
CA GLU B 206 25.68 -49.37 -12.84
C GLU B 206 24.47 -49.70 -11.98
N ILE B 207 23.83 -48.70 -11.37
CA ILE B 207 22.64 -48.96 -10.55
C ILE B 207 21.67 -49.92 -11.25
N ILE B 208 21.12 -49.53 -12.40
CA ILE B 208 20.14 -50.36 -13.10
C ILE B 208 20.73 -51.73 -13.50
N ILE B 209 21.92 -51.75 -14.06
CA ILE B 209 22.48 -53.00 -14.50
C ILE B 209 22.52 -53.97 -13.33
N ALA B 210 23.16 -53.56 -12.23
CA ALA B 210 23.18 -54.36 -11.01
C ALA B 210 21.77 -54.75 -10.57
N GLY B 211 20.84 -53.79 -10.65
CA GLY B 211 19.41 -54.01 -10.36
C GLY B 211 18.82 -55.15 -11.17
N LEU B 212 19.12 -55.16 -12.47
CA LEU B 212 18.69 -56.26 -13.37
C LEU B 212 19.43 -57.56 -13.03
N LEU B 213 20.71 -57.47 -12.71
CA LEU B 213 21.51 -58.64 -12.31
C LEU B 213 20.93 -59.36 -11.09
N ALA B 214 20.48 -58.61 -10.08
CA ALA B 214 19.79 -59.19 -8.92
C ALA B 214 18.55 -59.95 -9.39
N GLY B 215 17.89 -59.38 -10.40
CA GLY B 215 16.70 -59.97 -11.01
C GLY B 215 16.91 -61.35 -11.61
N ALA B 216 18.12 -61.60 -12.14
CA ALA B 216 18.46 -62.92 -12.70
C ALA B 216 18.51 -64.07 -11.68
N GLY B 217 19.14 -63.86 -10.51
CA GLY B 217 19.22 -64.90 -9.46
C GLY B 217 20.02 -66.15 -9.84
N GLU B 218 19.52 -67.33 -9.48
CA GLU B 218 20.21 -68.64 -9.76
C GLU B 218 20.11 -69.05 -11.22
N MET C 3 32.54 6.66 44.40
CA MET C 3 31.58 7.77 44.07
C MET C 3 32.07 9.19 44.50
N ALA C 4 32.13 10.09 43.50
CA ALA C 4 32.23 11.53 43.74
C ALA C 4 30.82 12.13 44.05
N PRO C 5 30.74 13.43 44.43
CA PRO C 5 29.44 14.02 44.79
C PRO C 5 28.29 13.79 43.78
N LEU C 6 27.59 12.67 43.97
CA LEU C 6 26.48 12.25 43.14
C LEU C 6 25.19 13.14 43.21
N THR C 7 24.55 13.42 42.07
CA THR C 7 23.26 14.13 42.02
C THR C 7 22.40 13.70 40.87
N GLN C 8 21.10 13.97 41.02
CA GLN C 8 20.10 13.67 40.01
C GLN C 8 20.40 14.34 38.67
N ASP C 9 21.56 15.02 38.56
CA ASP C 9 21.97 15.73 37.35
C ASP C 9 23.24 15.21 36.81
N ARG C 10 24.12 14.76 37.69
CA ARG C 10 25.34 14.16 37.21
C ARG C 10 25.02 12.71 36.81
N ILE C 11 23.99 12.15 37.44
CA ILE C 11 23.53 10.83 37.12
C ILE C 11 22.90 10.82 35.73
N VAL C 12 22.14 11.87 35.40
CA VAL C 12 21.41 11.91 34.14
C VAL C 12 22.34 12.18 32.97
N VAL C 13 23.12 13.24 33.12
CA VAL C 13 24.13 13.60 32.14
C VAL C 13 25.02 12.38 31.79
N THR C 14 25.13 11.46 32.75
CA THR C 14 25.89 10.22 32.58
C THR C 14 25.14 9.22 31.74
N ALA C 15 23.86 9.02 32.07
CA ALA C 15 23.05 8.04 31.36
C ALA C 15 23.06 8.40 29.90
N LEU C 16 22.57 9.59 29.59
CA LEU C 16 22.54 10.07 28.21
C LEU C 16 23.86 9.80 27.50
N GLY C 17 24.98 10.12 28.17
CA GLY C 17 26.32 9.83 27.65
C GLY C 17 26.44 8.45 27.04
N ILE C 18 26.08 7.44 27.82
CA ILE C 18 26.12 6.05 27.37
C ILE C 18 25.19 5.84 26.19
N LEU C 19 24.05 6.51 26.23
CA LEU C 19 22.94 6.21 25.34
C LEU C 19 23.23 6.63 23.92
N ASP C 20 23.78 7.83 23.73
CA ASP C 20 24.28 8.24 22.42
C ASP C 20 25.27 7.20 21.94
N ALA C 21 26.26 6.94 22.79
CA ALA C 21 27.39 6.11 22.47
C ALA C 21 26.98 4.72 21.95
N GLU C 22 26.03 4.09 22.64
CA GLU C 22 25.81 2.65 22.48
C GLU C 22 24.37 2.21 22.25
N GLY C 23 23.41 3.08 22.54
CA GLY C 23 22.00 2.80 22.26
C GLY C 23 21.20 2.32 23.46
N LEU C 24 19.88 2.19 23.26
CA LEU C 24 18.92 1.93 24.33
C LEU C 24 19.18 0.69 25.18
N ASP C 25 19.48 -0.43 24.55
CA ASP C 25 19.56 -1.69 25.29
C ASP C 25 20.83 -1.78 26.15
N ALA C 26 21.85 -1.02 25.81
CA ALA C 26 23.09 -1.01 26.59
C ALA C 26 22.88 -0.21 27.86
N LEU C 27 21.83 0.60 27.88
CA LEU C 27 21.47 1.30 29.10
C LEU C 27 20.73 0.36 30.07
N SER C 28 21.44 -0.04 31.13
CA SER C 28 20.81 -0.70 32.25
C SER C 28 21.26 -0.04 33.56
N MET C 29 20.54 -0.32 34.63
CA MET C 29 20.95 0.15 35.94
C MET C 29 22.39 -0.30 36.25
N ARG C 30 22.63 -1.61 36.32
CA ARG C 30 23.98 -2.13 36.58
C ARG C 30 25.09 -1.54 35.67
N ARG C 31 24.75 -1.31 34.41
CA ARG C 31 25.67 -0.67 33.47
C ARG C 31 26.02 0.73 33.99
N LEU C 32 24.98 1.52 34.24
CA LEU C 32 25.07 2.89 34.75
C LEU C 32 25.86 3.04 36.06
N ALA C 33 25.42 2.38 37.13
CA ALA C 33 26.17 2.33 38.38
C ALA C 33 27.65 1.96 38.21
N GLN C 34 27.95 1.23 37.14
CA GLN C 34 29.31 0.83 36.86
C GLN C 34 30.09 2.08 36.48
N GLU C 35 29.64 2.74 35.41
CA GLU C 35 30.32 3.91 34.88
C GLU C 35 30.66 4.89 35.99
N LEU C 36 29.70 5.17 36.87
CA LEU C 36 29.83 6.20 37.90
C LEU C 36 30.66 5.79 39.13
N LYS C 37 31.08 4.52 39.21
CA LYS C 37 31.95 4.02 40.31
C LYS C 37 31.28 3.89 41.69
N THR C 38 30.01 3.47 41.70
CA THR C 38 29.19 3.41 42.93
C THR C 38 28.35 2.15 43.08
N GLY C 39 27.65 2.05 44.20
CA GLY C 39 26.78 0.91 44.50
C GLY C 39 25.33 1.25 44.22
N HIS C 40 24.52 0.21 44.02
CA HIS C 40 23.10 0.36 43.68
C HIS C 40 22.33 1.30 44.60
N ALA C 41 22.76 1.37 45.85
CA ALA C 41 22.21 2.27 46.86
C ALA C 41 22.03 3.67 46.30
N SER C 42 23.17 4.33 46.07
CA SER C 42 23.23 5.71 45.57
C SER C 42 22.41 5.95 44.31
N LEU C 43 22.47 5.00 43.38
CA LEU C 43 21.71 5.11 42.15
C LEU C 43 20.21 5.06 42.47
N TYR C 44 19.72 3.94 43.02
CA TYR C 44 18.30 3.79 43.19
C TYR C 44 17.72 4.91 44.02
N ALA C 45 18.57 5.54 44.82
CA ALA C 45 18.11 6.69 45.58
C ALA C 45 17.60 7.88 44.70
N HIS C 46 18.44 8.42 43.83
CA HIS C 46 18.07 9.64 43.15
C HIS C 46 17.01 9.46 42.05
N VAL C 47 16.86 8.22 41.55
CA VAL C 47 16.22 8.00 40.25
C VAL C 47 15.37 6.73 40.05
N GLY C 48 15.61 5.67 40.81
CA GLY C 48 14.66 4.56 40.83
C GLY C 48 14.92 3.29 40.04
N ASN C 49 13.89 2.79 39.34
CA ASN C 49 14.07 1.72 38.39
C ASN C 49 14.36 2.32 37.00
N ARG C 50 14.23 1.52 35.93
CA ARG C 50 14.73 1.95 34.60
C ARG C 50 13.81 2.97 33.93
N ASP C 51 12.49 2.80 34.16
CA ASP C 51 11.45 3.68 33.63
C ASP C 51 11.68 5.12 34.01
N GLU C 52 11.51 5.40 35.30
CA GLU C 52 11.78 6.70 35.87
C GLU C 52 13.05 7.36 35.27
N LEU C 53 14.10 6.57 35.13
CA LEU C 53 15.37 7.07 34.63
C LEU C 53 15.24 7.59 33.21
N LEU C 54 14.55 6.86 32.34
CA LEU C 54 14.30 7.33 30.99
C LEU C 54 13.57 8.67 30.97
N ASP C 55 12.60 8.84 31.88
CA ASP C 55 11.84 10.12 31.96
C ASP C 55 12.75 11.27 32.28
N LEU C 56 13.65 11.06 33.24
CA LEU C 56 14.61 12.07 33.63
C LEU C 56 15.53 12.36 32.48
N VAL C 57 16.02 11.30 31.82
CA VAL C 57 16.83 11.46 30.61
C VAL C 57 16.08 12.31 29.59
N PHE C 58 14.84 11.94 29.31
CA PHE C 58 14.01 12.66 28.33
C PHE C 58 13.85 14.15 28.62
N ASP C 59 13.49 14.46 29.86
CA ASP C 59 13.28 15.84 30.26
C ASP C 59 14.53 16.75 30.09
N ILE C 60 15.71 16.26 30.44
CA ILE C 60 16.89 17.10 30.44
C ILE C 60 17.31 17.52 29.04
N VAL C 61 17.22 16.62 28.05
CA VAL C 61 17.66 16.97 26.70
C VAL C 61 16.75 18.01 26.10
N LEU C 62 15.52 18.11 26.61
CA LEU C 62 14.50 19.08 26.14
C LEU C 62 14.91 20.54 26.20
N THR C 63 15.88 20.85 27.06
CA THR C 63 16.37 22.22 27.21
C THR C 63 16.90 22.72 25.88
N GLU C 64 17.08 21.81 24.93
CA GLU C 64 17.74 22.13 23.69
C GLU C 64 16.82 22.80 22.70
N VAL C 65 15.53 22.45 22.77
CA VAL C 65 14.52 22.96 21.84
C VAL C 65 14.25 24.42 22.19
N GLU C 66 13.52 25.14 21.35
CA GLU C 66 13.22 26.54 21.64
C GLU C 66 11.87 26.92 21.12
N VAL C 67 11.01 27.38 22.03
CA VAL C 67 9.71 27.90 21.63
C VAL C 67 9.75 29.42 21.70
N PRO C 68 9.89 30.09 20.53
CA PRO C 68 10.10 31.55 20.53
C PRO C 68 8.86 32.28 20.99
N GLU C 69 9.08 33.48 21.54
CA GLU C 69 7.99 34.35 21.99
C GLU C 69 7.20 34.86 20.76
N PRO C 70 5.85 34.91 20.84
CA PRO C 70 5.02 35.30 19.67
C PRO C 70 5.39 36.66 19.04
N GLU C 71 5.37 36.76 17.72
CA GLU C 71 5.80 37.99 17.05
C GLU C 71 4.90 38.50 15.93
N PRO C 72 4.73 39.84 15.83
CA PRO C 72 4.02 40.54 14.77
C PRO C 72 4.22 39.93 13.38
N GLY C 73 3.27 39.09 12.97
CA GLY C 73 3.24 38.53 11.59
C GLY C 73 4.43 37.67 11.18
N ARG C 74 4.72 36.62 11.96
CA ARG C 74 5.81 35.68 11.69
C ARG C 74 5.26 34.29 12.01
N TRP C 75 4.01 34.25 12.44
CA TRP C 75 3.38 33.04 12.92
C TRP C 75 3.84 31.77 12.18
N ALA C 76 3.46 31.58 10.91
CA ALA C 76 3.75 30.33 10.20
C ALA C 76 5.20 29.91 10.35
N GLU C 77 6.12 30.86 10.16
CA GLU C 77 7.56 30.60 10.33
C GLU C 77 7.91 30.27 11.77
N GLN C 78 7.35 31.01 12.72
CA GLN C 78 7.55 30.75 14.15
C GLN C 78 7.09 29.38 14.56
N VAL C 79 6.11 28.80 13.86
CA VAL C 79 5.72 27.43 14.11
C VAL C 79 6.72 26.45 13.50
N LYS C 80 7.10 26.65 12.23
CA LYS C 80 8.20 25.88 11.58
C LYS C 80 9.52 25.87 12.36
N GLU C 81 10.01 27.06 12.75
CA GLU C 81 11.18 27.18 13.64
C GLU C 81 11.06 26.19 14.81
N MET C 82 10.02 26.38 15.60
CA MET C 82 9.71 25.54 16.74
C MET C 82 9.82 24.02 16.47
N CYS C 83 9.22 23.58 15.37
CA CYS C 83 9.24 22.20 15.01
C CYS C 83 10.65 21.80 14.56
N ARG C 84 11.19 22.53 13.57
CA ARG C 84 12.52 22.22 13.03
C ARG C 84 13.55 22.16 14.12
N SER C 85 13.29 22.88 15.21
CA SER C 85 14.16 22.90 16.38
C SER C 85 14.07 21.54 17.07
N LEU C 86 12.83 21.14 17.37
CA LEU C 86 12.56 19.86 18.04
C LEU C 86 13.18 18.69 17.26
N ARG C 87 13.04 18.69 15.95
CA ARG C 87 13.65 17.67 15.12
C ARG C 87 15.16 17.59 15.24
N ARG C 88 15.81 18.75 15.29
CA ARG C 88 17.26 18.83 15.36
C ARG C 88 17.72 18.11 16.62
N MET C 89 16.96 18.31 17.69
CA MET C 89 17.13 17.55 18.91
C MET C 89 17.13 16.02 18.67
N PHE C 90 16.06 15.46 18.12
CA PHE C 90 15.96 14.01 17.94
C PHE C 90 17.11 13.43 17.11
N LEU C 91 17.65 14.23 16.18
CA LEU C 91 18.74 13.77 15.29
C LEU C 91 20.05 13.49 16.05
N ALA C 92 20.49 14.44 16.88
CA ALA C 92 21.69 14.24 17.71
C ALA C 92 21.65 12.96 18.56
N HIS C 93 20.49 12.61 19.10
CA HIS C 93 20.44 11.63 20.17
C HIS C 93 19.76 10.33 19.78
N ARG C 94 20.58 9.29 19.59
CA ARG C 94 20.13 7.90 19.29
C ARG C 94 18.90 7.39 20.12
N ASP C 95 17.97 6.69 19.46
CA ASP C 95 16.87 6.02 20.13
C ASP C 95 15.92 6.92 20.98
N LEU C 96 16.08 8.23 20.92
CA LEU C 96 15.29 9.08 21.80
C LEU C 96 13.83 9.07 21.43
N ALA C 97 13.56 8.90 20.16
CA ALA C 97 12.19 8.86 19.67
C ALA C 97 11.48 7.59 20.14
N ARG C 98 12.15 6.43 20.00
CA ARG C 98 11.69 5.14 20.56
C ARG C 98 11.15 5.28 21.98
N ILE C 99 11.89 6.02 22.80
CA ILE C 99 11.47 6.41 24.15
C ILE C 99 10.12 7.14 24.11
N ALA C 100 10.08 8.17 23.26
CA ALA C 100 8.96 9.12 23.23
C ALA C 100 7.58 8.49 22.98
N ILE C 101 7.55 7.45 22.15
CA ILE C 101 6.29 6.78 21.75
C ILE C 101 5.41 6.28 22.89
N ASP C 102 6.01 5.68 23.92
CA ASP C 102 5.24 5.22 25.09
C ASP C 102 5.50 6.01 26.40
N ARG C 103 5.74 7.32 26.29
CA ARG C 103 6.04 8.13 27.50
C ARG C 103 5.35 9.51 27.55
N VAL C 104 5.01 9.90 28.77
CA VAL C 104 4.28 11.15 29.09
C VAL C 104 5.15 12.37 28.85
N PRO C 105 4.61 13.43 28.16
CA PRO C 105 5.43 14.63 27.88
C PRO C 105 5.51 15.53 29.13
N LEU C 106 5.84 14.93 30.27
CA LEU C 106 5.85 15.61 31.56
C LEU C 106 7.24 16.00 32.07
N GLY C 107 7.27 16.84 33.11
CA GLY C 107 8.55 17.26 33.65
C GLY C 107 8.83 18.73 33.53
N PRO C 108 9.64 19.24 34.46
CA PRO C 108 10.00 20.64 34.51
C PRO C 108 10.06 21.23 33.10
N ASN C 109 11.04 20.80 32.31
CA ASN C 109 11.15 21.17 30.90
C ASN C 109 9.91 20.80 30.11
N GLY C 110 9.29 19.69 30.48
CA GLY C 110 8.07 19.21 29.85
C GLY C 110 6.93 20.21 29.84
N MET C 111 6.55 20.74 31.01
CA MET C 111 5.46 21.74 31.04
C MET C 111 5.86 23.21 30.94
N VAL C 112 7.12 23.55 31.18
CA VAL C 112 7.55 24.87 30.75
C VAL C 112 7.46 24.92 29.24
N GLY C 113 7.46 23.75 28.63
CA GLY C 113 7.42 23.64 27.18
C GLY C 113 6.05 23.69 26.53
N MET C 114 5.10 22.94 27.07
CA MET C 114 3.68 23.00 26.65
C MET C 114 3.18 24.44 26.76
N GLU C 115 3.49 25.08 27.89
CA GLU C 115 2.98 26.42 28.16
C GLU C 115 3.27 27.37 26.99
N ARG C 116 4.53 27.41 26.58
CA ARG C 116 5.00 28.25 25.50
C ARG C 116 4.50 27.75 24.14
N THR C 117 4.28 26.44 23.99
CA THR C 117 3.58 25.91 22.79
C THR C 117 2.13 26.38 22.67
N MET C 118 1.37 26.25 23.75
CA MET C 118 0.02 26.80 23.75
C MET C 118 -0.05 28.32 23.51
N ASN C 119 0.85 29.08 24.12
CA ASN C 119 0.87 30.52 23.93
C ASN C 119 0.89 30.92 22.46
N LEU C 120 1.98 30.53 21.78
CA LEU C 120 2.20 30.73 20.33
C LEU C 120 1.05 30.34 19.41
N LEU C 121 0.43 29.18 19.65
CA LEU C 121 -0.70 28.72 18.83
C LEU C 121 -1.95 29.58 19.02
N ARG C 122 -2.36 29.73 20.28
CA ARG C 122 -3.51 30.56 20.64
C ARG C 122 -3.26 31.94 20.09
N SER C 123 -1.98 32.26 19.97
CA SER C 123 -1.51 33.51 19.36
C SER C 123 -1.80 33.61 17.83
N GLY C 124 -2.21 32.51 17.22
CA GLY C 124 -2.55 32.52 15.81
C GLY C 124 -4.02 32.76 15.58
N GLY C 125 -4.70 33.36 16.56
CA GLY C 125 -6.15 33.52 16.48
C GLY C 125 -6.77 32.16 16.29
N LEU C 126 -6.28 31.20 17.08
CA LEU C 126 -6.77 29.82 17.10
C LEU C 126 -7.56 29.54 18.37
N HIS C 127 -8.72 28.90 18.21
CA HIS C 127 -9.59 28.63 19.34
C HIS C 127 -9.10 27.47 20.19
N ASP C 128 -9.87 27.16 21.24
CA ASP C 128 -9.43 26.24 22.29
C ASP C 128 -9.15 24.81 21.82
N GLU C 129 -10.22 24.06 21.54
CA GLU C 129 -10.05 22.69 21.08
C GLU C 129 -8.98 22.53 19.99
N LEU C 130 -8.95 23.47 19.04
CA LEU C 130 -7.94 23.43 17.96
C LEU C 130 -6.49 23.72 18.37
N ALA C 131 -6.25 24.72 19.23
CA ALA C 131 -4.88 24.94 19.75
C ALA C 131 -4.38 23.80 20.67
N ALA C 132 -5.29 23.23 21.48
CA ALA C 132 -5.01 22.05 22.34
C ALA C 132 -4.52 20.87 21.51
N TYR C 133 -5.45 20.22 20.82
CA TYR C 133 -5.13 19.16 19.86
C TYR C 133 -3.93 19.46 18.89
N GLY C 134 -3.94 20.63 18.26
CA GLY C 134 -2.93 21.01 17.27
C GLY C 134 -1.50 20.69 17.66
N GLY C 135 -1.09 21.17 18.83
CA GLY C 135 0.22 20.83 19.41
C GLY C 135 0.46 19.33 19.46
N ASP C 136 -0.50 18.57 20.01
CA ASP C 136 -0.46 17.11 20.00
C ASP C 136 -0.02 16.61 18.62
N LEU C 137 -0.82 16.93 17.61
CA LEU C 137 -0.60 16.51 16.23
C LEU C 137 0.80 16.87 15.68
N LEU C 138 1.25 18.09 15.95
CA LEU C 138 2.57 18.51 15.49
C LEU C 138 3.66 17.64 16.13
N SER C 139 3.64 17.54 17.45
CA SER C 139 4.65 16.78 18.18
C SER C 139 4.57 15.31 17.80
N THR C 140 3.34 14.82 17.62
CA THR C 140 3.09 13.51 17.04
C THR C 140 3.76 13.48 15.65
N PHE C 141 3.35 14.36 14.76
CA PHE C 141 3.95 14.43 13.45
C PHE C 141 5.50 14.39 13.44
N VAL C 142 6.16 15.27 14.22
CA VAL C 142 7.63 15.38 14.21
C VAL C 142 8.35 14.15 14.79
N THR C 143 7.78 13.53 15.83
CA THR C 143 8.31 12.26 16.35
C THR C 143 8.36 11.26 15.19
N ALA C 144 7.18 10.82 14.74
CA ALA C 144 7.07 9.82 13.68
C ALA C 144 8.16 10.00 12.67
N GLU C 145 8.25 11.20 12.14
CA GLU C 145 9.25 11.50 11.18
C GLU C 145 10.63 11.11 11.70
N ALA C 146 10.90 11.46 12.95
CA ALA C 146 12.23 11.28 13.53
C ALA C 146 12.60 9.79 13.59
N LEU C 147 11.60 8.95 13.92
CA LEU C 147 11.74 7.50 13.78
C LEU C 147 12.08 7.08 12.35
N GLU C 148 11.27 7.54 11.40
CA GLU C 148 11.45 7.28 9.97
C GLU C 148 12.88 7.47 9.57
N GLN C 149 13.43 8.60 10.02
CA GLN C 149 14.80 8.95 9.68
C GLN C 149 15.77 8.08 10.48
N SER C 150 15.50 7.96 11.79
CA SER C 150 16.29 7.16 12.74
C SER C 150 16.88 5.90 12.08
N SER C 151 16.02 5.17 11.35
CA SER C 151 16.41 3.94 10.68
C SER C 151 16.72 4.13 9.19
N ARG C 152 17.48 5.18 8.85
CA ARG C 152 17.92 5.35 7.46
C ARG C 152 19.42 5.52 7.34
N GLN C 158 29.75 3.28 6.97
CA GLN C 158 28.98 3.33 5.74
C GLN C 158 27.82 4.33 5.85
N GLY C 159 26.82 4.00 6.67
CA GLY C 159 25.57 4.78 6.81
C GLY C 159 24.43 4.36 5.88
N ARG C 160 24.14 5.21 4.90
CA ARG C 160 23.02 5.05 3.98
C ARG C 160 23.33 4.15 2.75
N GLU C 161 24.04 3.04 2.95
CA GLU C 161 24.30 2.06 1.87
C GLU C 161 23.28 0.94 1.83
N GLN C 162 22.96 0.40 3.02
CA GLN C 162 21.91 -0.61 3.19
C GLN C 162 20.58 -0.04 2.76
N ALA C 163 20.24 1.13 3.31
CA ALA C 163 19.06 1.92 2.89
C ALA C 163 19.19 2.38 1.43
N GLY C 164 20.40 2.79 1.04
CA GLY C 164 20.67 3.24 -0.33
C GLY C 164 20.16 2.28 -1.38
N VAL C 165 20.69 1.07 -1.36
CA VAL C 165 20.33 0.05 -2.35
C VAL C 165 18.88 -0.46 -2.20
N PHE C 166 18.44 -0.66 -0.95
CA PHE C 166 17.06 -1.10 -0.70
C PHE C 166 16.10 -0.16 -1.39
N ALA C 167 16.25 1.12 -1.09
CA ALA C 167 15.47 2.13 -1.77
C ALA C 167 15.56 1.93 -3.27
N ASP C 168 16.78 1.74 -3.78
CA ASP C 168 16.92 1.70 -5.22
C ASP C 168 16.31 0.44 -5.82
N GLN C 169 16.42 -0.68 -5.12
CA GLN C 169 15.82 -1.91 -5.61
C GLN C 169 14.30 -1.85 -5.52
N LEU C 170 13.79 -1.09 -4.55
CA LEU C 170 12.37 -0.76 -4.49
C LEU C 170 11.95 0.14 -5.63
N HIS C 171 12.80 1.10 -5.94
CA HIS C 171 12.56 2.02 -7.03
C HIS C 171 12.66 1.29 -8.37
N GLY C 172 13.35 0.17 -8.39
CA GLY C 172 13.51 -0.60 -9.62
C GLY C 172 12.31 -1.46 -9.93
N TYR C 173 11.81 -2.13 -8.90
CA TYR C 173 10.65 -3.01 -9.01
C TYR C 173 9.40 -2.24 -9.43
N LEU C 174 9.27 -1.02 -8.91
CA LEU C 174 8.11 -0.20 -9.18
C LEU C 174 8.00 0.15 -10.66
N LYS C 175 9.06 0.75 -11.20
CA LYS C 175 9.08 1.17 -12.62
C LYS C 175 8.94 -0.02 -13.58
N SER C 176 9.52 -1.17 -13.23
CA SER C 176 9.42 -2.38 -14.04
C SER C 176 8.13 -3.15 -13.81
N LEU C 177 7.21 -2.58 -13.03
CA LEU C 177 5.88 -3.14 -12.82
C LEU C 177 5.10 -2.89 -14.13
N PRO C 178 4.06 -3.70 -14.44
CA PRO C 178 3.37 -3.48 -15.72
C PRO C 178 2.54 -2.20 -15.74
N ALA C 179 2.56 -1.48 -16.86
CA ALA C 179 1.99 -0.15 -16.94
C ALA C 179 0.46 -0.13 -17.04
N THR C 180 -0.07 -1.13 -17.75
CA THR C 180 -1.50 -1.20 -17.98
C THR C 180 -2.28 -1.45 -16.68
N SER C 181 -1.72 -2.27 -15.78
CA SER C 181 -2.37 -2.58 -14.51
C SER C 181 -1.95 -1.64 -13.38
N PHE C 182 -0.82 -0.94 -13.55
CA PHE C 182 -0.23 -0.10 -12.50
C PHE C 182 0.21 1.28 -13.01
N PRO C 183 -0.69 2.05 -13.62
CA PRO C 183 -0.22 3.31 -14.19
C PRO C 183 0.45 4.26 -13.16
N ASN C 184 -0.22 4.45 -12.01
CA ASN C 184 0.19 5.43 -10.97
C ASN C 184 1.56 5.18 -10.31
N LEU C 185 1.79 3.92 -9.92
CA LEU C 185 3.01 3.49 -9.23
C LEU C 185 4.21 3.53 -10.17
N VAL C 186 3.96 3.23 -11.44
CA VAL C 186 4.95 3.37 -12.50
C VAL C 186 5.29 4.86 -12.60
N HIS C 187 4.26 5.69 -12.52
CA HIS C 187 4.40 7.13 -12.62
C HIS C 187 5.07 7.76 -11.39
N LEU C 188 4.97 7.08 -10.25
CA LEU C 188 5.36 7.65 -8.98
C LEU C 188 6.47 6.89 -8.21
N ALA C 189 7.26 6.12 -8.93
CA ALA C 189 8.36 5.38 -8.32
C ALA C 189 9.37 6.25 -7.57
N GLY C 190 9.56 7.49 -8.04
CA GLY C 190 10.47 8.44 -7.39
C GLY C 190 9.97 8.94 -6.04
N PRO C 191 9.00 9.86 -6.06
CA PRO C 191 8.26 10.39 -4.91
C PRO C 191 7.84 9.40 -3.79
N ILE C 192 7.83 8.09 -4.05
CA ILE C 192 7.61 7.11 -2.99
C ILE C 192 8.94 6.71 -2.34
N THR C 193 9.87 6.24 -3.17
CA THR C 193 11.20 5.82 -2.71
C THR C 193 12.15 6.96 -2.34
N SER C 194 11.81 8.21 -2.69
CA SER C 194 12.67 9.35 -2.37
C SER C 194 13.12 9.24 -0.94
N LEU C 195 14.43 9.23 -0.75
CA LEU C 195 15.04 9.16 0.57
C LEU C 195 15.61 10.49 0.96
N ASP C 196 14.82 11.50 0.65
CA ASP C 196 15.11 12.90 0.94
C ASP C 196 14.19 13.35 2.08
N SER C 197 14.63 13.08 3.30
CA SER C 197 13.82 13.36 4.47
C SER C 197 13.61 14.85 4.74
N ASP C 198 14.64 15.64 4.49
CA ASP C 198 14.57 17.10 4.66
C ASP C 198 13.36 17.73 4.00
N ARG C 199 13.15 17.42 2.72
CA ARG C 199 12.08 18.04 1.91
C ARG C 199 10.70 17.47 2.22
N ARG C 200 10.66 16.16 2.51
CA ARG C 200 9.43 15.49 2.91
C ARG C 200 8.95 16.07 4.22
N PHE C 201 9.92 16.57 5.00
CA PHE C 201 9.64 17.12 6.32
C PHE C 201 9.02 18.50 6.19
N GLU C 202 9.65 19.36 5.40
CA GLU C 202 9.11 20.70 5.11
C GLU C 202 7.73 20.58 4.51
N LEU C 203 7.46 19.50 3.79
CA LEU C 203 6.13 19.27 3.22
C LEU C 203 5.10 19.01 4.29
N GLY C 204 5.33 17.97 5.08
CA GLY C 204 4.41 17.63 6.17
C GLY C 204 4.05 18.86 6.98
N LEU C 205 4.98 19.81 7.06
CA LEU C 205 4.74 21.06 7.81
C LEU C 205 3.82 22.04 7.06
N GLU C 206 4.28 22.52 5.90
CA GLU C 206 3.41 23.28 5.01
C GLU C 206 1.97 22.79 5.14
N ILE C 207 1.78 21.48 5.12
CA ILE C 207 0.44 20.88 5.06
C ILE C 207 -0.38 21.04 6.34
N ILE C 208 0.13 20.49 7.45
CA ILE C 208 -0.51 20.60 8.74
C ILE C 208 -0.81 22.07 9.00
N ILE C 209 0.20 22.91 8.83
CA ILE C 209 0.07 24.34 9.17
C ILE C 209 -1.05 25.05 8.41
N ALA C 210 -1.12 24.81 7.09
CA ALA C 210 -2.22 25.34 6.29
C ALA C 210 -3.53 24.65 6.73
N GLY C 211 -3.46 23.37 7.11
CA GLY C 211 -4.63 22.66 7.65
C GLY C 211 -5.16 23.33 8.93
N LEU C 212 -4.23 23.89 9.69
CA LEU C 212 -4.55 24.64 10.88
C LEU C 212 -5.15 26.00 10.55
N LEU C 213 -4.38 26.87 9.88
CA LEU C 213 -4.88 28.18 9.38
C LEU C 213 -6.25 28.09 8.71
N ALA C 214 -6.39 27.11 7.82
CA ALA C 214 -7.67 26.80 7.21
C ALA C 214 -8.66 26.36 8.29
N GLY C 215 -8.28 25.34 9.07
CA GLY C 215 -9.07 24.91 10.22
C GLY C 215 -9.46 26.17 10.98
N ALA C 216 -8.44 26.97 11.32
CA ALA C 216 -8.59 28.15 12.18
C ALA C 216 -9.79 29.03 11.91
N GLY C 217 -9.60 29.98 10.98
CA GLY C 217 -10.62 30.99 10.65
C GLY C 217 -11.77 30.41 9.84
N GLU C 218 -12.40 29.38 10.39
CA GLU C 218 -13.58 28.77 9.75
C GLU C 218 -14.82 29.63 9.92
N ALA C 219 -14.95 30.25 11.11
CA ALA C 219 -15.97 31.26 11.35
C ALA C 219 -16.07 32.20 10.12
N ALA C 220 -16.97 31.89 9.19
CA ALA C 220 -17.12 32.68 7.98
C ALA C 220 -18.55 33.18 7.82
N ALA D 4 -5.22 -32.88 6.83
CA ALA D 4 -5.20 -31.41 7.15
C ALA D 4 -4.05 -30.58 6.47
N PRO D 5 -3.96 -30.57 5.11
CA PRO D 5 -2.87 -29.91 4.34
C PRO D 5 -2.45 -28.54 4.84
N LEU D 6 -1.23 -28.44 5.38
CA LEU D 6 -0.72 -27.19 5.93
C LEU D 6 -0.27 -26.21 4.85
N THR D 7 -0.66 -24.95 4.98
CA THR D 7 -0.26 -23.88 4.06
C THR D 7 -0.04 -22.54 4.74
N GLN D 8 0.74 -21.67 4.11
CA GLN D 8 1.07 -20.38 4.71
C GLN D 8 -0.19 -19.62 5.16
N ASP D 9 -1.21 -19.63 4.31
CA ASP D 9 -2.51 -19.05 4.67
C ASP D 9 -3.11 -19.69 5.94
N ARG D 10 -2.96 -21.00 6.07
CA ARG D 10 -3.42 -21.67 7.28
C ARG D 10 -2.50 -21.32 8.45
N ILE D 11 -1.21 -21.13 8.16
CA ILE D 11 -0.22 -20.80 9.18
C ILE D 11 -0.61 -19.47 9.82
N VAL D 12 -0.78 -18.46 8.98
CA VAL D 12 -1.07 -17.10 9.44
C VAL D 12 -2.49 -16.89 9.99
N VAL D 13 -3.42 -17.77 9.65
CA VAL D 13 -4.74 -17.70 10.29
C VAL D 13 -4.67 -18.20 11.74
N THR D 14 -3.72 -19.09 12.02
CA THR D 14 -3.50 -19.52 13.40
C THR D 14 -2.66 -18.50 14.17
N ALA D 15 -1.63 -17.95 13.54
CA ALA D 15 -0.79 -16.92 14.18
C ALA D 15 -1.56 -15.65 14.49
N LEU D 16 -2.53 -15.31 13.63
CA LEU D 16 -3.44 -14.22 13.91
C LEU D 16 -4.56 -14.64 14.87
N GLY D 17 -4.93 -15.91 14.86
CA GLY D 17 -5.94 -16.41 15.78
C GLY D 17 -5.49 -16.39 17.24
N ILE D 18 -4.17 -16.48 17.45
CA ILE D 18 -3.65 -16.50 18.81
C ILE D 18 -3.27 -15.09 19.19
N LEU D 19 -2.99 -14.27 18.18
CA LEU D 19 -2.62 -12.88 18.38
C LEU D 19 -3.78 -12.05 18.90
N ASP D 20 -4.97 -12.28 18.33
CA ASP D 20 -6.24 -11.72 18.82
C ASP D 20 -6.61 -12.25 20.21
N ALA D 21 -6.48 -13.56 20.38
CA ALA D 21 -6.96 -14.27 21.56
C ALA D 21 -6.04 -14.29 22.80
N GLU D 22 -4.75 -14.01 22.62
CA GLU D 22 -3.78 -14.07 23.74
C GLU D 22 -2.81 -12.87 23.86
N GLY D 23 -2.32 -12.38 22.72
CA GLY D 23 -1.56 -11.12 22.69
C GLY D 23 -0.22 -11.22 22.00
N LEU D 24 0.11 -10.23 21.15
CA LEU D 24 1.39 -10.21 20.43
C LEU D 24 2.53 -10.77 21.25
N ASP D 25 2.77 -10.20 22.43
CA ASP D 25 3.96 -10.53 23.19
C ASP D 25 4.19 -12.00 23.45
N ALA D 26 3.12 -12.78 23.37
CA ALA D 26 3.16 -14.23 23.54
C ALA D 26 3.33 -15.03 22.22
N LEU D 27 3.35 -14.36 21.07
CA LEU D 27 3.51 -15.06 19.79
C LEU D 27 4.96 -15.40 19.50
N SER D 28 5.41 -16.52 20.06
CA SER D 28 6.72 -17.08 19.77
C SER D 28 6.59 -17.97 18.56
N MET D 29 7.70 -18.29 17.92
CA MET D 29 7.66 -19.34 16.92
C MET D 29 7.26 -20.63 17.64
N ARG D 30 7.88 -20.85 18.79
CA ARG D 30 7.59 -22.01 19.62
C ARG D 30 6.08 -22.33 19.69
N ARG D 31 5.33 -21.46 20.37
CA ARG D 31 3.86 -21.58 20.51
C ARG D 31 3.19 -21.98 19.20
N LEU D 32 3.29 -21.10 18.21
CA LEU D 32 2.64 -21.31 16.92
C LEU D 32 2.83 -22.75 16.45
N ALA D 33 4.06 -23.25 16.52
CA ALA D 33 4.39 -24.58 16.04
C ALA D 33 3.59 -25.70 16.73
N GLN D 34 3.50 -25.61 18.05
CA GLN D 34 2.67 -26.51 18.87
C GLN D 34 1.25 -26.60 18.33
N GLU D 35 0.64 -25.43 18.17
CA GLU D 35 -0.75 -25.28 17.72
C GLU D 35 -1.07 -26.04 16.45
N LEU D 36 -0.21 -25.90 15.45
CA LEU D 36 -0.43 -26.58 14.18
C LEU D 36 0.10 -28.02 14.20
N LYS D 37 0.57 -28.45 15.38
CA LYS D 37 1.14 -29.79 15.60
C LYS D 37 2.28 -30.12 14.63
N THR D 38 3.21 -29.20 14.45
CA THR D 38 4.19 -29.29 13.36
C THR D 38 5.54 -28.68 13.71
N GLY D 39 6.63 -29.33 13.26
CA GLY D 39 8.00 -28.90 13.54
C GLY D 39 8.44 -27.56 12.97
N HIS D 40 9.62 -27.10 13.39
CA HIS D 40 10.21 -25.89 12.88
C HIS D 40 10.48 -26.06 11.40
N ALA D 41 10.81 -27.29 11.00
CA ALA D 41 10.97 -27.64 9.59
C ALA D 41 9.87 -27.01 8.71
N SER D 42 8.66 -27.56 8.82
CA SER D 42 7.53 -27.25 7.94
C SER D 42 7.00 -25.83 8.11
N LEU D 43 7.26 -25.26 9.28
CA LEU D 43 6.83 -23.91 9.60
C LEU D 43 7.79 -22.86 9.04
N TYR D 44 9.09 -23.10 9.17
CA TYR D 44 10.07 -22.19 8.60
C TYR D 44 10.09 -22.33 7.09
N ALA D 45 9.56 -23.43 6.56
CA ALA D 45 9.51 -23.65 5.13
C ALA D 45 8.69 -22.57 4.40
N HIS D 46 7.51 -22.25 4.90
CA HIS D 46 6.84 -21.02 4.43
C HIS D 46 7.16 -19.97 5.48
N VAL D 47 6.69 -18.73 5.31
CA VAL D 47 6.84 -17.67 6.34
C VAL D 47 8.27 -17.27 6.85
N GLY D 48 9.22 -18.19 6.77
CA GLY D 48 10.57 -17.89 7.21
C GLY D 48 10.56 -17.77 8.70
N ASN D 49 10.97 -16.60 9.21
CA ASN D 49 11.10 -16.37 10.66
C ASN D 49 10.03 -15.46 11.26
N ARG D 50 10.04 -15.35 12.60
CA ARG D 50 9.09 -14.51 13.36
C ARG D 50 8.80 -13.15 12.73
N ASP D 51 9.84 -12.52 12.18
CA ASP D 51 9.68 -11.20 11.61
C ASP D 51 9.08 -11.17 10.20
N GLU D 52 9.60 -11.98 9.29
CA GLU D 52 9.00 -12.09 7.97
C GLU D 52 7.56 -12.62 8.00
N LEU D 53 7.22 -13.32 9.07
CA LEU D 53 5.88 -13.85 9.26
C LEU D 53 4.90 -12.72 9.55
N LEU D 54 5.36 -11.72 10.30
CA LEU D 54 4.52 -10.61 10.70
C LEU D 54 4.06 -9.86 9.48
N ASP D 55 5.01 -9.54 8.59
CA ASP D 55 4.71 -8.93 7.31
C ASP D 55 3.49 -9.58 6.63
N LEU D 56 3.47 -10.90 6.53
CA LEU D 56 2.30 -11.62 5.96
C LEU D 56 1.01 -11.47 6.80
N VAL D 57 1.15 -11.50 8.12
CA VAL D 57 0.00 -11.30 8.99
C VAL D 57 -0.60 -9.93 8.69
N PHE D 58 0.26 -8.92 8.66
CA PHE D 58 -0.17 -7.57 8.37
C PHE D 58 -0.79 -7.56 6.99
N ASP D 59 -0.10 -8.21 6.04
CA ASP D 59 -0.56 -8.15 4.66
C ASP D 59 -1.86 -8.93 4.42
N ILE D 60 -2.16 -9.91 5.27
CA ILE D 60 -3.39 -10.65 5.11
C ILE D 60 -4.58 -9.83 5.58
N VAL D 61 -4.39 -9.07 6.67
CA VAL D 61 -5.48 -8.32 7.28
C VAL D 61 -5.90 -7.06 6.53
N LEU D 62 -4.92 -6.42 5.87
CA LEU D 62 -5.13 -5.25 5.00
C LEU D 62 -6.21 -5.51 3.96
N THR D 63 -6.69 -6.75 3.88
CA THR D 63 -7.81 -7.10 3.00
C THR D 63 -9.10 -6.45 3.47
N GLU D 64 -9.12 -6.05 4.74
CA GLU D 64 -10.32 -5.50 5.33
C GLU D 64 -10.54 -4.07 4.95
N VAL D 65 -9.58 -3.49 4.25
CA VAL D 65 -9.65 -2.08 3.86
C VAL D 65 -10.20 -1.90 2.43
N GLU D 66 -11.09 -0.92 2.26
CA GLU D 66 -11.85 -0.81 1.01
C GLU D 66 -11.75 0.58 0.42
N VAL D 67 -10.71 0.83 -0.39
CA VAL D 67 -10.51 2.10 -1.08
C VAL D 67 -11.46 2.17 -2.26
N PRO D 68 -12.40 3.14 -2.28
CA PRO D 68 -13.52 3.12 -3.23
C PRO D 68 -13.21 3.80 -4.58
N GLU D 69 -14.03 3.49 -5.60
CA GLU D 69 -13.85 4.04 -6.94
C GLU D 69 -14.26 5.50 -6.93
N PRO D 70 -13.38 6.39 -7.46
CA PRO D 70 -13.51 7.86 -7.41
C PRO D 70 -14.80 8.37 -8.06
N GLU D 71 -15.52 9.27 -7.38
CA GLU D 71 -16.81 9.77 -7.86
C GLU D 71 -16.97 11.28 -7.86
N PRO D 72 -17.49 11.85 -8.98
CA PRO D 72 -17.85 13.26 -9.12
C PRO D 72 -18.25 14.00 -7.81
N GLY D 73 -17.55 15.11 -7.51
CA GLY D 73 -17.89 16.00 -6.39
C GLY D 73 -17.49 15.60 -4.97
N ARG D 74 -17.35 14.29 -4.71
CA ARG D 74 -17.27 13.74 -3.36
C ARG D 74 -15.85 13.42 -2.86
N TRP D 75 -14.85 13.80 -3.65
CA TRP D 75 -13.45 13.57 -3.33
C TRP D 75 -13.13 13.56 -1.84
N ALA D 76 -13.20 14.71 -1.19
CA ALA D 76 -12.86 14.79 0.23
C ALA D 76 -13.61 13.77 1.08
N GLU D 77 -14.88 13.51 0.75
CA GLU D 77 -15.68 12.55 1.48
C GLU D 77 -15.09 11.14 1.34
N GLN D 78 -14.91 10.70 0.10
CA GLN D 78 -14.35 9.37 -0.20
C GLN D 78 -13.03 9.06 0.54
N VAL D 79 -12.14 10.04 0.62
CA VAL D 79 -10.90 9.87 1.36
C VAL D 79 -11.14 9.41 2.82
N LYS D 80 -12.02 10.11 3.54
CA LYS D 80 -12.34 9.80 4.95
C LYS D 80 -12.86 8.38 5.16
N GLU D 81 -13.76 7.92 4.29
CA GLU D 81 -14.28 6.56 4.36
C GLU D 81 -13.11 5.55 4.33
N MET D 82 -12.16 5.79 3.43
CA MET D 82 -10.92 5.02 3.35
C MET D 82 -10.15 5.09 4.68
N CYS D 83 -9.97 6.32 5.19
CA CYS D 83 -9.29 6.53 6.45
C CYS D 83 -9.97 5.81 7.64
N ARG D 84 -11.31 5.85 7.70
CA ARG D 84 -12.05 5.18 8.79
C ARG D 84 -11.98 3.66 8.72
N SER D 85 -12.05 3.13 7.52
CA SER D 85 -11.92 1.68 7.36
C SER D 85 -10.56 1.15 7.83
N LEU D 86 -9.48 1.89 7.56
CA LEU D 86 -8.20 1.49 8.09
C LEU D 86 -8.34 1.41 9.61
N ARG D 87 -8.82 2.49 10.20
CA ARG D 87 -8.92 2.61 11.66
C ARG D 87 -9.78 1.52 12.27
N ARG D 88 -10.78 1.02 11.56
CA ARG D 88 -11.53 -0.09 12.13
C ARG D 88 -10.72 -1.39 12.11
N MET D 89 -9.93 -1.56 11.07
CA MET D 89 -9.05 -2.72 10.96
C MET D 89 -8.18 -2.81 12.21
N PHE D 90 -7.57 -1.70 12.59
CA PHE D 90 -6.70 -1.63 13.77
C PHE D 90 -7.49 -1.86 15.05
N LEU D 91 -8.77 -1.45 15.03
CA LEU D 91 -9.68 -1.56 16.17
C LEU D 91 -10.10 -2.98 16.43
N ALA D 92 -10.22 -3.77 15.38
CA ALA D 92 -10.73 -5.15 15.50
C ALA D 92 -9.70 -6.26 15.79
N HIS D 93 -8.42 -5.92 15.84
CA HIS D 93 -7.32 -6.85 16.20
C HIS D 93 -6.30 -6.18 17.16
N ARG D 94 -5.97 -6.81 18.29
CA ARG D 94 -5.08 -6.14 19.25
C ARG D 94 -3.63 -6.04 18.77
N ASP D 95 -2.87 -5.10 19.33
CA ASP D 95 -1.43 -4.93 19.00
C ASP D 95 -1.03 -4.73 17.52
N LEU D 96 -2.00 -4.79 16.61
CA LEU D 96 -1.69 -4.73 15.20
C LEU D 96 -0.97 -3.45 14.78
N ALA D 97 -1.22 -2.36 15.49
CA ALA D 97 -0.49 -1.12 15.23
C ALA D 97 0.96 -1.27 15.61
N ARG D 98 1.21 -1.92 16.74
CA ARG D 98 2.57 -2.03 17.29
C ARG D 98 3.48 -2.54 16.16
N ILE D 99 3.15 -3.73 15.64
CA ILE D 99 3.66 -4.29 14.39
C ILE D 99 3.81 -3.26 13.25
N ALA D 100 2.69 -2.69 12.80
CA ALA D 100 2.65 -1.74 11.67
C ALA D 100 3.83 -0.78 11.64
N ILE D 101 3.97 0.00 12.72
CA ILE D 101 4.97 1.08 12.87
C ILE D 101 6.43 0.52 12.84
N ASP D 102 6.62 -0.62 12.17
CA ASP D 102 7.94 -1.21 11.93
C ASP D 102 8.14 -1.70 10.49
N ARG D 103 7.05 -1.84 9.75
CA ARG D 103 7.04 -2.56 8.47
C ARG D 103 6.55 -1.69 7.30
N VAL D 104 6.96 -2.03 6.07
CA VAL D 104 6.30 -1.45 4.89
C VAL D 104 5.18 -2.33 4.39
N PRO D 105 4.16 -1.72 3.76
CA PRO D 105 3.23 -2.46 2.90
C PRO D 105 3.84 -2.78 1.51
N LEU D 106 4.87 -3.63 1.51
CA LEU D 106 5.42 -4.18 0.27
C LEU D 106 4.71 -5.51 -0.12
N GLY D 107 3.74 -5.92 0.70
CA GLY D 107 3.01 -7.16 0.46
C GLY D 107 2.09 -7.02 -0.73
N PRO D 108 1.86 -8.11 -1.46
CA PRO D 108 0.97 -8.13 -2.63
C PRO D 108 -0.30 -7.31 -2.38
N ASN D 109 -1.08 -7.75 -1.40
CA ASN D 109 -2.22 -7.01 -0.91
C ASN D 109 -1.96 -5.54 -0.83
N GLY D 110 -0.89 -5.20 -0.12
CA GLY D 110 -0.44 -3.82 0.14
C GLY D 110 -0.39 -3.06 -1.14
N MET D 111 0.26 -3.65 -2.13
CA MET D 111 0.47 -2.99 -3.40
C MET D 111 -0.79 -2.65 -4.19
N VAL D 112 -1.83 -3.47 -4.07
CA VAL D 112 -3.06 -3.23 -4.82
C VAL D 112 -3.65 -1.91 -4.36
N GLY D 113 -3.64 -1.70 -3.05
CA GLY D 113 -4.33 -0.56 -2.46
C GLY D 113 -3.52 0.69 -2.54
N MET D 114 -2.21 0.54 -2.60
CA MET D 114 -1.37 1.69 -2.89
C MET D 114 -1.80 2.26 -4.24
N GLU D 115 -1.84 1.41 -5.25
CA GLU D 115 -2.35 1.83 -6.55
C GLU D 115 -3.75 2.45 -6.44
N ARG D 116 -4.66 1.78 -5.72
CA ARG D 116 -6.06 2.25 -5.56
C ARG D 116 -6.13 3.62 -4.87
N THR D 117 -5.53 3.72 -3.69
CA THR D 117 -5.40 4.97 -2.94
C THR D 117 -4.89 6.13 -3.78
N MET D 118 -3.71 5.95 -4.41
CA MET D 118 -2.98 7.03 -5.12
C MET D 118 -3.76 7.51 -6.33
N ASN D 119 -4.56 6.60 -6.87
CA ASN D 119 -5.44 6.91 -7.95
C ASN D 119 -6.48 7.91 -7.47
N LEU D 120 -7.12 7.61 -6.34
CA LEU D 120 -8.11 8.51 -5.72
C LEU D 120 -7.54 9.91 -5.39
N LEU D 121 -6.42 9.95 -4.67
CA LEU D 121 -5.76 11.18 -4.29
C LEU D 121 -5.39 12.08 -5.48
N ARG D 122 -4.78 11.49 -6.51
CA ARG D 122 -4.44 12.22 -7.75
C ARG D 122 -5.68 12.62 -8.56
N SER D 123 -6.85 12.07 -8.25
CA SER D 123 -8.09 12.53 -8.87
C SER D 123 -8.60 13.91 -8.34
N GLY D 124 -8.04 14.41 -7.25
CA GLY D 124 -8.50 15.68 -6.67
C GLY D 124 -7.79 16.91 -7.20
N GLY D 125 -6.73 16.70 -7.97
CA GLY D 125 -5.87 17.78 -8.46
C GLY D 125 -4.52 17.83 -7.74
N LEU D 126 -4.02 16.67 -7.32
CA LEU D 126 -2.74 16.60 -6.61
C LEU D 126 -1.54 16.26 -7.49
N HIS D 127 -0.71 17.28 -7.74
CA HIS D 127 0.49 17.08 -8.55
C HIS D 127 1.27 15.95 -7.95
N ASP D 128 2.07 15.28 -8.78
CA ASP D 128 2.82 14.09 -8.38
C ASP D 128 3.21 14.04 -6.89
N GLU D 129 4.08 14.96 -6.45
CA GLU D 129 4.60 15.03 -5.07
C GLU D 129 3.50 15.02 -4.01
N LEU D 130 2.75 16.12 -3.89
CA LEU D 130 1.60 16.23 -2.99
C LEU D 130 0.89 14.88 -2.77
N ALA D 131 0.71 14.14 -3.85
CA ALA D 131 -0.11 12.97 -3.79
C ALA D 131 0.60 11.79 -3.16
N ALA D 132 1.90 11.63 -3.45
CA ALA D 132 2.70 10.52 -2.92
C ALA D 132 3.00 10.66 -1.43
N TYR D 133 3.12 11.90 -0.95
CA TYR D 133 3.31 12.18 0.47
C TYR D 133 1.97 12.39 1.18
N GLY D 134 1.03 13.06 0.52
CA GLY D 134 -0.34 13.03 1.00
C GLY D 134 -0.65 11.67 1.58
N GLY D 135 -0.35 10.62 0.81
CA GLY D 135 -0.66 9.24 1.18
C GLY D 135 0.10 8.80 2.40
N ASP D 136 1.42 8.78 2.27
CA ASP D 136 2.36 8.55 3.35
C ASP D 136 1.94 9.24 4.65
N LEU D 137 1.49 10.50 4.53
CA LEU D 137 1.09 11.32 5.66
C LEU D 137 -0.17 10.77 6.29
N LEU D 138 -1.08 10.37 5.43
CA LEU D 138 -2.35 9.91 5.91
C LEU D 138 -2.14 8.61 6.67
N SER D 139 -1.18 7.80 6.20
CA SER D 139 -0.87 6.51 6.82
C SER D 139 -0.45 6.65 8.25
N THR D 140 0.64 7.37 8.43
CA THR D 140 1.11 7.70 9.74
C THR D 140 0.00 8.16 10.71
N PHE D 141 -0.81 9.14 10.32
CA PHE D 141 -1.80 9.71 11.24
C PHE D 141 -2.69 8.62 11.79
N VAL D 142 -3.24 7.79 10.91
CA VAL D 142 -4.22 6.77 11.31
C VAL D 142 -3.57 5.68 12.18
N THR D 143 -2.30 5.38 11.87
CA THR D 143 -1.51 4.44 12.62
C THR D 143 -1.29 4.98 14.03
N ALA D 144 -0.74 6.18 14.12
CA ALA D 144 -0.50 6.82 15.41
C ALA D 144 -1.74 6.85 16.28
N GLU D 145 -2.86 7.28 15.72
CA GLU D 145 -4.11 7.38 16.46
C GLU D 145 -4.46 6.07 17.18
N ALA D 146 -4.40 4.97 16.43
CA ALA D 146 -4.88 3.69 16.94
C ALA D 146 -3.94 3.12 17.99
N LEU D 147 -2.64 3.36 17.83
CA LEU D 147 -1.70 3.03 18.88
C LEU D 147 -2.19 3.72 20.15
N GLU D 148 -2.35 5.05 20.06
CA GLU D 148 -2.91 5.88 21.13
C GLU D 148 -4.24 5.39 21.64
N GLN D 149 -5.18 5.09 20.73
CA GLN D 149 -6.46 4.56 21.21
C GLN D 149 -6.21 3.30 22.03
N SER D 150 -5.46 2.34 21.48
CA SER D 150 -5.17 1.04 22.16
C SER D 150 -4.56 1.21 23.55
N SER D 151 -3.83 2.30 23.74
CA SER D 151 -3.24 2.64 25.04
C SER D 151 -4.28 3.04 26.10
N ARG D 152 -5.50 3.41 25.67
CA ARG D 152 -6.58 3.71 26.61
C ARG D 152 -7.18 2.41 27.08
N ASN D 153 -6.80 1.33 26.39
CA ASN D 153 -7.24 -0.06 26.67
C ASN D 153 -8.67 -0.50 26.25
N PRO D 154 -9.30 0.17 25.24
CA PRO D 154 -10.71 -0.13 24.95
C PRO D 154 -10.88 -1.11 23.77
N GLY D 155 -12.12 -1.21 23.27
CA GLY D 155 -12.44 -2.14 22.18
C GLY D 155 -13.44 -3.22 22.56
N THR D 156 -13.15 -4.05 23.58
CA THR D 156 -11.88 -4.06 24.33
C THR D 156 -10.80 -4.86 23.57
N ALA D 163 -8.23 2.56 33.18
CA ALA D 163 -7.36 3.68 32.78
C ALA D 163 -7.82 5.14 32.89
N GLY D 164 -9.05 5.43 32.48
CA GLY D 164 -9.65 6.75 32.66
C GLY D 164 -9.49 7.32 34.07
N VAL D 165 -9.00 6.48 34.98
CA VAL D 165 -8.65 6.87 36.36
C VAL D 165 -7.39 7.73 36.38
N PHE D 166 -6.35 7.29 35.67
CA PHE D 166 -5.09 8.03 35.50
C PHE D 166 -5.31 9.39 34.84
N ALA D 167 -5.98 9.41 33.69
CA ALA D 167 -6.22 10.63 32.93
C ALA D 167 -6.92 11.70 33.76
N ASP D 168 -8.09 11.36 34.31
CA ASP D 168 -8.76 12.21 35.29
C ASP D 168 -7.78 12.84 36.31
N GLN D 169 -6.74 12.08 36.67
CA GLN D 169 -5.73 12.50 37.66
C GLN D 169 -4.62 13.41 37.06
N LEU D 170 -4.61 13.50 35.73
CA LEU D 170 -3.76 14.43 34.99
C LEU D 170 -4.53 15.74 34.71
N HIS D 171 -5.86 15.67 34.82
CA HIS D 171 -6.75 16.83 34.74
C HIS D 171 -6.67 17.64 36.04
N GLY D 172 -6.91 16.96 37.16
CA GLY D 172 -6.79 17.59 38.47
C GLY D 172 -5.46 18.30 38.56
N TYR D 173 -4.40 17.52 38.34
CA TYR D 173 -3.03 17.99 38.49
C TYR D 173 -2.78 19.27 37.70
N LEU D 174 -3.00 19.22 36.39
CA LEU D 174 -2.85 20.39 35.52
C LEU D 174 -3.71 21.61 35.92
N LYS D 175 -4.98 21.35 36.27
CA LYS D 175 -5.88 22.40 36.74
C LYS D 175 -5.30 23.08 37.98
N SER D 176 -4.54 22.34 38.77
CA SER D 176 -4.05 22.82 40.08
C SER D 176 -2.71 23.54 40.06
N LEU D 177 -2.22 23.89 38.87
CA LEU D 177 -1.01 24.69 38.72
C LEU D 177 -1.26 26.13 39.20
N PRO D 178 -0.19 26.88 39.58
CA PRO D 178 -0.35 28.32 39.80
C PRO D 178 -0.89 29.05 38.56
N ALA D 179 -2.08 29.63 38.69
CA ALA D 179 -2.82 30.17 37.55
C ALA D 179 -2.09 31.23 36.72
N THR D 180 -1.18 31.98 37.35
CA THR D 180 -0.47 33.08 36.66
C THR D 180 0.71 32.63 35.80
N SER D 181 1.44 31.61 36.27
CA SER D 181 2.63 31.08 35.57
C SER D 181 2.27 30.10 34.46
N PHE D 182 1.05 29.54 34.53
CA PHE D 182 0.61 28.54 33.55
C PHE D 182 -0.83 28.77 33.11
N PRO D 183 -1.14 29.99 32.62
CA PRO D 183 -2.50 30.33 32.17
C PRO D 183 -3.06 29.42 31.06
N ASN D 184 -2.30 29.25 29.96
CA ASN D 184 -2.72 28.39 28.84
C ASN D 184 -2.98 26.94 29.26
N LEU D 185 -2.06 26.39 30.06
CA LEU D 185 -2.21 25.05 30.62
C LEU D 185 -3.40 24.98 31.60
N VAL D 186 -3.57 25.97 32.46
CA VAL D 186 -4.76 26.03 33.31
C VAL D 186 -6.07 26.02 32.50
N HIS D 187 -6.18 26.96 31.55
CA HIS D 187 -7.40 27.17 30.70
C HIS D 187 -7.74 25.95 29.81
N LEU D 188 -6.72 25.23 29.35
CA LEU D 188 -6.91 24.08 28.46
C LEU D 188 -6.84 22.70 29.15
N ALA D 189 -7.08 22.66 30.46
CA ALA D 189 -6.92 21.43 31.22
C ALA D 189 -7.64 20.22 30.59
N GLY D 190 -8.89 20.43 30.17
CA GLY D 190 -9.75 19.34 29.71
C GLY D 190 -9.38 18.78 28.35
N PRO D 191 -9.53 19.60 27.30
CA PRO D 191 -9.14 19.26 25.93
C PRO D 191 -7.74 18.65 25.74
N ILE D 192 -6.82 18.78 26.71
CA ILE D 192 -5.48 18.18 26.61
C ILE D 192 -5.45 16.77 27.19
N THR D 193 -5.98 16.65 28.41
CA THR D 193 -5.89 15.42 29.21
C THR D 193 -6.84 14.44 28.62
N SER D 194 -8.13 14.61 28.91
CA SER D 194 -9.18 13.78 28.35
C SER D 194 -9.73 14.39 27.06
N LEU D 195 -9.96 13.52 26.09
CA LEU D 195 -10.62 13.86 24.84
C LEU D 195 -11.17 12.59 24.22
N ASP D 196 -12.47 12.58 24.01
CA ASP D 196 -13.08 11.56 23.20
C ASP D 196 -12.21 11.21 21.98
N SER D 197 -11.95 9.92 21.80
CA SER D 197 -11.09 9.42 20.73
C SER D 197 -11.74 9.64 19.36
N ASP D 198 -13.05 9.45 19.30
CA ASP D 198 -13.83 9.68 18.06
C ASP D 198 -13.76 11.17 17.59
N ARG D 199 -13.67 12.08 18.55
CA ARG D 199 -13.51 13.48 18.28
C ARG D 199 -12.07 13.78 17.79
N ARG D 200 -11.06 13.21 18.44
CA ARG D 200 -9.67 13.55 18.07
C ARG D 200 -9.27 13.11 16.63
N PHE D 201 -9.99 12.14 16.11
CA PHE D 201 -9.76 11.55 14.80
C PHE D 201 -10.37 12.42 13.73
N GLU D 202 -11.64 12.73 13.89
CA GLU D 202 -12.35 13.55 12.93
C GLU D 202 -11.69 14.91 12.77
N LEU D 203 -11.11 15.45 13.85
CA LEU D 203 -10.40 16.74 13.77
C LEU D 203 -9.16 16.70 12.90
N GLY D 204 -8.35 15.66 13.04
CA GLY D 204 -7.08 15.56 12.34
C GLY D 204 -7.26 15.19 10.88
N LEU D 205 -8.35 14.51 10.62
CA LEU D 205 -8.72 14.13 9.29
C LEU D 205 -9.02 15.40 8.51
N GLU D 206 -10.02 16.14 8.97
CA GLU D 206 -10.31 17.48 8.45
C GLU D 206 -9.04 18.32 8.35
N ILE D 207 -8.31 18.51 9.45
CA ILE D 207 -7.06 19.27 9.36
C ILE D 207 -6.22 18.87 8.13
N ILE D 208 -5.78 17.63 8.05
CA ILE D 208 -4.89 17.24 6.94
C ILE D 208 -5.59 17.38 5.57
N ILE D 209 -6.84 16.91 5.47
CA ILE D 209 -7.50 17.01 4.19
C ILE D 209 -7.49 18.46 3.72
N ALA D 210 -7.96 19.38 4.56
CA ALA D 210 -7.95 20.79 4.25
C ALA D 210 -6.54 21.27 3.91
N GLY D 211 -5.57 20.78 4.68
CA GLY D 211 -4.14 21.05 4.45
C GLY D 211 -3.67 20.65 3.06
N LEU D 212 -4.07 19.46 2.62
CA LEU D 212 -3.81 19.00 1.25
C LEU D 212 -4.59 19.85 0.22
N LEU D 213 -5.83 20.20 0.55
CA LEU D 213 -6.66 21.00 -0.34
C LEU D 213 -6.02 22.36 -0.67
N ALA D 214 -5.44 23.00 0.35
CA ALA D 214 -4.69 24.25 0.15
C ALA D 214 -3.53 24.00 -0.81
N GLY D 215 -2.91 22.83 -0.69
CA GLY D 215 -1.85 22.42 -1.59
C GLY D 215 -2.21 22.36 -3.07
N ALA D 216 -3.47 22.03 -3.38
CA ALA D 216 -3.95 21.97 -4.78
C ALA D 216 -3.98 23.34 -5.48
N GLY D 217 -4.52 24.38 -4.83
CA GLY D 217 -4.56 25.75 -5.42
C GLY D 217 -5.46 25.87 -6.65
N GLU D 218 -5.00 26.62 -7.67
CA GLU D 218 -5.78 26.84 -8.91
C GLU D 218 -5.84 25.62 -9.81
N MET E 3 -42.78 -12.26 -40.05
CA MET E 3 -42.12 -13.52 -39.59
C MET E 3 -41.18 -14.18 -40.63
N ALA E 4 -39.93 -14.37 -40.22
CA ALA E 4 -38.98 -15.23 -40.93
C ALA E 4 -39.22 -16.71 -40.52
N PRO E 5 -38.50 -17.67 -41.16
CA PRO E 5 -38.73 -19.11 -40.85
C PRO E 5 -38.69 -19.49 -39.36
N LEU E 6 -39.86 -19.41 -38.73
CA LEU E 6 -40.07 -19.69 -37.32
C LEU E 6 -39.90 -21.18 -36.89
N THR E 7 -39.22 -21.44 -35.76
CA THR E 7 -39.08 -22.81 -35.19
C THR E 7 -39.03 -22.83 -33.68
N GLN E 8 -39.29 -24.00 -33.14
CA GLN E 8 -39.31 -24.21 -31.70
C GLN E 8 -37.94 -23.92 -31.06
N ASP E 9 -37.00 -23.42 -31.87
CA ASP E 9 -35.62 -23.17 -31.42
C ASP E 9 -35.25 -21.76 -31.64
N ARG E 10 -35.80 -21.15 -32.67
CA ARG E 10 -35.54 -19.73 -32.82
C ARG E 10 -36.46 -18.96 -31.85
N ILE E 11 -37.62 -19.51 -31.60
CA ILE E 11 -38.53 -18.95 -30.63
C ILE E 11 -37.91 -18.96 -29.24
N VAL E 12 -37.27 -20.08 -28.88
CA VAL E 12 -36.70 -20.26 -27.54
C VAL E 12 -35.48 -19.40 -27.31
N VAL E 13 -34.52 -19.51 -28.21
CA VAL E 13 -33.34 -18.66 -28.20
C VAL E 13 -33.74 -17.17 -28.10
N THR E 14 -34.94 -16.85 -28.58
CA THR E 14 -35.47 -15.49 -28.49
C THR E 14 -35.96 -15.15 -27.09
N ALA E 15 -36.74 -16.06 -26.52
CA ALA E 15 -37.32 -15.82 -25.21
C ALA E 15 -36.19 -15.56 -24.24
N LEU E 16 -35.27 -16.52 -24.12
CA LEU E 16 -34.11 -16.39 -23.25
C LEU E 16 -33.43 -15.04 -23.42
N GLY E 17 -33.21 -14.62 -24.66
CA GLY E 17 -32.64 -13.31 -24.94
C GLY E 17 -33.26 -12.18 -24.14
N ILE E 18 -34.59 -12.10 -24.17
CA ILE E 18 -35.35 -11.11 -23.43
C ILE E 18 -35.10 -11.26 -21.95
N LEU E 19 -35.04 -12.52 -21.53
CA LEU E 19 -35.12 -12.87 -20.12
C LEU E 19 -33.88 -12.47 -19.37
N ASP E 20 -32.69 -12.72 -19.93
CA ASP E 20 -31.43 -12.18 -19.41
C ASP E 20 -31.56 -10.67 -19.31
N ALA E 21 -31.90 -10.07 -20.43
CA ALA E 21 -31.95 -8.63 -20.57
C ALA E 21 -32.82 -7.94 -19.51
N GLU E 22 -34.01 -8.48 -19.25
CA GLU E 22 -35.04 -7.71 -18.54
C GLU E 22 -35.73 -8.43 -17.39
N GLY E 23 -35.57 -9.74 -17.31
CA GLY E 23 -36.09 -10.51 -16.17
C GLY E 23 -37.41 -11.20 -16.42
N LEU E 24 -37.83 -12.03 -15.46
CA LEU E 24 -39.00 -12.90 -15.61
C LEU E 24 -40.30 -12.24 -16.01
N ASP E 25 -40.68 -11.16 -15.33
CA ASP E 25 -42.01 -10.55 -15.53
C ASP E 25 -42.16 -9.85 -16.88
N ALA E 26 -41.05 -9.44 -17.48
CA ALA E 26 -41.08 -8.80 -18.79
C ALA E 26 -41.31 -9.85 -19.85
N LEU E 27 -41.09 -11.11 -19.51
CA LEU E 27 -41.44 -12.18 -20.42
C LEU E 27 -42.93 -12.47 -20.41
N SER E 28 -43.60 -12.06 -21.48
CA SER E 28 -44.98 -12.47 -21.72
C SER E 28 -45.13 -12.97 -23.14
N MET E 29 -46.24 -13.64 -23.42
CA MET E 29 -46.54 -14.07 -24.77
C MET E 29 -46.54 -12.86 -25.72
N ARG E 30 -47.44 -11.90 -25.50
CA ARG E 30 -47.50 -10.69 -26.33
C ARG E 30 -46.16 -9.94 -26.51
N ARG E 31 -45.35 -9.92 -25.46
CA ARG E 31 -44.02 -9.34 -25.52
C ARG E 31 -43.18 -10.09 -26.53
N LEU E 32 -43.13 -11.42 -26.37
CA LEU E 32 -42.40 -12.34 -27.25
C LEU E 32 -42.80 -12.23 -28.74
N ALA E 33 -44.05 -12.54 -29.06
CA ALA E 33 -44.57 -12.37 -30.43
C ALA E 33 -44.24 -11.01 -31.05
N GLN E 34 -44.02 -10.01 -30.20
CA GLN E 34 -43.69 -8.68 -30.66
C GLN E 34 -42.29 -8.73 -31.23
N GLU E 35 -41.33 -9.11 -30.38
CA GLU E 35 -39.93 -9.15 -30.76
C GLU E 35 -39.74 -9.85 -32.12
N LEU E 36 -40.37 -11.02 -32.26
CA LEU E 36 -40.23 -11.86 -33.45
C LEU E 36 -40.99 -11.41 -34.70
N LYS E 37 -41.81 -10.36 -34.61
CA LYS E 37 -42.51 -9.80 -35.78
C LYS E 37 -43.64 -10.67 -36.36
N THR E 38 -44.41 -11.32 -35.48
CA THR E 38 -45.44 -12.29 -35.89
C THR E 38 -46.76 -12.16 -35.13
N GLY E 39 -47.73 -12.99 -35.49
CA GLY E 39 -49.02 -13.05 -34.81
C GLY E 39 -49.08 -14.22 -33.85
N HIS E 40 -49.99 -14.12 -32.88
CA HIS E 40 -50.18 -15.15 -31.83
C HIS E 40 -50.33 -16.58 -32.37
N ALA E 41 -50.87 -16.70 -33.58
CA ALA E 41 -51.02 -17.97 -34.28
C ALA E 41 -49.74 -18.77 -34.24
N SER E 42 -48.71 -18.24 -34.91
CA SER E 42 -47.40 -18.88 -35.05
C SER E 42 -46.76 -19.22 -33.71
N LEU E 43 -46.87 -18.32 -32.75
CA LEU E 43 -46.31 -18.53 -31.43
C LEU E 43 -47.03 -19.67 -30.75
N TYR E 44 -48.33 -19.54 -30.49
CA TYR E 44 -49.04 -20.55 -29.74
C TYR E 44 -48.87 -21.91 -30.41
N ALA E 45 -48.61 -21.91 -31.69
CA ALA E 45 -48.40 -23.18 -32.38
C ALA E 45 -47.23 -24.00 -31.79
N HIS E 46 -46.00 -23.48 -31.86
CA HIS E 46 -44.83 -24.26 -31.49
C HIS E 46 -44.70 -24.53 -29.98
N VAL E 47 -45.34 -23.71 -29.14
CA VAL E 47 -44.94 -23.65 -27.73
C VAL E 47 -46.03 -23.46 -26.66
N GLY E 48 -47.16 -22.88 -27.02
CA GLY E 48 -48.33 -22.91 -26.11
C GLY E 48 -48.68 -21.70 -25.26
N ASN E 49 -48.99 -21.93 -23.98
CA ASN E 49 -49.15 -20.83 -23.03
C ASN E 49 -47.79 -20.52 -22.37
N ARG E 50 -47.78 -19.80 -21.25
CA ARG E 50 -46.50 -19.28 -20.72
C ARG E 50 -45.70 -20.35 -19.99
N ASP E 51 -46.40 -21.28 -19.36
CA ASP E 51 -45.78 -22.38 -18.61
C ASP E 51 -44.87 -23.19 -19.50
N GLU E 52 -45.50 -23.90 -20.42
CA GLU E 52 -44.79 -24.68 -21.44
C GLU E 52 -43.51 -23.96 -21.93
N LEU E 53 -43.65 -22.67 -22.21
CA LEU E 53 -42.56 -21.88 -22.74
C LEU E 53 -41.36 -21.84 -21.79
N LEU E 54 -41.59 -21.54 -20.53
CA LEU E 54 -40.54 -21.63 -19.53
C LEU E 54 -39.83 -22.99 -19.52
N ASP E 55 -40.57 -24.10 -19.64
CA ASP E 55 -39.96 -25.44 -19.65
C ASP E 55 -38.99 -25.59 -20.81
N LEU E 56 -39.41 -25.11 -21.99
CA LEU E 56 -38.57 -25.16 -23.17
C LEU E 56 -37.38 -24.30 -22.96
N VAL E 57 -37.60 -23.09 -22.42
CA VAL E 57 -36.48 -22.20 -22.09
C VAL E 57 -35.52 -22.93 -21.15
N PHE E 58 -36.06 -23.56 -20.11
CA PHE E 58 -35.21 -24.24 -19.14
C PHE E 58 -34.35 -25.34 -19.76
N ASP E 59 -35.00 -26.17 -20.57
CA ASP E 59 -34.31 -27.30 -21.15
C ASP E 59 -33.11 -26.91 -22.01
N ILE E 60 -33.25 -25.86 -22.82
CA ILE E 60 -32.23 -25.49 -23.80
C ILE E 60 -30.95 -24.98 -23.15
N VAL E 61 -31.06 -24.16 -22.11
CA VAL E 61 -29.85 -23.63 -21.46
C VAL E 61 -29.03 -24.74 -20.83
N LEU E 62 -29.69 -25.84 -20.48
CA LEU E 62 -29.07 -27.01 -19.85
C LEU E 62 -27.92 -27.63 -20.64
N THR E 63 -27.89 -27.36 -21.95
CA THR E 63 -26.81 -27.90 -22.79
C THR E 63 -25.46 -27.40 -22.28
N GLU E 64 -25.50 -26.41 -21.39
CA GLU E 64 -24.29 -25.74 -20.95
C GLU E 64 -23.53 -26.51 -19.90
N VAL E 65 -24.27 -27.21 -19.04
CA VAL E 65 -23.69 -27.96 -17.93
C VAL E 65 -22.89 -29.13 -18.52
N GLU E 66 -22.09 -29.81 -17.70
CA GLU E 66 -21.37 -30.99 -18.17
C GLU E 66 -21.27 -32.07 -17.12
N VAL E 67 -21.74 -33.28 -17.45
CA VAL E 67 -21.57 -34.39 -16.55
C VAL E 67 -20.47 -35.28 -17.12
N PRO E 68 -19.25 -35.20 -16.56
CA PRO E 68 -18.14 -35.95 -17.12
C PRO E 68 -18.31 -37.46 -16.96
N GLU E 69 -17.69 -38.20 -17.89
CA GLU E 69 -17.67 -39.67 -17.88
C GLU E 69 -16.83 -40.15 -16.67
N PRO E 70 -17.32 -41.18 -15.92
CA PRO E 70 -16.63 -41.64 -14.69
C PRO E 70 -15.16 -42.01 -14.91
N GLU E 71 -14.29 -41.67 -13.95
CA GLU E 71 -12.84 -41.87 -14.11
C GLU E 71 -12.12 -42.47 -12.90
N PRO E 72 -11.14 -43.36 -13.16
CA PRO E 72 -10.24 -43.97 -12.17
C PRO E 72 -9.79 -43.01 -11.05
N GLY E 73 -10.49 -43.03 -9.92
CA GLY E 73 -10.11 -42.30 -8.71
C GLY E 73 -10.06 -40.79 -8.85
N ARG E 74 -11.19 -40.19 -9.26
CA ARG E 74 -11.35 -38.73 -9.39
C ARG E 74 -12.72 -38.37 -8.83
N TRP E 75 -13.44 -39.42 -8.40
CA TRP E 75 -14.82 -39.32 -8.00
C TRP E 75 -15.20 -38.01 -7.32
N ALA E 76 -14.71 -37.75 -6.11
CA ALA E 76 -15.08 -36.52 -5.36
C ALA E 76 -14.98 -35.26 -6.21
N GLU E 77 -13.87 -35.10 -6.93
CA GLU E 77 -13.66 -33.96 -7.83
C GLU E 77 -14.62 -33.99 -9.00
N GLN E 78 -14.85 -35.16 -9.55
CA GLN E 78 -15.82 -35.30 -10.64
C GLN E 78 -17.24 -34.93 -10.21
N VAL E 79 -17.54 -35.04 -8.92
CA VAL E 79 -18.83 -34.59 -8.42
C VAL E 79 -18.85 -33.05 -8.25
N LYS E 80 -17.84 -32.49 -7.60
CA LYS E 80 -17.62 -31.02 -7.56
C LYS E 80 -17.61 -30.31 -8.93
N GLU E 81 -16.82 -30.81 -9.88
CA GLU E 81 -16.86 -30.34 -11.28
C GLU E 81 -18.31 -30.17 -11.77
N MET E 82 -19.02 -31.28 -11.75
CA MET E 82 -20.40 -31.39 -12.16
C MET E 82 -21.30 -30.33 -11.51
N CYS E 83 -21.12 -30.13 -10.21
CA CYS E 83 -21.96 -29.17 -9.52
C CYS E 83 -21.53 -27.77 -9.89
N ARG E 84 -20.23 -27.46 -9.74
CA ARG E 84 -19.67 -26.14 -10.01
C ARG E 84 -20.01 -25.70 -11.42
N SER E 85 -20.19 -26.69 -12.31
CA SER E 85 -20.58 -26.46 -13.69
C SER E 85 -22.02 -25.93 -13.71
N LEU E 86 -22.94 -26.69 -13.10
CA LEU E 86 -24.35 -26.32 -12.99
C LEU E 86 -24.54 -24.92 -12.40
N ARG E 87 -23.79 -24.60 -11.36
CA ARG E 87 -23.82 -23.26 -10.74
C ARG E 87 -23.43 -22.15 -11.68
N ARG E 88 -22.43 -22.41 -12.52
CA ARG E 88 -21.92 -21.38 -13.42
C ARG E 88 -23.04 -21.02 -14.36
N MET E 89 -23.78 -22.04 -14.79
CA MET E 89 -24.98 -21.86 -15.56
C MET E 89 -25.96 -20.85 -14.90
N PHE E 90 -26.45 -21.13 -13.69
CA PHE E 90 -27.44 -20.25 -13.03
C PHE E 90 -26.96 -18.79 -12.91
N LEU E 91 -25.65 -18.58 -12.81
CA LEU E 91 -25.08 -17.23 -12.63
C LEU E 91 -25.27 -16.36 -13.87
N ALA E 92 -24.95 -16.87 -15.06
CA ALA E 92 -25.15 -16.14 -16.32
C ALA E 92 -26.60 -15.66 -16.51
N HIS E 93 -27.57 -16.48 -16.11
CA HIS E 93 -28.95 -16.28 -16.55
C HIS E 93 -29.89 -15.86 -15.44
N ARG E 94 -30.24 -14.57 -15.43
CA ARG E 94 -31.23 -13.98 -14.50
C ARG E 94 -32.51 -14.83 -14.24
N ASP E 95 -32.98 -14.85 -12.99
CA ASP E 95 -34.26 -15.48 -12.63
C ASP E 95 -34.42 -16.99 -12.99
N LEU E 96 -33.36 -17.65 -13.43
CA LEU E 96 -33.51 -19.03 -13.87
C LEU E 96 -33.82 -19.98 -12.74
N ALA E 97 -33.27 -19.69 -11.56
CA ALA E 97 -33.50 -20.49 -10.39
C ALA E 97 -34.95 -20.40 -9.94
N ARG E 98 -35.48 -19.16 -9.86
CA ARG E 98 -36.91 -18.89 -9.58
C ARG E 98 -37.85 -19.84 -10.34
N ILE E 99 -37.58 -19.99 -11.64
CA ILE E 99 -38.22 -20.96 -12.51
C ILE E 99 -38.08 -22.38 -11.94
N ALA E 100 -36.82 -22.75 -11.61
CA ALA E 100 -36.48 -24.13 -11.22
C ALA E 100 -37.27 -24.69 -10.04
N ILE E 101 -37.57 -23.84 -9.05
CA ILE E 101 -38.24 -24.23 -7.79
C ILE E 101 -39.58 -24.97 -7.96
N ASP E 102 -40.42 -24.49 -8.89
CA ASP E 102 -41.73 -25.14 -9.14
C ASP E 102 -41.82 -25.79 -10.54
N ARG E 103 -40.71 -26.38 -11.03
CA ARG E 103 -40.73 -27.04 -12.35
C ARG E 103 -39.99 -28.38 -12.42
N VAL E 104 -40.52 -29.26 -13.28
CA VAL E 104 -40.08 -30.65 -13.44
C VAL E 104 -38.74 -30.69 -14.16
N PRO E 105 -37.76 -31.49 -13.65
CA PRO E 105 -36.43 -31.55 -14.32
C PRO E 105 -36.47 -32.42 -15.60
N LEU E 106 -37.53 -32.23 -16.41
CA LEU E 106 -37.76 -33.03 -17.61
C LEU E 106 -37.27 -32.41 -18.92
N GLY E 107 -37.32 -33.21 -19.98
CA GLY E 107 -36.87 -32.72 -21.28
C GLY E 107 -35.65 -33.40 -21.85
N PRO E 108 -35.55 -33.40 -23.17
CA PRO E 108 -34.41 -33.94 -23.89
C PRO E 108 -33.12 -33.81 -23.07
N ASN E 109 -32.63 -32.58 -22.93
CA ASN E 109 -31.50 -32.28 -22.07
C ASN E 109 -31.75 -32.72 -20.65
N GLY E 110 -32.98 -32.57 -20.17
CA GLY E 110 -33.38 -33.00 -18.84
C GLY E 110 -33.07 -34.44 -18.45
N MET E 111 -33.47 -35.42 -19.28
CA MET E 111 -33.12 -36.82 -18.96
C MET E 111 -31.84 -37.38 -19.61
N VAL E 112 -31.29 -36.72 -20.61
CA VAL E 112 -29.94 -37.08 -21.00
C VAL E 112 -29.04 -36.69 -19.86
N GLY E 113 -29.55 -35.83 -19.01
CA GLY E 113 -28.77 -35.30 -17.88
C GLY E 113 -28.81 -36.09 -16.59
N MET E 114 -30.02 -36.51 -16.19
CA MET E 114 -30.20 -37.46 -15.09
C MET E 114 -29.41 -38.73 -15.35
N GLU E 115 -29.49 -39.24 -16.59
CA GLU E 115 -28.83 -40.49 -16.91
C GLU E 115 -27.36 -40.48 -16.49
N ARG E 116 -26.66 -39.44 -16.97
CA ARG E 116 -25.23 -39.27 -16.71
C ARG E 116 -24.95 -38.92 -15.25
N THR E 117 -25.87 -38.23 -14.57
CA THR E 117 -25.79 -38.01 -13.12
C THR E 117 -25.88 -39.37 -12.34
N MET E 118 -26.87 -40.19 -12.66
CA MET E 118 -26.96 -41.48 -12.02
C MET E 118 -25.73 -42.36 -12.30
N ASN E 119 -25.23 -42.37 -13.52
CA ASN E 119 -24.06 -43.18 -13.83
C ASN E 119 -22.89 -42.92 -12.89
N LEU E 120 -22.39 -41.68 -12.91
CA LEU E 120 -21.31 -41.18 -12.06
C LEU E 120 -21.44 -41.47 -10.54
N LEU E 121 -22.65 -41.32 -10.00
CA LEU E 121 -22.88 -41.58 -8.59
C LEU E 121 -22.79 -43.08 -8.27
N ARG E 122 -23.60 -43.87 -8.97
CA ARG E 122 -23.57 -45.31 -8.84
C ARG E 122 -22.15 -45.79 -9.02
N SER E 123 -21.41 -45.03 -9.81
CA SER E 123 -19.97 -45.23 -10.03
C SER E 123 -19.10 -45.02 -8.77
N GLY E 124 -19.68 -44.45 -7.70
CA GLY E 124 -18.95 -44.25 -6.46
C GLY E 124 -19.13 -45.41 -5.50
N GLY E 125 -19.54 -46.57 -6.00
CA GLY E 125 -19.85 -47.68 -5.11
C GLY E 125 -20.97 -47.28 -4.19
N LEU E 126 -21.94 -46.57 -4.76
CA LEU E 126 -23.13 -46.11 -4.05
C LEU E 126 -24.37 -46.93 -4.43
N HIS E 127 -25.14 -47.34 -3.42
CA HIS E 127 -26.28 -48.20 -3.65
C HIS E 127 -27.46 -47.43 -4.21
N ASP E 128 -28.57 -48.13 -4.42
CA ASP E 128 -29.72 -47.59 -5.15
C ASP E 128 -30.37 -46.37 -4.49
N GLU E 129 -31.14 -46.58 -3.43
CA GLU E 129 -31.82 -45.48 -2.75
C GLU E 129 -30.94 -44.27 -2.50
N LEU E 130 -29.68 -44.52 -2.14
CA LEU E 130 -28.72 -43.42 -1.91
C LEU E 130 -28.24 -42.68 -3.17
N ALA E 131 -27.91 -43.37 -4.26
CA ALA E 131 -27.59 -42.66 -5.52
C ALA E 131 -28.81 -41.92 -6.15
N ALA E 132 -30.02 -42.46 -5.97
CA ALA E 132 -31.28 -41.85 -6.43
C ALA E 132 -31.51 -40.50 -5.75
N TYR E 133 -31.82 -40.55 -4.45
CA TYR E 133 -31.97 -39.37 -3.63
C TYR E 133 -30.77 -38.37 -3.75
N GLY E 134 -29.56 -38.89 -3.62
CA GLY E 134 -28.34 -38.09 -3.63
C GLY E 134 -28.34 -36.96 -4.65
N GLY E 135 -28.51 -37.32 -5.92
CA GLY E 135 -28.68 -36.35 -6.99
C GLY E 135 -29.74 -35.28 -6.68
N ASP E 136 -30.92 -35.72 -6.23
CA ASP E 136 -31.99 -34.80 -5.81
C ASP E 136 -31.36 -33.71 -4.92
N LEU E 137 -30.79 -34.18 -3.80
CA LEU E 137 -30.18 -33.31 -2.78
C LEU E 137 -29.12 -32.33 -3.32
N LEU E 138 -28.23 -32.83 -4.16
CA LEU E 138 -27.21 -31.96 -4.77
C LEU E 138 -27.87 -30.86 -5.60
N SER E 139 -28.75 -31.25 -6.52
CA SER E 139 -29.38 -30.28 -7.40
C SER E 139 -30.26 -29.32 -6.60
N THR E 140 -30.94 -29.88 -5.59
CA THR E 140 -31.66 -29.08 -4.61
C THR E 140 -30.65 -28.14 -3.93
N PHE E 141 -29.58 -28.68 -3.34
CA PHE E 141 -28.54 -27.84 -2.75
C PHE E 141 -28.03 -26.67 -3.63
N VAL E 142 -27.59 -26.97 -4.85
CA VAL E 142 -27.01 -25.97 -5.76
C VAL E 142 -28.02 -24.92 -6.22
N THR E 143 -29.29 -25.29 -6.43
CA THR E 143 -30.35 -24.32 -6.73
C THR E 143 -30.39 -23.29 -5.59
N ALA E 144 -30.78 -23.74 -4.41
CA ALA E 144 -30.98 -22.86 -3.27
C ALA E 144 -29.86 -21.84 -3.21
N GLU E 145 -28.65 -22.35 -3.29
CA GLU E 145 -27.52 -21.50 -3.27
C GLU E 145 -27.66 -20.42 -4.34
N ALA E 146 -28.07 -20.83 -5.54
CA ALA E 146 -28.11 -19.94 -6.69
C ALA E 146 -29.09 -18.80 -6.48
N LEU E 147 -30.23 -19.12 -5.86
CA LEU E 147 -31.15 -18.09 -5.34
C LEU E 147 -30.46 -17.13 -4.35
N GLU E 148 -29.86 -17.72 -3.33
CA GLU E 148 -29.14 -16.98 -2.31
C GLU E 148 -28.28 -15.90 -2.92
N GLN E 149 -27.53 -16.31 -3.94
CA GLN E 149 -26.60 -15.42 -4.60
C GLN E 149 -27.39 -14.44 -5.49
N SER E 150 -28.35 -14.99 -6.26
CA SER E 150 -29.23 -14.24 -7.16
C SER E 150 -29.52 -12.85 -6.60
N SER E 151 -29.91 -12.80 -5.33
CA SER E 151 -30.30 -11.55 -4.67
C SER E 151 -29.16 -10.93 -3.83
N ARG E 152 -27.95 -10.89 -4.37
CA ARG E 152 -26.85 -10.22 -3.65
C ARG E 152 -26.14 -9.20 -4.52
N GLN E 158 -24.00 -0.15 -9.62
CA GLN E 158 -23.51 -0.38 -8.27
C GLN E 158 -23.23 -1.87 -7.99
N GLY E 159 -24.29 -2.68 -7.92
CA GLY E 159 -24.21 -4.09 -7.52
C GLY E 159 -24.37 -4.33 -6.02
N ARG E 160 -23.28 -4.78 -5.42
CA ARG E 160 -23.24 -5.22 -4.02
C ARG E 160 -23.08 -4.06 -3.00
N GLU E 161 -23.79 -2.96 -3.20
CA GLU E 161 -23.76 -1.82 -2.26
C GLU E 161 -24.92 -1.85 -1.27
N GLN E 162 -26.12 -2.15 -1.78
CA GLN E 162 -27.31 -2.35 -0.96
C GLN E 162 -27.08 -3.52 -0.02
N ALA E 163 -26.68 -4.66 -0.59
CA ALA E 163 -26.26 -5.85 0.15
C ALA E 163 -25.03 -5.56 1.01
N GLY E 164 -24.08 -4.79 0.46
CA GLY E 164 -22.84 -4.46 1.16
C GLY E 164 -23.06 -3.91 2.56
N VAL E 165 -23.76 -2.77 2.62
CA VAL E 165 -24.06 -2.11 3.89
C VAL E 165 -25.01 -2.92 4.78
N PHE E 166 -26.07 -3.51 4.19
CA PHE E 166 -27.01 -4.36 4.95
C PHE E 166 -26.25 -5.41 5.74
N ALA E 167 -25.43 -6.17 5.01
CA ALA E 167 -24.54 -7.13 5.64
C ALA E 167 -23.76 -6.44 6.76
N ASP E 168 -23.17 -5.28 6.49
CA ASP E 168 -22.32 -4.69 7.49
C ASP E 168 -23.08 -4.17 8.70
N GLN E 169 -24.27 -3.62 8.47
CA GLN E 169 -25.09 -3.17 9.60
C GLN E 169 -25.63 -4.34 10.41
N LEU E 170 -25.86 -5.47 9.75
CA LEU E 170 -26.14 -6.74 10.42
C LEU E 170 -24.93 -7.21 11.21
N HIS E 171 -23.75 -7.10 10.62
CA HIS E 171 -22.51 -7.47 11.26
C HIS E 171 -22.24 -6.54 12.45
N GLY E 172 -22.77 -5.32 12.40
CA GLY E 172 -22.57 -4.35 13.47
C GLY E 172 -23.42 -4.61 14.69
N TYR E 173 -24.69 -4.92 14.45
CA TYR E 173 -25.64 -5.21 15.50
C TYR E 173 -25.25 -6.43 16.31
N LEU E 174 -24.74 -7.45 15.63
CA LEU E 174 -24.37 -8.70 16.25
C LEU E 174 -23.26 -8.50 17.29
N LYS E 175 -22.15 -7.94 16.87
CA LYS E 175 -21.00 -7.70 17.76
C LYS E 175 -21.35 -6.79 18.92
N SER E 176 -22.18 -5.78 18.68
CA SER E 176 -22.63 -4.85 19.74
C SER E 176 -23.80 -5.41 20.59
N LEU E 177 -24.16 -6.66 20.35
CA LEU E 177 -25.13 -7.37 21.18
C LEU E 177 -24.44 -7.67 22.52
N PRO E 178 -25.20 -7.85 23.62
CA PRO E 178 -24.51 -8.09 24.92
C PRO E 178 -23.85 -9.47 25.00
N ALA E 179 -22.64 -9.52 25.56
CA ALA E 179 -21.80 -10.72 25.53
C ALA E 179 -22.26 -11.80 26.52
N THR E 180 -22.76 -11.37 27.68
CA THR E 180 -23.16 -12.29 28.73
C THR E 180 -24.38 -13.13 28.30
N SER E 181 -25.30 -12.52 27.56
CA SER E 181 -26.52 -13.20 27.12
C SER E 181 -26.37 -13.80 25.73
N PHE E 182 -25.37 -13.34 24.98
CA PHE E 182 -25.17 -13.77 23.58
C PHE E 182 -23.70 -14.10 23.26
N PRO E 183 -23.09 -15.05 24.00
CA PRO E 183 -21.68 -15.27 23.73
C PRO E 183 -21.38 -15.69 22.27
N ASN E 184 -22.15 -16.66 21.75
CA ASN E 184 -21.91 -17.30 20.43
C ASN E 184 -22.01 -16.36 19.20
N LEU E 185 -23.08 -15.56 19.17
CA LEU E 185 -23.38 -14.64 18.08
C LEU E 185 -22.39 -13.49 18.04
N VAL E 186 -21.98 -13.04 19.23
CA VAL E 186 -20.88 -12.09 19.39
C VAL E 186 -19.62 -12.70 18.79
N HIS E 187 -19.39 -13.97 19.09
CA HIS E 187 -18.23 -14.69 18.59
C HIS E 187 -18.27 -14.99 17.09
N LEU E 188 -19.47 -15.01 16.51
CA LEU E 188 -19.67 -15.51 15.17
C LEU E 188 -20.30 -14.51 14.21
N ALA E 189 -20.18 -13.21 14.51
CA ALA E 189 -20.70 -12.14 13.64
C ALA E 189 -20.17 -12.19 12.19
N GLY E 190 -18.92 -12.62 12.03
CA GLY E 190 -18.33 -12.77 10.70
C GLY E 190 -18.97 -13.88 9.86
N PRO E 191 -18.59 -15.13 10.13
CA PRO E 191 -19.13 -16.37 9.55
C PRO E 191 -20.66 -16.44 9.29
N ILE E 192 -21.45 -15.55 9.90
CA ILE E 192 -22.88 -15.46 9.58
C ILE E 192 -23.11 -14.45 8.43
N THR E 193 -22.63 -13.24 8.65
CA THR E 193 -22.76 -12.15 7.67
C THR E 193 -21.81 -12.25 6.48
N SER E 194 -20.81 -13.15 6.53
CA SER E 194 -19.89 -13.34 5.41
C SER E 194 -20.70 -13.40 4.13
N LEU E 195 -20.35 -12.52 3.21
CA LEU E 195 -20.98 -12.47 1.90
C LEU E 195 -20.02 -12.96 0.86
N ASP E 196 -19.36 -14.03 1.23
CA ASP E 196 -18.44 -14.76 0.38
C ASP E 196 -19.09 -16.06 -0.07
N SER E 197 -19.91 -15.96 -1.11
CA SER E 197 -20.66 -17.10 -1.58
C SER E 197 -19.78 -18.23 -2.14
N ASP E 198 -18.68 -17.86 -2.82
CA ASP E 198 -17.73 -18.84 -3.39
C ASP E 198 -17.29 -19.92 -2.41
N ARG E 199 -16.82 -19.49 -1.24
CA ARG E 199 -16.28 -20.37 -0.21
C ARG E 199 -17.35 -21.10 0.60
N ARG E 200 -18.48 -20.43 0.81
CA ARG E 200 -19.64 -21.04 1.46
C ARG E 200 -20.15 -22.18 0.58
N PHE E 201 -19.92 -22.03 -0.73
CA PHE E 201 -20.38 -22.99 -1.72
C PHE E 201 -19.53 -24.25 -1.70
N GLU E 202 -18.20 -24.06 -1.73
CA GLU E 202 -17.24 -25.16 -1.64
C GLU E 202 -17.43 -25.92 -0.35
N LEU E 203 -17.87 -25.22 0.70
CA LEU E 203 -18.19 -25.87 1.97
C LEU E 203 -19.37 -26.81 1.83
N GLY E 204 -20.53 -26.26 1.48
CA GLY E 204 -21.71 -27.08 1.32
C GLY E 204 -21.43 -28.36 0.57
N LEU E 205 -20.44 -28.31 -0.33
CA LEU E 205 -20.08 -29.45 -1.16
C LEU E 205 -19.25 -30.48 -0.40
N GLU E 206 -18.08 -30.03 0.09
CA GLU E 206 -17.27 -30.84 0.99
C GLU E 206 -18.17 -31.65 1.91
N ILE E 207 -19.17 -30.98 2.48
CA ILE E 207 -20.04 -31.58 3.48
C ILE E 207 -20.97 -32.65 2.93
N ILE E 208 -21.81 -32.28 1.97
CA ILE E 208 -22.73 -33.24 1.37
C ILE E 208 -21.95 -34.48 0.91
N ILE E 209 -20.87 -34.23 0.17
CA ILE E 209 -20.09 -35.27 -0.46
C ILE E 209 -19.50 -36.26 0.54
N ALA E 210 -18.94 -35.73 1.63
CA ALA E 210 -18.44 -36.58 2.68
C ALA E 210 -19.62 -37.30 3.35
N GLY E 211 -20.77 -36.61 3.46
CA GLY E 211 -22.02 -37.22 3.95
C GLY E 211 -22.47 -38.40 3.10
N LEU E 212 -22.19 -38.31 1.81
CA LEU E 212 -22.44 -39.38 0.87
C LEU E 212 -21.46 -40.53 1.04
N LEU E 213 -20.17 -40.28 0.79
CA LEU E 213 -19.09 -41.26 1.04
C LEU E 213 -19.22 -41.98 2.37
N ALA E 214 -19.47 -41.22 3.43
CA ALA E 214 -19.78 -41.77 4.74
C ALA E 214 -21.07 -42.57 4.66
N GLY E 215 -22.12 -41.93 4.14
CA GLY E 215 -23.39 -42.62 3.92
C GLY E 215 -23.08 -43.92 3.21
N ALA E 216 -22.35 -43.79 2.11
CA ALA E 216 -22.05 -44.87 1.18
C ALA E 216 -21.66 -46.19 1.81
N GLY E 217 -20.35 -46.33 2.09
CA GLY E 217 -19.76 -47.56 2.60
C GLY E 217 -20.09 -47.79 4.06
N GLU E 218 -21.39 -47.84 4.37
CA GLU E 218 -21.85 -48.11 5.73
C GLU E 218 -21.74 -49.59 6.06
N ALA E 219 -22.04 -50.43 5.07
CA ALA E 219 -21.82 -51.86 5.18
C ALA E 219 -20.43 -52.12 5.82
N ALA E 220 -20.42 -52.30 7.14
CA ALA E 220 -19.17 -52.48 7.89
C ALA E 220 -19.16 -53.78 8.70
N ALA F 4 -62.29 -3.84 22.58
CA ALA F 4 -61.37 -4.80 21.88
C ALA F 4 -59.98 -4.23 21.41
N PRO F 5 -59.13 -3.74 22.36
CA PRO F 5 -57.82 -3.12 22.08
C PRO F 5 -56.98 -3.82 21.02
N LEU F 6 -56.81 -3.17 19.87
CA LEU F 6 -56.04 -3.73 18.76
C LEU F 6 -54.54 -3.62 19.00
N THR F 7 -53.82 -4.70 18.72
CA THR F 7 -52.35 -4.73 18.83
C THR F 7 -51.72 -5.61 17.77
N GLN F 8 -50.43 -5.39 17.50
CA GLN F 8 -49.74 -6.13 16.45
C GLN F 8 -49.87 -7.65 16.62
N ASP F 9 -49.74 -8.11 17.86
CA ASP F 9 -49.97 -9.53 18.17
C ASP F 9 -51.39 -9.97 17.79
N ARG F 10 -52.38 -9.10 18.01
CA ARG F 10 -53.75 -9.41 17.59
C ARG F 10 -53.88 -9.37 16.06
N ILE F 11 -53.13 -8.45 15.44
CA ILE F 11 -53.16 -8.26 14.00
C ILE F 11 -52.69 -9.54 13.32
N VAL F 12 -51.49 -10.00 13.72
CA VAL F 12 -50.87 -11.18 13.12
C VAL F 12 -51.50 -12.52 13.52
N VAL F 13 -52.30 -12.55 14.59
CA VAL F 13 -53.08 -13.76 14.88
C VAL F 13 -54.25 -13.88 13.91
N THR F 14 -54.76 -12.74 13.45
CA THR F 14 -55.82 -12.78 12.45
C THR F 14 -55.23 -13.02 11.06
N ALA F 15 -54.11 -12.39 10.73
CA ALA F 15 -53.46 -12.60 9.44
C ALA F 15 -53.00 -14.03 9.27
N LEU F 16 -52.57 -14.67 10.36
CA LEU F 16 -52.25 -16.09 10.35
C LEU F 16 -53.49 -16.98 10.42
N GLY F 17 -54.55 -16.48 11.05
CA GLY F 17 -55.81 -17.20 11.12
C GLY F 17 -56.47 -17.36 9.76
N ILE F 18 -56.23 -16.41 8.87
CA ILE F 18 -56.86 -16.44 7.54
C ILE F 18 -55.95 -17.16 6.58
N LEU F 19 -54.67 -17.13 6.90
CA LEU F 19 -53.63 -17.77 6.09
C LEU F 19 -53.75 -19.28 6.13
N ASP F 20 -53.98 -19.82 7.33
CA ASP F 20 -54.27 -21.24 7.54
C ASP F 20 -55.63 -21.65 6.92
N ALA F 21 -56.63 -20.80 7.13
CA ALA F 21 -58.01 -21.10 6.77
C ALA F 21 -58.43 -20.82 5.31
N GLU F 22 -57.68 -19.98 4.58
CA GLU F 22 -58.05 -19.60 3.20
C GLU F 22 -56.92 -19.66 2.15
N GLY F 23 -55.72 -19.23 2.54
CA GLY F 23 -54.52 -19.43 1.72
C GLY F 23 -53.72 -18.16 1.48
N LEU F 24 -52.39 -18.27 1.56
CA LEU F 24 -51.49 -17.13 1.33
C LEU F 24 -51.98 -16.21 0.23
N ASP F 25 -52.19 -16.76 -0.96
CA ASP F 25 -52.47 -15.93 -2.11
C ASP F 25 -53.61 -14.96 -1.96
N ALA F 26 -54.51 -15.24 -1.02
CA ALA F 26 -55.65 -14.38 -0.69
C ALA F 26 -55.41 -13.34 0.43
N LEU F 27 -54.24 -13.37 1.08
CA LEU F 27 -53.93 -12.41 2.14
C LEU F 27 -53.50 -11.08 1.59
N SER F 28 -54.49 -10.25 1.26
CA SER F 28 -54.28 -8.86 0.89
C SER F 28 -54.29 -8.01 2.15
N MET F 29 -53.72 -6.82 2.08
CA MET F 29 -53.90 -5.90 3.18
C MET F 29 -55.40 -5.64 3.30
N ARG F 30 -56.04 -5.42 2.15
CA ARG F 30 -57.49 -5.20 2.05
C ARG F 30 -58.30 -6.11 2.98
N ARG F 31 -58.32 -7.41 2.65
CA ARG F 31 -58.98 -8.45 3.46
C ARG F 31 -58.71 -8.29 4.95
N LEU F 32 -57.45 -8.41 5.36
CA LEU F 32 -57.07 -8.34 6.76
C LEU F 32 -57.76 -7.19 7.48
N ALA F 33 -57.73 -6.00 6.86
CA ALA F 33 -58.34 -4.80 7.44
C ALA F 33 -59.85 -4.93 7.76
N GLN F 34 -60.60 -5.46 6.79
CA GLN F 34 -62.01 -5.78 6.96
C GLN F 34 -62.23 -6.59 8.23
N GLU F 35 -61.51 -7.70 8.34
CA GLU F 35 -61.63 -8.65 9.44
C GLU F 35 -61.56 -8.02 10.82
N LEU F 36 -60.58 -7.15 11.02
CA LEU F 36 -60.38 -6.53 12.31
C LEU F 36 -61.25 -5.28 12.44
N LYS F 37 -62.11 -5.06 11.43
CA LYS F 37 -63.01 -3.89 11.33
C LYS F 37 -62.28 -2.54 11.50
N THR F 38 -61.16 -2.37 10.79
CA THR F 38 -60.27 -1.24 11.04
C THR F 38 -59.55 -0.76 9.79
N GLY F 39 -59.39 0.57 9.68
CA GLY F 39 -58.78 1.21 8.50
C GLY F 39 -57.31 0.94 8.26
N HIS F 40 -56.82 1.41 7.11
CA HIS F 40 -55.43 1.25 6.74
C HIS F 40 -54.58 2.03 7.73
N ALA F 41 -55.15 3.12 8.24
CA ALA F 41 -54.50 3.90 9.30
C ALA F 41 -53.90 2.99 10.38
N SER F 42 -54.79 2.42 11.21
CA SER F 42 -54.43 1.68 12.42
C SER F 42 -53.69 0.39 12.16
N LEU F 43 -53.86 -0.15 10.95
CA LEU F 43 -53.21 -1.38 10.53
C LEU F 43 -51.78 -1.10 10.06
N TYR F 44 -51.60 -0.06 9.25
CA TYR F 44 -50.26 0.30 8.82
C TYR F 44 -49.44 0.86 9.97
N ALA F 45 -50.13 1.30 11.02
CA ALA F 45 -49.46 1.87 12.19
C ALA F 45 -48.51 0.86 12.86
N HIS F 46 -48.97 -0.37 13.09
CA HIS F 46 -48.03 -1.45 13.45
C HIS F 46 -47.78 -2.19 12.14
N VAL F 47 -46.94 -3.22 12.14
CA VAL F 47 -46.72 -4.10 10.95
C VAL F 47 -46.23 -3.46 9.63
N GLY F 48 -46.55 -2.19 9.41
CA GLY F 48 -46.14 -1.51 8.19
C GLY F 48 -46.93 -2.07 7.04
N ASN F 49 -46.24 -2.66 6.07
CA ASN F 49 -46.86 -3.16 4.83
C ASN F 49 -46.91 -4.69 4.73
N ARG F 50 -47.63 -5.18 3.72
CA ARG F 50 -47.80 -6.61 3.43
C ARG F 50 -46.53 -7.44 3.60
N ASP F 51 -45.40 -6.89 3.20
CA ASP F 51 -44.14 -7.62 3.30
C ASP F 51 -43.50 -7.62 4.69
N GLU F 52 -43.41 -6.46 5.33
CA GLU F 52 -42.90 -6.41 6.70
C GLU F 52 -43.79 -7.13 7.71
N LEU F 53 -45.05 -7.32 7.36
CA LEU F 53 -46.00 -8.05 8.17
C LEU F 53 -45.69 -9.55 8.16
N LEU F 54 -45.24 -10.04 7.01
CA LEU F 54 -44.94 -11.46 6.84
C LEU F 54 -43.82 -11.84 7.79
N ASP F 55 -42.75 -11.04 7.76
CA ASP F 55 -41.64 -11.23 8.69
C ASP F 55 -42.14 -11.54 10.13
N LEU F 56 -43.03 -10.71 10.67
CA LEU F 56 -43.63 -10.94 12.00
C LEU F 56 -44.48 -12.24 12.09
N VAL F 57 -45.24 -12.55 11.05
CA VAL F 57 -46.00 -13.79 11.01
C VAL F 57 -45.03 -14.96 11.13
N PHE F 58 -43.99 -14.94 10.31
CA PHE F 58 -42.98 -15.97 10.35
C PHE F 58 -42.34 -15.96 11.72
N ASP F 59 -42.06 -14.78 12.23
CA ASP F 59 -41.34 -14.70 13.50
C ASP F 59 -42.18 -15.10 14.72
N ILE F 60 -43.50 -14.99 14.60
CA ILE F 60 -44.40 -15.41 15.68
C ILE F 60 -44.48 -16.93 15.73
N VAL F 61 -44.53 -17.57 14.57
CA VAL F 61 -44.72 -19.02 14.53
C VAL F 61 -43.48 -19.83 14.93
N LEU F 62 -42.29 -19.28 14.65
CA LEU F 62 -41.00 -19.88 15.04
C LEU F 62 -40.95 -20.22 16.52
N THR F 63 -41.97 -19.77 17.27
CA THR F 63 -42.08 -20.09 18.70
C THR F 63 -42.34 -21.56 18.89
N GLU F 64 -42.82 -22.23 17.85
CA GLU F 64 -43.18 -23.64 17.97
C GLU F 64 -41.97 -24.55 17.89
N VAL F 65 -40.80 -23.96 17.64
CA VAL F 65 -39.59 -24.76 17.54
C VAL F 65 -38.84 -24.82 18.88
N GLU F 66 -38.32 -25.99 19.23
CA GLU F 66 -37.74 -26.22 20.56
C GLU F 66 -36.33 -26.79 20.49
N VAL F 67 -35.32 -25.93 20.37
CA VAL F 67 -33.90 -26.33 20.38
C VAL F 67 -33.50 -26.69 21.81
N PRO F 68 -33.11 -27.96 22.05
CA PRO F 68 -32.93 -28.45 23.43
C PRO F 68 -31.54 -28.20 24.04
N GLU F 69 -31.44 -28.36 25.36
CA GLU F 69 -30.21 -28.06 26.08
C GLU F 69 -29.28 -29.22 25.83
N PRO F 70 -28.02 -28.95 25.42
CA PRO F 70 -27.04 -29.96 24.99
C PRO F 70 -26.72 -31.00 26.07
N GLU F 71 -26.71 -32.27 25.70
CA GLU F 71 -26.51 -33.37 26.66
C GLU F 71 -25.45 -34.41 26.29
N PRO F 72 -24.58 -34.77 27.25
CA PRO F 72 -23.57 -35.83 27.11
C PRO F 72 -23.93 -36.98 26.14
N GLY F 73 -23.07 -37.23 25.16
CA GLY F 73 -23.18 -38.38 24.26
C GLY F 73 -24.18 -38.29 23.12
N ARG F 74 -25.23 -37.48 23.28
CA ARG F 74 -26.42 -37.55 22.38
C ARG F 74 -26.44 -36.52 21.26
N TRP F 75 -25.35 -35.76 21.13
CA TRP F 75 -25.21 -34.68 20.12
C TRP F 75 -25.99 -34.92 18.83
N ALA F 76 -25.54 -35.87 18.02
CA ALA F 76 -26.21 -36.13 16.76
C ALA F 76 -27.74 -36.31 16.91
N GLU F 77 -28.17 -36.99 17.97
CA GLU F 77 -29.59 -37.21 18.22
C GLU F 77 -30.34 -35.89 18.42
N GLN F 78 -29.82 -35.06 19.34
CA GLN F 78 -30.43 -33.77 19.68
C GLN F 78 -30.63 -32.85 18.45
N VAL F 79 -29.66 -32.82 17.55
CA VAL F 79 -29.82 -32.08 16.31
C VAL F 79 -31.11 -32.44 15.53
N LYS F 80 -31.31 -33.73 15.28
CA LYS F 80 -32.48 -34.25 14.57
C LYS F 80 -33.83 -33.82 15.16
N GLU F 81 -33.98 -33.93 16.48
CA GLU F 81 -35.17 -33.46 17.18
C GLU F 81 -35.49 -32.00 16.82
N MET F 82 -34.47 -31.16 16.88
CA MET F 82 -34.57 -29.79 16.42
C MET F 82 -34.99 -29.74 14.96
N CYS F 83 -34.35 -30.53 14.11
CA CYS F 83 -34.68 -30.54 12.68
C CYS F 83 -36.13 -30.99 12.41
N ARG F 84 -36.65 -31.97 13.15
CA ARG F 84 -38.03 -32.45 12.97
C ARG F 84 -39.05 -31.43 13.44
N SER F 85 -38.75 -30.77 14.56
CA SER F 85 -39.67 -29.78 15.11
C SER F 85 -39.88 -28.61 14.13
N LEU F 86 -38.83 -28.21 13.44
CA LEU F 86 -38.98 -27.21 12.42
C LEU F 86 -39.95 -27.72 11.38
N ARG F 87 -39.67 -28.91 10.86
CA ARG F 87 -40.52 -29.56 9.85
C ARG F 87 -41.97 -29.68 10.27
N ARG F 88 -42.25 -29.88 11.54
CA ARG F 88 -43.65 -29.96 11.92
C ARG F 88 -44.33 -28.60 11.87
N MET F 89 -43.57 -27.57 12.22
CA MET F 89 -44.06 -26.20 12.15
C MET F 89 -44.59 -25.95 10.76
N PHE F 90 -43.75 -26.26 9.76
CA PHE F 90 -44.10 -26.02 8.37
C PHE F 90 -45.28 -26.87 7.98
N LEU F 91 -45.39 -28.06 8.60
CA LEU F 91 -46.48 -29.03 8.32
C LEU F 91 -47.82 -28.60 8.83
N ALA F 92 -47.85 -27.88 9.95
CA ALA F 92 -49.11 -27.45 10.57
C ALA F 92 -49.75 -26.11 10.09
N HIS F 93 -49.03 -25.36 9.23
CA HIS F 93 -49.56 -24.11 8.59
C HIS F 93 -49.27 -24.08 7.07
N ARG F 94 -50.29 -23.82 6.24
CA ARG F 94 -50.07 -23.89 4.77
C ARG F 94 -49.16 -22.76 4.24
N ASP F 95 -48.59 -22.95 3.05
CA ASP F 95 -47.78 -21.91 2.38
C ASP F 95 -46.64 -21.24 3.20
N LEU F 96 -46.47 -21.64 4.46
CA LEU F 96 -45.47 -21.00 5.32
C LEU F 96 -44.04 -21.07 4.79
N ALA F 97 -43.73 -22.17 4.07
CA ALA F 97 -42.44 -22.31 3.40
C ALA F 97 -42.27 -21.27 2.33
N ARG F 98 -43.30 -21.08 1.51
CA ARG F 98 -43.25 -20.16 0.37
C ARG F 98 -42.67 -18.80 0.81
N ILE F 99 -43.33 -18.19 1.80
CA ILE F 99 -42.81 -17.07 2.59
C ILE F 99 -41.31 -17.23 3.02
N ALA F 100 -41.05 -18.24 3.84
CA ALA F 100 -39.71 -18.47 4.38
C ALA F 100 -38.61 -18.18 3.39
N ILE F 101 -38.62 -18.89 2.26
CA ILE F 101 -37.56 -18.88 1.24
C ILE F 101 -37.39 -17.47 0.59
N ASP F 102 -37.81 -16.44 1.35
CA ASP F 102 -37.67 -15.06 0.91
C ASP F 102 -37.05 -14.15 1.99
N ARG F 103 -37.11 -14.61 3.24
CA ARG F 103 -36.89 -13.77 4.42
C ARG F 103 -35.72 -14.26 5.29
N VAL F 104 -35.13 -13.36 6.08
CA VAL F 104 -34.24 -13.82 7.17
C VAL F 104 -35.01 -13.95 8.48
N PRO F 105 -34.55 -14.88 9.36
CA PRO F 105 -34.88 -14.82 10.80
C PRO F 105 -34.04 -13.73 11.54
N LEU F 106 -34.24 -12.46 11.17
CA LEU F 106 -33.75 -11.33 11.97
C LEU F 106 -34.74 -10.95 13.10
N GLY F 107 -35.87 -11.67 13.21
CA GLY F 107 -36.90 -11.34 14.20
C GLY F 107 -36.40 -11.71 15.58
N PRO F 108 -36.88 -11.00 16.61
CA PRO F 108 -36.49 -11.25 18.01
C PRO F 108 -36.48 -12.74 18.32
N ASN F 109 -37.63 -13.36 18.13
CA ASN F 109 -37.78 -14.78 18.25
C ASN F 109 -36.65 -15.50 17.56
N GLY F 110 -36.48 -15.19 16.27
CA GLY F 110 -35.45 -15.77 15.40
C GLY F 110 -34.09 -15.77 16.05
N MET F 111 -33.75 -14.63 16.62
CA MET F 111 -32.45 -14.48 17.24
C MET F 111 -32.19 -15.35 18.46
N VAL F 112 -33.22 -15.65 19.24
CA VAL F 112 -33.00 -16.44 20.44
C VAL F 112 -32.50 -17.81 20.03
N GLY F 113 -33.15 -18.37 19.01
CA GLY F 113 -32.91 -19.75 18.60
C GLY F 113 -31.65 -19.89 17.79
N MET F 114 -31.29 -18.82 17.08
CA MET F 114 -29.98 -18.82 16.44
C MET F 114 -28.89 -19.01 17.51
N GLU F 115 -28.90 -18.19 18.55
CA GLU F 115 -28.04 -18.45 19.70
C GLU F 115 -28.16 -19.88 20.24
N ARG F 116 -29.39 -20.37 20.44
CA ARG F 116 -29.63 -21.72 21.00
C ARG F 116 -29.06 -22.85 20.13
N THR F 117 -29.46 -22.84 18.85
CA THR F 117 -28.93 -23.74 17.84
C THR F 117 -27.41 -23.77 17.79
N MET F 118 -26.78 -22.60 17.68
CA MET F 118 -25.35 -22.48 17.39
C MET F 118 -24.54 -22.97 18.57
N ASN F 119 -25.12 -22.79 19.74
CA ASN F 119 -24.55 -23.28 20.94
C ASN F 119 -24.48 -24.82 20.88
N LEU F 120 -25.59 -25.46 20.51
CA LEU F 120 -25.64 -26.92 20.38
C LEU F 120 -24.62 -27.45 19.37
N LEU F 121 -24.65 -26.92 18.14
CA LEU F 121 -23.75 -27.32 17.06
C LEU F 121 -22.26 -27.23 17.47
N ARG F 122 -21.87 -26.07 18.01
CA ARG F 122 -20.51 -25.86 18.51
C ARG F 122 -20.14 -26.73 19.72
N SER F 123 -21.13 -27.35 20.36
CA SER F 123 -20.86 -28.34 21.40
C SER F 123 -20.36 -29.71 20.88
N GLY F 124 -20.42 -29.96 19.57
CA GLY F 124 -20.00 -31.25 19.04
C GLY F 124 -18.56 -31.32 18.59
N GLY F 125 -17.88 -30.17 18.63
CA GLY F 125 -16.51 -30.05 18.10
C GLY F 125 -16.41 -29.31 16.78
N LEU F 126 -17.33 -28.38 16.53
CA LEU F 126 -17.36 -27.65 15.27
C LEU F 126 -16.68 -26.29 15.33
N HIS F 127 -15.50 -26.21 14.71
CA HIS F 127 -14.76 -24.96 14.65
C HIS F 127 -15.68 -23.89 14.09
N ASP F 128 -15.40 -22.64 14.47
CA ASP F 128 -16.26 -21.51 14.10
C ASP F 128 -17.04 -21.69 12.78
N GLU F 129 -16.31 -21.77 11.67
CA GLU F 129 -16.92 -21.85 10.31
C GLU F 129 -17.93 -22.99 10.18
N LEU F 130 -17.44 -24.22 10.18
CA LEU F 130 -18.29 -25.42 10.16
C LEU F 130 -19.65 -25.20 10.83
N ALA F 131 -19.62 -24.54 11.98
CA ALA F 131 -20.81 -24.42 12.79
C ALA F 131 -21.77 -23.38 12.25
N ALA F 132 -21.26 -22.26 11.77
CA ALA F 132 -22.11 -21.17 11.26
C ALA F 132 -22.79 -21.51 9.92
N TYR F 133 -22.11 -22.31 9.08
CA TYR F 133 -22.72 -22.82 7.86
C TYR F 133 -23.44 -24.14 8.07
N GLY F 134 -22.90 -24.99 8.95
CA GLY F 134 -23.65 -26.14 9.37
C GLY F 134 -25.09 -25.72 9.54
N GLY F 135 -25.29 -24.63 10.26
CA GLY F 135 -26.62 -24.14 10.60
C GLY F 135 -27.40 -23.74 9.37
N ASP F 136 -26.90 -22.70 8.74
CA ASP F 136 -27.39 -22.24 7.45
C ASP F 136 -27.79 -23.38 6.54
N LEU F 137 -26.94 -24.42 6.47
CA LEU F 137 -27.16 -25.60 5.63
C LEU F 137 -28.39 -26.34 6.07
N LEU F 138 -28.49 -26.52 7.36
CA LEU F 138 -29.54 -27.35 7.87
C LEU F 138 -30.86 -26.66 7.58
N SER F 139 -30.85 -25.31 7.63
CA SER F 139 -32.05 -24.50 7.46
C SER F 139 -32.64 -24.73 6.10
N THR F 140 -31.82 -24.45 5.10
CA THR F 140 -32.19 -24.71 3.73
C THR F 140 -32.84 -26.08 3.53
N PHE F 141 -32.16 -27.15 3.94
CA PHE F 141 -32.64 -28.51 3.66
C PHE F 141 -34.09 -28.70 4.14
N VAL F 142 -34.36 -28.33 5.39
CA VAL F 142 -35.67 -28.54 6.01
C VAL F 142 -36.75 -27.68 5.33
N THR F 143 -36.35 -26.48 4.89
CA THR F 143 -37.21 -25.55 4.17
C THR F 143 -37.58 -26.19 2.84
N ALA F 144 -36.57 -26.54 2.06
CA ALA F 144 -36.76 -27.17 0.74
C ALA F 144 -37.70 -28.38 0.81
N GLU F 145 -37.42 -29.29 1.74
CA GLU F 145 -38.23 -30.47 1.94
C GLU F 145 -39.72 -30.16 2.03
N ALA F 146 -40.05 -29.17 2.86
CA ALA F 146 -41.45 -28.93 3.21
C ALA F 146 -42.17 -28.27 2.06
N LEU F 147 -41.46 -27.44 1.31
CA LEU F 147 -41.99 -26.89 0.07
C LEU F 147 -42.40 -28.06 -0.82
N GLU F 148 -41.43 -28.95 -1.04
CA GLU F 148 -41.64 -30.19 -1.76
C GLU F 148 -42.76 -31.03 -1.19
N GLN F 149 -42.79 -31.23 0.13
CA GLN F 149 -43.90 -32.00 0.70
C GLN F 149 -45.24 -31.32 0.36
N SER F 150 -45.35 -30.02 0.64
CA SER F 150 -46.58 -29.25 0.37
C SER F 150 -47.06 -29.34 -1.08
N SER F 151 -46.11 -29.52 -1.99
CA SER F 151 -46.42 -29.73 -3.41
C SER F 151 -47.12 -31.09 -3.72
N ARG F 152 -47.01 -32.07 -2.81
CA ARG F 152 -47.73 -33.34 -2.95
C ARG F 152 -49.18 -33.13 -2.54
N ASN F 153 -49.44 -31.98 -1.91
CA ASN F 153 -50.76 -31.56 -1.41
C ASN F 153 -51.34 -32.18 -0.11
N PRO F 154 -50.47 -32.72 0.79
CA PRO F 154 -50.99 -33.47 1.96
C PRO F 154 -51.06 -32.62 3.24
N GLY F 155 -51.27 -33.29 4.38
CA GLY F 155 -51.42 -32.60 5.68
C GLY F 155 -52.79 -32.82 6.32
N THR F 156 -53.88 -32.43 5.64
CA THR F 156 -53.89 -31.75 4.34
C THR F 156 -53.62 -30.23 4.50
N ALA F 163 -53.02 -35.95 -6.47
CA ALA F 163 -51.67 -35.84 -7.05
C ALA F 163 -50.83 -37.10 -7.32
N GLY F 164 -50.80 -38.03 -6.37
CA GLY F 164 -50.15 -39.33 -6.58
C GLY F 164 -50.52 -40.01 -7.90
N VAL F 165 -51.51 -39.45 -8.60
CA VAL F 165 -51.90 -39.87 -9.95
C VAL F 165 -50.85 -39.48 -10.99
N PHE F 166 -50.41 -38.21 -10.94
CA PHE F 166 -49.33 -37.70 -11.79
C PHE F 166 -48.03 -38.49 -11.62
N ALA F 167 -47.56 -38.60 -10.38
CA ALA F 167 -46.28 -39.26 -10.07
C ALA F 167 -46.24 -40.69 -10.60
N ASP F 168 -47.22 -41.51 -10.22
CA ASP F 168 -47.41 -42.84 -10.82
C ASP F 168 -47.22 -42.82 -12.35
N GLN F 169 -47.62 -41.72 -12.98
CA GLN F 169 -47.55 -41.56 -14.44
C GLN F 169 -46.16 -41.11 -14.93
N LEU F 170 -45.31 -40.73 -13.99
CA LEU F 170 -43.89 -40.43 -14.24
C LEU F 170 -43.03 -41.69 -14.01
N HIS F 171 -43.61 -42.65 -13.29
CA HIS F 171 -43.02 -43.98 -13.07
C HIS F 171 -43.18 -44.81 -14.33
N GLY F 172 -44.41 -44.96 -14.80
CA GLY F 172 -44.69 -45.67 -16.05
C GLY F 172 -43.78 -45.16 -17.15
N TYR F 173 -43.88 -43.85 -17.39
CA TYR F 173 -43.13 -43.18 -18.43
C TYR F 173 -41.63 -43.52 -18.40
N LEU F 174 -40.97 -43.25 -17.28
CA LEU F 174 -39.54 -43.54 -17.10
C LEU F 174 -39.21 -45.03 -17.29
N LYS F 175 -40.04 -45.91 -16.72
CA LYS F 175 -39.88 -47.37 -16.87
C LYS F 175 -39.93 -47.77 -18.32
N SER F 176 -40.68 -47.01 -19.13
CA SER F 176 -40.90 -47.37 -20.52
C SER F 176 -39.89 -46.80 -21.53
N LEU F 177 -38.78 -46.28 -21.04
CA LEU F 177 -37.69 -45.82 -21.91
C LEU F 177 -37.00 -47.03 -22.58
N PRO F 178 -36.30 -46.82 -23.71
CA PRO F 178 -35.43 -47.88 -24.24
C PRO F 178 -34.36 -48.30 -23.22
N ALA F 179 -34.40 -49.56 -22.82
CA ALA F 179 -33.60 -50.08 -21.72
C ALA F 179 -32.08 -49.93 -21.89
N THR F 180 -31.59 -49.94 -23.13
CA THR F 180 -30.15 -49.86 -23.39
C THR F 180 -29.57 -48.45 -23.30
N SER F 181 -30.34 -47.45 -23.75
CA SER F 181 -29.90 -46.05 -23.76
C SER F 181 -30.09 -45.36 -22.41
N PHE F 182 -30.94 -45.92 -21.56
CA PHE F 182 -31.24 -45.32 -20.26
C PHE F 182 -31.30 -46.36 -19.16
N PRO F 183 -30.22 -47.17 -19.01
CA PRO F 183 -30.18 -48.22 -17.99
C PRO F 183 -30.41 -47.71 -16.55
N ASN F 184 -29.65 -46.69 -16.13
CA ASN F 184 -29.74 -46.15 -14.76
C ASN F 184 -31.13 -45.59 -14.43
N LEU F 185 -31.70 -44.86 -15.40
CA LEU F 185 -33.06 -44.31 -15.30
C LEU F 185 -34.11 -45.44 -15.30
N VAL F 186 -33.94 -46.44 -16.16
CA VAL F 186 -34.80 -47.63 -16.11
C VAL F 186 -34.76 -48.31 -14.74
N HIS F 187 -33.56 -48.65 -14.25
CA HIS F 187 -33.32 -49.40 -12.98
C HIS F 187 -33.80 -48.62 -11.72
N LEU F 188 -33.71 -47.31 -11.77
CA LEU F 188 -34.09 -46.45 -10.63
C LEU F 188 -35.49 -45.78 -10.77
N ALA F 189 -36.36 -46.34 -11.61
CA ALA F 189 -37.66 -45.73 -11.84
C ALA F 189 -38.41 -45.34 -10.56
N GLY F 190 -38.42 -46.24 -9.57
CA GLY F 190 -39.26 -46.09 -8.37
C GLY F 190 -38.77 -45.05 -7.41
N PRO F 191 -37.58 -45.29 -6.82
CA PRO F 191 -36.91 -44.37 -5.91
C PRO F 191 -36.77 -42.92 -6.42
N ILE F 192 -36.92 -42.65 -7.72
CA ILE F 192 -36.81 -41.27 -8.25
C ILE F 192 -38.18 -40.56 -8.24
N THR F 193 -39.18 -41.26 -8.80
CA THR F 193 -40.52 -40.71 -9.05
C THR F 193 -41.22 -40.61 -7.73
N SER F 194 -41.69 -41.75 -7.23
CA SER F 194 -42.32 -41.82 -5.93
C SER F 194 -41.30 -42.20 -4.85
N LEU F 195 -41.45 -41.54 -3.69
CA LEU F 195 -40.69 -41.83 -2.50
C LEU F 195 -41.44 -41.25 -1.32
N ASP F 196 -41.81 -42.13 -0.39
CA ASP F 196 -42.27 -41.70 0.90
C ASP F 196 -41.48 -40.47 1.40
N SER F 197 -42.22 -39.43 1.75
CA SER F 197 -41.66 -38.17 2.22
C SER F 197 -40.90 -38.32 3.56
N ASP F 198 -41.46 -39.14 4.45
CA ASP F 198 -40.84 -39.46 5.76
C ASP F 198 -39.49 -40.19 5.60
N ARG F 199 -39.35 -40.97 4.52
CA ARG F 199 -38.11 -41.60 4.19
C ARG F 199 -37.11 -40.57 3.60
N ARG F 200 -37.55 -39.70 2.70
CA ARG F 200 -36.59 -38.78 2.06
C ARG F 200 -35.92 -37.77 3.05
N PHE F 201 -36.55 -37.57 4.18
CA PHE F 201 -36.15 -36.61 5.18
C PHE F 201 -35.08 -37.24 6.01
N GLU F 202 -35.38 -38.39 6.56
CA GLU F 202 -34.46 -39.09 7.45
C GLU F 202 -33.14 -39.36 6.74
N LEU F 203 -33.17 -39.62 5.45
CA LEU F 203 -31.95 -39.85 4.67
C LEU F 203 -31.04 -38.64 4.59
N GLY F 204 -31.62 -37.47 4.31
CA GLY F 204 -30.83 -36.27 4.11
C GLY F 204 -30.30 -35.73 5.42
N LEU F 205 -31.02 -36.06 6.49
CA LEU F 205 -30.65 -35.62 7.80
C LEU F 205 -29.36 -36.34 8.15
N GLU F 206 -29.43 -37.67 8.10
CA GLU F 206 -28.27 -38.52 8.28
C GLU F 206 -27.17 -38.07 7.37
N ILE F 207 -27.42 -38.02 6.06
CA ILE F 207 -26.39 -37.54 5.14
C ILE F 207 -25.65 -36.30 5.68
N ILE F 208 -26.36 -35.20 5.88
CA ILE F 208 -25.69 -33.96 6.30
C ILE F 208 -25.00 -34.10 7.67
N ILE F 209 -25.71 -34.66 8.64
CA ILE F 209 -25.11 -34.83 9.96
C ILE F 209 -23.77 -35.55 9.84
N ALA F 210 -23.77 -36.74 9.25
CA ALA F 210 -22.52 -37.47 8.98
C ALA F 210 -21.50 -36.59 8.25
N GLY F 211 -21.97 -35.84 7.25
CA GLY F 211 -21.14 -34.90 6.50
C GLY F 211 -20.47 -33.87 7.39
N LEU F 212 -21.23 -33.32 8.34
CA LEU F 212 -20.67 -32.40 9.33
C LEU F 212 -19.71 -33.14 10.27
N LEU F 213 -20.09 -34.35 10.67
CA LEU F 213 -19.25 -35.17 11.53
C LEU F 213 -17.85 -35.46 10.95
N ALA F 214 -17.79 -35.73 9.65
CA ALA F 214 -16.50 -35.87 8.96
C ALA F 214 -15.69 -34.59 9.09
N GLY F 215 -16.40 -33.47 9.03
CA GLY F 215 -15.79 -32.14 9.16
C GLY F 215 -15.10 -31.89 10.49
N ALA F 216 -15.60 -32.50 11.57
CA ALA F 216 -15.00 -32.37 12.90
C ALA F 216 -13.60 -32.98 13.03
N GLY F 217 -13.39 -34.22 12.53
CA GLY F 217 -12.07 -34.88 12.55
C GLY F 217 -11.56 -35.21 13.96
N GLU F 218 -10.25 -35.00 14.19
CA GLU F 218 -9.60 -35.31 15.49
C GLU F 218 -9.98 -34.31 16.58
N MET G 3 24.62 15.09 2.32
CA MET G 3 23.92 15.97 1.32
C MET G 3 22.86 15.27 0.45
N ALA G 4 21.63 15.76 0.54
CA ALA G 4 20.57 15.48 -0.42
C ALA G 4 20.74 16.39 -1.67
N PRO G 5 19.91 16.18 -2.73
CA PRO G 5 20.09 16.96 -3.97
C PRO G 5 20.17 18.50 -3.78
N LEU G 6 21.38 18.99 -3.57
CA LEU G 6 21.69 20.41 -3.37
C LEU G 6 21.47 21.33 -4.61
N THR G 7 20.86 22.51 -4.39
CA THR G 7 20.71 23.52 -5.46
C THR G 7 20.78 24.95 -4.96
N GLN G 8 21.08 25.85 -5.89
CA GLN G 8 21.18 27.27 -5.58
C GLN G 8 19.89 27.81 -4.98
N ASP G 9 18.90 26.93 -4.76
CA ASP G 9 17.60 27.35 -4.23
C ASP G 9 17.32 26.70 -2.95
N ARG G 10 17.80 25.48 -2.78
CA ARG G 10 17.60 24.85 -1.49
C ARG G 10 18.61 25.42 -0.51
N ILE G 11 19.76 25.81 -1.05
CA ILE G 11 20.79 26.45 -0.27
C ILE G 11 20.28 27.79 0.27
N VAL G 12 19.61 28.55 -0.59
CA VAL G 12 19.18 29.91 -0.22
C VAL G 12 18.05 29.88 0.79
N VAL G 13 17.01 29.15 0.44
CA VAL G 13 15.88 28.91 1.33
C VAL G 13 16.35 28.48 2.74
N THR G 14 17.51 27.81 2.78
CA THR G 14 18.15 27.39 4.03
C THR G 14 18.81 28.56 4.76
N ALA G 15 19.61 29.35 4.05
CA ALA G 15 20.29 30.48 4.68
C ALA G 15 19.27 31.35 5.37
N LEU G 16 18.30 31.86 4.60
CA LEU G 16 17.25 32.71 5.12
C LEU G 16 16.64 32.09 6.37
N GLY G 17 16.36 30.79 6.34
CA GLY G 17 15.84 30.08 7.50
C GLY G 17 16.58 30.41 8.78
N ILE G 18 17.91 30.26 8.75
CA ILE G 18 18.76 30.56 9.88
C ILE G 18 18.64 32.02 10.28
N LEU G 19 18.53 32.87 9.26
CA LEU G 19 18.72 34.33 9.40
C LEU G 19 17.58 34.96 10.15
N ASP G 20 16.34 34.59 9.81
CA ASP G 20 15.17 34.95 10.63
C ASP G 20 15.42 34.53 12.05
N ALA G 21 15.71 33.25 12.18
CA ALA G 21 15.81 32.59 13.47
C ALA G 21 16.79 33.28 14.41
N GLU G 22 17.96 33.64 13.90
CA GLU G 22 19.09 33.94 14.75
C GLU G 22 19.85 35.24 14.42
N GLY G 23 19.62 35.79 13.24
CA GLY G 23 20.20 37.09 12.89
C GLY G 23 21.47 37.03 12.05
N LEU G 24 21.92 38.20 11.59
CA LEU G 24 23.00 38.30 10.60
C LEU G 24 24.31 37.62 10.97
N ASP G 25 24.81 37.84 12.17
CA ASP G 25 26.15 37.33 12.55
C ASP G 25 26.22 35.81 12.72
N ALA G 26 25.08 35.18 13.01
CA ALA G 26 25.02 33.73 13.13
C ALA G 26 25.10 33.08 11.76
N LEU G 27 24.83 33.86 10.73
CA LEU G 27 25.03 33.38 9.37
C LEU G 27 26.50 33.42 8.98
N SER G 28 27.10 32.23 8.92
CA SER G 28 28.42 32.07 8.34
C SER G 28 28.42 30.88 7.37
N MET G 29 29.46 30.80 6.56
CA MET G 29 29.61 29.67 5.66
C MET G 29 29.60 28.33 6.45
N ARG G 30 30.58 28.15 7.33
CA ARG G 30 30.62 26.94 8.16
C ARG G 30 29.32 26.62 8.93
N ARG G 31 28.62 27.65 9.39
CA ARG G 31 27.33 27.47 10.03
C ARG G 31 26.37 26.83 9.04
N LEU G 32 26.23 27.48 7.88
CA LEU G 32 25.37 27.03 6.79
C LEU G 32 25.62 25.58 6.35
N ALA G 33 26.83 25.31 5.85
CA ALA G 33 27.22 23.95 5.43
C ALA G 33 26.93 22.90 6.50
N GLN G 34 26.85 23.34 7.76
CA GLN G 34 26.56 22.45 8.87
C GLN G 34 25.10 22.04 8.76
N GLU G 35 24.21 23.01 8.77
CA GLU G 35 22.77 22.77 8.72
C GLU G 35 22.41 21.78 7.61
N LEU G 36 22.96 21.99 6.42
CA LEU G 36 22.68 21.20 5.22
C LEU G 36 23.34 19.81 5.13
N LYS G 37 24.24 19.48 6.07
CA LYS G 37 24.88 18.14 6.14
C LYS G 37 25.88 17.83 5.01
N THR G 38 26.69 18.84 4.64
CA THR G 38 27.62 18.75 3.51
C THR G 38 29.00 19.34 3.79
N GLY G 39 29.89 19.22 2.81
CA GLY G 39 31.22 19.82 2.86
C GLY G 39 31.29 21.14 2.12
N HIS G 40 32.28 21.94 2.48
CA HIS G 40 32.53 23.27 1.86
C HIS G 40 32.55 23.27 0.33
N ALA G 41 32.99 22.15 -0.27
CA ALA G 41 32.96 21.93 -1.70
C ALA G 41 31.63 22.35 -2.31
N SER G 42 30.59 21.57 -1.98
CA SER G 42 29.24 21.76 -2.50
C SER G 42 28.72 23.16 -2.29
N LEU G 43 28.98 23.73 -1.13
CA LEU G 43 28.52 25.06 -0.82
C LEU G 43 29.21 26.06 -1.73
N TYR G 44 30.53 26.17 -1.64
CA TYR G 44 31.25 27.19 -2.38
C TYR G 44 30.96 27.10 -3.85
N ALA G 45 30.59 25.90 -4.30
CA ALA G 45 30.21 25.72 -5.71
C ALA G 45 29.02 26.63 -6.17
N HIS G 46 27.85 26.44 -5.58
CA HIS G 46 26.65 27.14 -6.06
C HIS G 46 26.64 28.64 -5.77
N VAL G 47 27.37 29.09 -4.73
CA VAL G 47 27.13 30.43 -4.16
C VAL G 47 28.32 31.30 -3.70
N GLY G 48 29.45 30.69 -3.36
CA GLY G 48 30.69 31.48 -3.20
C GLY G 48 31.23 31.81 -1.81
N ASN G 49 31.63 33.06 -1.61
CA ASN G 49 31.95 33.54 -0.28
C ASN G 49 30.68 34.12 0.36
N ARG G 50 30.81 34.92 1.42
CA ARG G 50 29.63 35.32 2.21
C ARG G 50 28.81 36.43 1.54
N ASP G 51 29.50 37.33 0.84
CA ASP G 51 28.90 38.44 0.11
C ASP G 51 27.87 37.98 -0.90
N GLU G 52 28.37 37.30 -1.93
CA GLU G 52 27.52 36.69 -2.94
C GLU G 52 26.27 36.02 -2.34
N LEU G 53 26.47 35.29 -1.25
CA LEU G 53 25.39 34.59 -0.61
C LEU G 53 24.27 35.53 -0.15
N LEU G 54 24.64 36.62 0.53
CA LEU G 54 23.67 37.62 0.93
C LEU G 54 22.88 38.18 -0.26
N ASP G 55 23.52 38.38 -1.40
CA ASP G 55 22.84 38.89 -2.59
C ASP G 55 21.75 37.94 -3.03
N LEU G 56 22.10 36.65 -3.04
CA LEU G 56 21.15 35.62 -3.43
C LEU G 56 20.03 35.57 -2.44
N VAL G 57 20.37 35.61 -1.15
CA VAL G 57 19.35 35.71 -0.09
C VAL G 57 18.41 36.90 -0.35
N PHE G 58 19.00 38.07 -0.59
CA PHE G 58 18.22 39.27 -0.87
C PHE G 58 17.24 39.14 -2.04
N ASP G 59 17.76 38.62 -3.16
CA ASP G 59 16.95 38.52 -4.35
C ASP G 59 15.71 37.62 -4.21
N ILE G 60 15.86 36.50 -3.51
CA ILE G 60 14.78 35.51 -3.40
C ILE G 60 13.58 36.05 -2.62
N VAL G 61 13.82 36.72 -1.49
CA VAL G 61 12.70 37.21 -0.67
C VAL G 61 11.90 38.25 -1.40
N LEU G 62 12.52 38.90 -2.38
CA LEU G 62 11.89 39.96 -3.18
C LEU G 62 10.63 39.53 -3.93
N THR G 63 10.51 38.23 -4.18
CA THR G 63 9.31 37.69 -4.83
C THR G 63 8.05 38.08 -4.07
N GLU G 64 8.21 38.56 -2.84
CA GLU G 64 7.08 38.76 -1.95
C GLU G 64 6.39 40.06 -2.25
N VAL G 65 7.17 41.05 -2.69
CA VAL G 65 6.66 42.39 -2.94
C VAL G 65 5.80 42.34 -4.18
N GLU G 66 5.00 43.37 -4.44
CA GLU G 66 4.15 43.39 -5.64
C GLU G 66 4.08 44.79 -6.25
N VAL G 67 4.44 44.88 -7.52
CA VAL G 67 4.29 46.14 -8.22
C VAL G 67 3.11 46.00 -9.17
N PRO G 68 1.93 46.56 -8.79
CA PRO G 68 0.71 46.34 -9.59
C PRO G 68 0.78 47.01 -10.95
N GLU G 69 0.00 46.47 -11.88
CA GLU G 69 -0.09 46.99 -13.24
C GLU G 69 -0.83 48.35 -13.22
N PRO G 70 -0.33 49.38 -13.96
CA PRO G 70 -0.95 50.74 -13.90
C PRO G 70 -2.46 50.75 -14.18
N GLU G 71 -3.20 51.57 -13.45
CA GLU G 71 -4.67 51.58 -13.58
C GLU G 71 -5.30 52.97 -13.65
N PRO G 72 -6.36 53.11 -14.48
CA PRO G 72 -7.20 54.29 -14.61
C PRO G 72 -7.49 55.02 -13.30
N GLY G 73 -6.69 56.03 -12.99
CA GLY G 73 -6.93 56.91 -11.84
C GLY G 73 -6.87 56.28 -10.46
N ARG G 74 -5.77 55.61 -10.16
CA ARG G 74 -5.53 54.96 -8.87
C ARG G 74 -4.10 55.27 -8.47
N TRP G 75 -3.41 56.01 -9.34
CA TRP G 75 -1.99 56.23 -9.24
C TRP G 75 -1.47 56.37 -7.80
N ALA G 76 -1.86 57.44 -7.08
CA ALA G 76 -1.32 57.71 -5.74
C ALA G 76 -1.42 56.47 -4.85
N GLU G 77 -2.59 55.83 -4.85
CA GLU G 77 -2.81 54.59 -4.08
C GLU G 77 -1.95 53.43 -4.57
N GLN G 78 -1.85 53.31 -5.90
CA GLN G 78 -0.98 52.29 -6.51
C GLN G 78 0.48 52.45 -6.16
N VAL G 79 0.91 53.68 -5.84
CA VAL G 79 2.27 53.91 -5.36
C VAL G 79 2.40 53.54 -3.86
N LYS G 80 1.47 54.01 -3.02
CA LYS G 80 1.35 53.53 -1.61
C LYS G 80 1.25 52.03 -1.42
N GLU G 81 0.42 51.37 -2.21
CA GLU G 81 0.32 49.89 -2.20
C GLU G 81 1.71 49.27 -2.35
N MET G 82 2.34 49.63 -3.45
CA MET G 82 3.69 49.23 -3.80
C MET G 82 4.70 49.37 -2.66
N CYS G 83 4.72 50.54 -2.03
CA CYS G 83 5.62 50.79 -0.93
C CYS G 83 5.24 49.96 0.28
N ARG G 84 3.98 50.09 0.73
CA ARG G 84 3.46 49.37 1.91
C ARG G 84 3.68 47.88 1.80
N SER G 85 3.75 47.39 0.55
CA SER G 85 4.04 45.99 0.27
C SER G 85 5.51 45.71 0.62
N LEU G 86 6.42 46.48 0.02
CA LEU G 86 7.85 46.38 0.29
C LEU G 86 8.16 46.39 1.80
N ARG G 87 7.54 47.30 2.55
CA ARG G 87 7.70 47.41 3.98
C ARG G 87 7.29 46.17 4.72
N ARG G 88 6.18 45.58 4.30
CA ARG G 88 5.65 44.38 4.94
C ARG G 88 6.69 43.29 4.82
N MET G 89 7.30 43.18 3.65
CA MET G 89 8.51 42.38 3.46
C MET G 89 9.60 42.58 4.57
N PHE G 90 10.16 43.78 4.69
CA PHE G 90 11.24 44.01 5.67
C PHE G 90 10.87 43.63 7.11
N LEU G 91 9.59 43.75 7.46
CA LEU G 91 9.13 43.44 8.84
C LEU G 91 9.27 41.96 9.21
N ALA G 92 8.82 41.07 8.33
CA ALA G 92 8.98 39.62 8.53
C ALA G 92 10.44 39.19 8.78
N HIS G 93 11.39 39.80 8.09
CA HIS G 93 12.72 39.23 7.99
C HIS G 93 13.79 40.06 8.69
N ARG G 94 14.23 39.57 9.85
CA ARG G 94 15.32 40.16 10.66
C ARG G 94 16.57 40.66 9.84
N ASP G 95 17.12 41.82 10.22
CA ASP G 95 18.38 42.30 9.65
C ASP G 95 18.43 42.50 8.10
N LEU G 96 17.30 42.38 7.42
CA LEU G 96 17.33 42.42 5.96
C LEU G 96 17.66 43.79 5.48
N ALA G 97 17.23 44.80 6.23
CA ALA G 97 17.48 46.17 5.85
C ALA G 97 18.99 46.49 5.96
N ARG G 98 19.62 46.11 7.09
CA ARG G 98 21.08 46.18 7.31
C ARG G 98 21.87 45.73 6.08
N ILE G 99 21.48 44.60 5.50
CA ILE G 99 21.98 44.10 4.24
C ILE G 99 21.82 45.15 3.14
N ALA G 100 20.57 45.64 3.00
CA ALA G 100 20.20 46.50 1.87
C ALA G 100 21.04 47.77 1.72
N ILE G 101 21.49 48.34 2.84
CA ILE G 101 22.23 49.63 2.84
C ILE G 101 23.49 49.68 1.99
N ASP G 102 24.31 48.61 2.03
CA ASP G 102 25.54 48.53 1.22
C ASP G 102 25.45 47.46 0.10
N ARG G 103 24.27 47.26 -0.51
CA ARG G 103 24.12 46.25 -1.58
C ARG G 103 23.28 46.69 -2.79
N VAL G 104 23.71 46.21 -3.96
CA VAL G 104 23.17 46.57 -5.28
C VAL G 104 21.76 45.99 -5.46
N PRO G 105 20.79 46.79 -5.95
CA PRO G 105 19.42 46.27 -6.09
C PRO G 105 19.31 45.40 -7.36
N LEU G 106 20.26 44.48 -7.52
CA LEU G 106 20.35 43.65 -8.73
C LEU G 106 19.78 42.22 -8.59
N GLY G 107 19.63 41.54 -9.73
CA GLY G 107 19.17 40.17 -9.68
C GLY G 107 17.84 39.95 -10.35
N PRO G 108 17.63 38.72 -10.83
CA PRO G 108 16.41 38.34 -11.51
C PRO G 108 15.23 39.15 -10.99
N ASN G 109 14.83 38.86 -9.74
CA ASN G 109 13.77 39.62 -9.06
C ASN G 109 14.13 41.08 -9.01
N GLY G 110 15.41 41.39 -8.83
CA GLY G 110 15.89 42.77 -8.79
C GLY G 110 15.52 43.66 -9.96
N MET G 111 15.79 43.23 -11.20
CA MET G 111 15.38 44.03 -12.37
C MET G 111 14.02 43.69 -12.98
N VAL G 112 13.44 42.54 -12.68
CA VAL G 112 12.04 42.41 -13.03
C VAL G 112 11.27 43.39 -12.18
N GLY G 113 11.88 43.84 -11.10
CA GLY G 113 11.21 44.75 -10.19
C GLY G 113 11.34 46.24 -10.49
N MET G 114 12.55 46.68 -10.82
CA MET G 114 12.78 48.04 -11.31
C MET G 114 11.92 48.32 -12.54
N GLU G 115 11.85 47.36 -13.45
CA GLU G 115 11.10 47.53 -14.69
C GLU G 115 9.66 47.98 -14.40
N ARG G 116 9.01 47.25 -13.49
CA ARG G 116 7.60 47.49 -13.16
C ARG G 116 7.45 48.72 -12.28
N THR G 117 8.49 49.05 -11.50
CA THR G 117 8.54 50.35 -10.78
C THR G 117 8.62 51.53 -11.77
N MET G 118 9.51 51.47 -12.74
CA MET G 118 9.58 52.52 -13.71
C MET G 118 8.29 52.68 -14.50
N ASN G 119 7.69 51.57 -14.94
CA ASN G 119 6.45 51.64 -15.70
C ASN G 119 5.40 52.51 -15.01
N LEU G 120 4.95 52.05 -13.83
CA LEU G 120 3.98 52.74 -12.97
C LEU G 120 4.24 54.25 -12.74
N LEU G 121 5.50 54.62 -12.50
CA LEU G 121 5.84 56.02 -12.27
C LEU G 121 5.69 56.87 -13.55
N ARG G 122 6.40 56.46 -14.60
CA ARG G 122 6.29 57.08 -15.90
C ARG G 122 4.82 57.15 -16.27
N SER G 123 4.06 56.20 -15.72
CA SER G 123 2.61 56.15 -15.88
C SER G 123 1.86 57.32 -15.20
N GLY G 124 2.55 58.07 -14.35
CA GLY G 124 1.93 59.21 -13.69
C GLY G 124 2.12 60.51 -14.45
N GLY G 125 2.40 60.42 -15.75
CA GLY G 125 2.76 61.60 -16.51
C GLY G 125 3.98 62.25 -15.88
N LEU G 126 4.94 61.41 -15.52
CA LEU G 126 6.21 61.84 -14.94
C LEU G 126 7.35 61.69 -15.95
N HIS G 127 8.16 62.73 -16.06
CA HIS G 127 9.24 62.77 -17.03
C HIS G 127 10.43 61.92 -16.58
N ASP G 128 11.47 61.90 -17.42
CA ASP G 128 12.57 60.96 -17.28
C ASP G 128 13.35 61.10 -15.97
N GLU G 129 14.20 62.11 -15.87
CA GLU G 129 15.00 62.30 -14.67
C GLU G 129 14.20 62.14 -13.38
N LEU G 130 12.97 62.66 -13.36
CA LEU G 130 12.10 62.54 -12.17
C LEU G 130 11.55 61.13 -11.85
N ALA G 131 11.10 60.36 -12.85
CA ALA G 131 10.72 58.97 -12.60
C ALA G 131 11.91 58.06 -12.24
N ALA G 132 13.11 58.34 -12.80
CA ALA G 132 14.35 57.61 -12.50
C ALA G 132 14.71 57.76 -11.03
N TYR G 133 15.12 58.97 -10.68
CA TYR G 133 15.43 59.32 -9.30
C TYR G 133 14.32 58.95 -8.28
N GLY G 134 13.08 59.32 -8.59
CA GLY G 134 11.93 59.08 -7.74
C GLY G 134 11.94 57.73 -7.07
N GLY G 135 11.98 56.67 -7.86
CA GLY G 135 12.06 55.32 -7.33
C GLY G 135 13.21 55.13 -6.34
N ASP G 136 14.40 55.63 -6.70
CA ASP G 136 15.54 55.63 -5.80
C ASP G 136 15.07 56.10 -4.41
N LEU G 137 14.56 57.34 -4.38
CA LEU G 137 14.12 58.03 -3.16
C LEU G 137 13.07 57.25 -2.35
N LEU G 138 12.07 56.71 -3.03
CA LEU G 138 11.06 55.89 -2.38
C LEU G 138 11.70 54.69 -1.69
N SER G 139 12.47 53.90 -2.44
CA SER G 139 13.09 52.70 -1.89
C SER G 139 14.08 53.04 -0.79
N THR G 140 14.80 54.15 -0.97
CA THR G 140 15.66 54.74 0.06
C THR G 140 14.76 55.11 1.26
N PHE G 141 13.73 55.91 1.03
CA PHE G 141 12.82 56.26 2.09
C PHE G 141 12.30 55.06 2.93
N VAL G 142 11.71 54.05 2.27
CA VAL G 142 11.15 52.86 2.92
C VAL G 142 12.18 52.00 3.67
N THR G 143 13.38 51.81 3.09
CA THR G 143 14.49 51.15 3.82
C THR G 143 14.68 51.84 5.16
N ALA G 144 15.18 53.08 5.11
CA ALA G 144 15.50 53.82 6.32
C ALA G 144 14.46 53.59 7.39
N GLU G 145 13.22 53.78 7.01
CA GLU G 145 12.14 53.55 7.92
C GLU G 145 12.28 52.18 8.55
N ALA G 146 12.54 51.19 7.70
CA ALA G 146 12.52 49.79 8.14
C ALA G 146 13.57 49.54 9.20
N LEU G 147 14.75 50.14 9.02
CA LEU G 147 15.78 50.17 10.05
C LEU G 147 15.24 50.81 11.35
N GLU G 148 14.67 51.99 11.23
CA GLU G 148 14.13 52.74 12.36
C GLU G 148 13.28 51.85 13.21
N GLN G 149 12.42 51.08 12.54
CA GLN G 149 11.50 50.20 13.21
C GLN G 149 12.26 48.98 13.73
N SER G 150 13.13 48.43 12.87
CA SER G 150 13.94 47.24 13.16
C SER G 150 14.37 47.25 14.63
N SER G 151 14.88 48.39 15.10
CA SER G 151 15.39 48.54 16.46
C SER G 151 14.37 49.17 17.42
N ARG G 152 13.12 48.73 17.38
CA ARG G 152 12.13 49.23 18.35
C ARG G 152 11.43 48.10 19.07
N GLN G 158 9.40 40.27 25.90
CA GLN G 158 9.02 41.64 26.21
C GLN G 158 8.68 42.44 24.94
N GLY G 159 9.70 42.75 24.13
CA GLY G 159 9.57 43.61 22.94
C GLY G 159 9.86 45.09 23.19
N ARG G 160 8.80 45.89 23.09
CA ARG G 160 8.86 47.35 23.20
C ARG G 160 8.83 47.90 24.66
N GLU G 161 9.60 47.27 25.56
CA GLU G 161 9.72 47.74 26.95
C GLU G 161 10.94 48.62 27.15
N GLN G 162 12.07 48.17 26.59
CA GLN G 162 13.32 48.93 26.59
C GLN G 162 13.11 50.24 25.85
N ALA G 163 12.58 50.13 24.62
CA ALA G 163 12.17 51.27 23.81
C ALA G 163 11.04 52.03 24.47
N GLY G 164 10.09 51.30 25.08
CA GLY G 164 8.95 51.91 25.77
C GLY G 164 9.33 53.02 26.75
N VAL G 165 10.10 52.63 27.76
CA VAL G 165 10.55 53.56 28.79
C VAL G 165 11.53 54.62 28.27
N PHE G 166 12.48 54.24 27.41
CA PHE G 166 13.43 55.19 26.81
C PHE G 166 12.69 56.35 26.17
N ALA G 167 11.78 55.99 25.27
CA ALA G 167 10.89 56.98 24.69
C ALA G 167 10.23 57.81 25.79
N ASP G 168 9.70 57.16 26.83
CA ASP G 168 8.97 57.94 27.82
C ASP G 168 9.87 58.83 28.66
N GLN G 169 11.06 58.35 28.99
CA GLN G 169 12.02 59.19 29.71
C GLN G 169 12.54 60.33 28.85
N LEU G 170 12.65 60.09 27.55
CA LEU G 170 12.91 61.17 26.59
C LEU G 170 11.74 62.14 26.53
N HIS G 171 10.53 61.61 26.56
CA HIS G 171 9.33 62.44 26.53
C HIS G 171 9.22 63.23 27.82
N GLY G 172 9.83 62.73 28.88
CA GLY G 172 9.75 63.40 30.18
C GLY G 172 10.70 64.57 30.29
N TYR G 173 11.92 64.37 29.81
CA TYR G 173 12.96 65.39 29.83
C TYR G 173 12.59 66.61 29.00
N LEU G 174 11.96 66.35 27.85
CA LEU G 174 11.55 67.39 26.93
C LEU G 174 10.56 68.36 27.58
N LYS G 175 9.44 67.84 28.08
CA LYS G 175 8.40 68.66 28.70
C LYS G 175 8.91 69.40 29.93
N SER G 176 9.77 68.76 30.71
CA SER G 176 10.37 69.39 31.91
C SER G 176 11.55 70.32 31.58
N LEU G 177 11.82 70.55 30.30
CA LEU G 177 12.83 71.50 29.86
C LEU G 177 12.24 72.88 30.13
N PRO G 178 13.07 73.94 30.26
CA PRO G 178 12.48 75.27 30.57
C PRO G 178 11.76 75.88 29.36
N ALA G 179 10.61 76.52 29.63
CA ALA G 179 9.70 76.97 28.56
C ALA G 179 10.19 78.24 27.85
N THR G 180 10.81 79.12 28.61
CA THR G 180 11.25 80.40 28.08
C THR G 180 12.38 80.22 27.04
N SER G 181 13.28 79.28 27.29
CA SER G 181 14.39 79.02 26.37
C SER G 181 14.10 77.94 25.32
N PHE G 182 13.06 77.14 25.57
CA PHE G 182 12.70 76.00 24.69
C PHE G 182 11.19 75.90 24.40
N PRO G 183 10.59 76.97 23.85
CA PRO G 183 9.14 76.89 23.67
C PRO G 183 8.68 75.70 22.80
N ASN G 184 9.33 75.51 21.64
CA ASN G 184 8.95 74.51 20.62
C ASN G 184 9.01 73.03 21.05
N LEU G 185 10.10 72.66 21.70
CA LEU G 185 10.36 71.29 22.14
C LEU G 185 9.45 70.91 23.31
N VAL G 186 9.16 71.89 24.16
CA VAL G 186 8.15 71.75 25.20
C VAL G 186 6.80 71.48 24.55
N HIS G 187 6.52 72.22 23.48
CA HIS G 187 5.29 72.10 22.72
C HIS G 187 5.17 70.78 21.92
N LEU G 188 6.32 70.19 21.58
CA LEU G 188 6.36 69.11 20.63
C LEU G 188 6.98 67.83 21.19
N ALA G 189 6.98 67.66 22.50
CA ALA G 189 7.47 66.43 23.14
C ALA G 189 6.80 65.12 22.64
N GLY G 190 5.52 65.20 22.29
CA GLY G 190 4.80 64.05 21.74
C GLY G 190 5.27 63.64 20.35
N PRO G 191 4.85 64.36 19.31
CA PRO G 191 5.28 64.23 17.92
C PRO G 191 6.78 63.93 17.64
N ILE G 192 7.68 64.14 18.62
CA ILE G 192 9.06 63.70 18.45
C ILE G 192 9.26 62.27 18.96
N THR G 193 8.89 62.06 20.22
CA THR G 193 8.98 60.75 20.87
C THR G 193 7.93 59.73 20.42
N SER G 194 6.87 60.16 19.71
CA SER G 194 5.87 59.22 19.21
C SER G 194 6.53 57.99 18.65
N LEU G 195 6.15 56.84 19.18
CA LEU G 195 6.66 55.55 18.72
C LEU G 195 5.60 54.79 17.97
N ASP G 196 4.90 55.56 17.17
CA ASP G 196 3.86 55.09 16.28
C ASP G 196 4.39 55.12 14.86
N SER G 197 5.09 54.05 14.50
CA SER G 197 5.74 53.97 13.20
C SER G 197 4.76 53.90 12.04
N ASP G 198 3.64 53.20 12.23
CA ASP G 198 2.59 53.07 11.20
C ASP G 198 2.17 54.41 10.58
N ARG G 199 1.85 55.37 11.44
CA ARG G 199 1.33 56.69 11.03
C ARG G 199 2.42 57.62 10.54
N ARG G 200 3.61 57.49 11.12
CA ARG G 200 4.77 58.27 10.67
C ARG G 200 5.13 57.85 9.25
N PHE G 201 4.80 56.60 8.95
CA PHE G 201 5.11 55.98 7.68
C PHE G 201 4.18 56.48 6.59
N GLU G 202 2.87 56.44 6.86
CA GLU G 202 1.86 56.99 5.95
C GLU G 202 2.11 58.45 5.69
N LEU G 203 2.70 59.16 6.67
CA LEU G 203 3.07 60.57 6.47
C LEU G 203 4.18 60.71 5.46
N GLY G 204 5.32 60.07 5.73
CA GLY G 204 6.46 60.17 4.83
C GLY G 204 6.02 59.94 3.40
N LEU G 205 4.97 59.13 3.21
CA LEU G 205 4.46 58.81 1.88
C LEU G 205 3.59 59.92 1.27
N GLU G 206 2.53 60.30 1.98
CA GLU G 206 1.75 61.47 1.60
C GLU G 206 2.69 62.55 1.07
N ILE G 207 3.78 62.79 1.80
CA ILE G 207 4.69 63.88 1.52
C ILE G 207 5.50 63.68 0.24
N ILE G 208 6.25 62.59 0.16
CA ILE G 208 7.08 62.32 -1.01
C ILE G 208 6.20 62.39 -2.23
N ILE G 209 5.07 61.69 -2.16
CA ILE G 209 4.16 61.53 -3.28
C ILE G 209 3.60 62.84 -3.80
N ALA G 210 3.16 63.70 -2.89
CA ALA G 210 2.72 65.03 -3.27
C ALA G 210 3.92 65.84 -3.81
N GLY G 211 5.12 65.60 -3.24
CA GLY G 211 6.35 66.23 -3.74
C GLY G 211 6.65 65.83 -5.18
N LEU G 212 6.26 64.60 -5.51
CA LEU G 212 6.38 64.09 -6.84
C LEU G 212 5.35 64.73 -7.77
N LEU G 213 4.06 64.48 -7.52
CA LEU G 213 2.95 65.13 -8.25
C LEU G 213 3.14 66.62 -8.48
N ALA G 214 3.53 67.33 -7.43
CA ALA G 214 3.93 68.74 -7.52
C ALA G 214 5.16 68.86 -8.40
N GLY G 215 6.21 68.10 -8.07
CA GLY G 215 7.41 68.06 -8.90
C GLY G 215 6.94 67.87 -10.33
N ALA G 216 6.15 66.82 -10.52
CA ALA G 216 5.68 66.35 -11.84
C ALA G 216 5.27 67.46 -12.80
N GLY G 217 3.99 67.83 -12.71
CA GLY G 217 3.35 68.79 -13.61
C GLY G 217 3.81 70.21 -13.36
N GLU G 218 5.12 70.43 -13.41
CA GLU G 218 5.68 71.77 -13.25
C GLU G 218 5.52 72.62 -14.51
N ALA G 219 5.68 71.97 -15.68
CA ALA G 219 5.39 72.59 -16.95
C ALA G 219 4.05 73.35 -16.81
N ALA G 220 4.14 74.65 -16.52
CA ALA G 220 2.94 75.49 -16.34
C ALA G 220 2.93 76.69 -17.27
N ALA H 4 50.10 69.46 30.47
CA ALA H 4 49.06 69.22 29.39
C ALA H 4 47.67 68.67 29.88
N PRO H 5 46.94 69.44 30.74
CA PRO H 5 45.65 69.03 31.35
C PRO H 5 44.68 68.33 30.40
N LEU H 6 44.43 67.04 30.63
CA LEU H 6 43.56 66.25 29.78
C LEU H 6 42.12 66.52 30.08
N THR H 7 41.31 66.67 29.05
CA THR H 7 39.85 66.88 29.18
C THR H 7 39.08 66.24 28.05
N GLN H 8 37.79 65.98 28.29
CA GLN H 8 36.96 65.30 27.30
C GLN H 8 36.99 65.98 25.92
N ASP H 9 36.93 67.31 25.92
CA ASP H 9 37.12 68.08 24.69
C ASP H 9 38.47 67.80 24.02
N ARG H 10 39.53 67.64 24.82
CA ARG H 10 40.83 67.30 24.27
C ARG H 10 40.84 65.83 23.78
N ILE H 11 40.09 64.99 24.47
CA ILE H 11 40.01 63.57 24.16
C ILE H 11 39.42 63.41 22.77
N VAL H 12 38.22 63.98 22.58
CA VAL H 12 37.46 63.90 21.32
C VAL H 12 38.05 64.73 20.17
N VAL H 13 38.93 65.68 20.44
CA VAL H 13 39.66 66.34 19.35
C VAL H 13 40.74 65.41 18.79
N THR H 14 41.27 64.53 19.63
CA THR H 14 42.25 63.57 19.16
C THR H 14 41.54 62.37 18.50
N ALA H 15 40.41 61.93 19.08
CA ALA H 15 39.65 60.83 18.49
C ALA H 15 39.09 61.19 17.12
N LEU H 16 38.72 62.46 16.94
CA LEU H 16 38.30 62.97 15.64
C LEU H 16 39.49 63.26 14.74
N GLY H 17 40.62 63.63 15.33
CA GLY H 17 41.83 63.89 14.56
C GLY H 17 42.38 62.63 13.89
N ILE H 18 42.14 61.48 14.51
CA ILE H 18 42.64 60.23 13.95
C ILE H 18 41.61 59.63 13.03
N LEU H 19 40.36 59.99 13.27
CA LEU H 19 39.22 59.50 12.49
C LEU H 19 39.25 60.06 11.07
N ASP H 20 39.54 61.36 10.97
CA ASP H 20 39.77 62.06 9.70
C ASP H 20 41.03 61.54 9.00
N ALA H 21 42.10 61.39 9.78
CA ALA H 21 43.42 61.07 9.25
C ALA H 21 43.74 59.57 8.98
N GLU H 22 42.98 58.65 9.56
CA GLU H 22 43.24 57.20 9.40
C GLU H 22 42.03 56.32 9.09
N GLY H 23 40.90 56.60 9.72
CA GLY H 23 39.61 55.99 9.34
C GLY H 23 38.89 55.35 10.50
N LEU H 24 37.57 55.55 10.57
CA LEU H 24 36.72 54.97 11.63
C LEU H 24 37.17 53.59 12.06
N ASP H 25 37.24 52.67 11.11
CA ASP H 25 37.48 51.28 11.46
C ASP H 25 38.69 51.02 12.32
N ALA H 26 39.63 51.95 12.31
CA ALA H 26 40.84 51.86 13.11
C ALA H 26 40.77 52.54 14.49
N LEU H 27 39.66 53.24 14.79
CA LEU H 27 39.50 53.92 16.10
C LEU H 27 39.10 52.96 17.20
N SER H 28 40.11 52.32 17.79
CA SER H 28 39.96 51.48 18.96
C SER H 28 40.12 52.38 20.17
N MET H 29 39.62 51.91 21.31
CA MET H 29 39.97 52.59 22.53
C MET H 29 41.49 52.51 22.70
N ARG H 30 42.04 51.31 22.48
CA ARG H 30 43.49 51.08 22.49
C ARG H 30 44.32 52.23 21.88
N ARG H 31 44.22 52.37 20.56
CA ARG H 31 44.89 53.45 19.80
C ARG H 31 44.77 54.81 20.51
N LEU H 32 43.54 55.31 20.65
CA LEU H 32 43.30 56.62 21.21
C LEU H 32 44.11 56.85 22.48
N ALA H 33 44.12 55.86 23.36
CA ALA H 33 44.83 55.93 24.64
C ALA H 33 46.34 56.17 24.51
N GLN H 34 46.97 55.42 23.60
CA GLN H 34 48.38 55.61 23.24
C GLN H 34 48.64 57.07 22.91
N GLU H 35 47.88 57.59 21.96
CA GLU H 35 48.03 58.96 21.45
C GLU H 35 48.11 60.04 22.53
N LEU H 36 47.21 59.97 23.50
CA LEU H 36 47.17 60.97 24.55
C LEU H 36 48.12 60.59 25.68
N LYS H 37 48.88 59.51 25.48
CA LYS H 37 49.85 58.97 26.45
C LYS H 37 49.24 58.69 27.82
N THR H 38 48.09 58.02 27.85
CA THR H 38 47.28 57.92 29.06
C THR H 38 46.49 56.61 29.15
N GLY H 39 46.40 56.07 30.36
CA GLY H 39 45.71 54.79 30.63
C GLY H 39 44.21 54.72 30.38
N HIS H 40 43.65 53.52 30.44
CA HIS H 40 42.23 53.31 30.29
C HIS H 40 41.53 54.00 31.44
N ALA H 41 42.20 54.05 32.59
CA ALA H 41 41.70 54.80 33.74
C ALA H 41 41.15 56.17 33.33
N SER H 42 42.06 57.09 33.01
CA SER H 42 41.74 58.51 32.78
C SER H 42 40.89 58.75 31.55
N LEU H 43 40.92 57.80 30.62
CA LEU H 43 40.18 57.90 29.36
C LEU H 43 38.73 57.44 29.54
N TYR H 44 38.54 56.33 30.26
CA TYR H 44 37.19 55.88 30.55
C TYR H 44 36.53 56.80 31.58
N ALA H 45 37.34 57.58 32.29
CA ALA H 45 36.81 58.51 33.29
C ALA H 45 35.86 59.54 32.66
N HIS H 46 36.25 60.17 31.57
CA HIS H 46 35.28 60.95 30.77
C HIS H 46 34.89 60.00 29.63
N VAL H 47 33.98 60.42 28.76
CA VAL H 47 33.61 59.63 27.53
C VAL H 47 33.06 58.19 27.72
N GLY H 48 33.44 57.52 28.79
CA GLY H 48 32.95 56.17 29.04
C GLY H 48 33.62 55.27 28.03
N ASN H 49 32.79 54.58 27.23
CA ASN H 49 33.27 53.58 26.28
C ASN H 49 33.21 54.01 24.81
N ARG H 50 33.82 53.19 23.94
CA ARG H 50 33.88 53.43 22.49
C ARG H 50 32.59 53.99 21.89
N ASP H 51 31.45 53.46 22.35
CA ASP H 51 30.16 53.89 21.82
C ASP H 51 29.64 55.25 22.35
N GLU H 52 29.65 55.44 23.66
CA GLU H 52 29.26 56.74 24.22
C GLU H 52 30.23 57.88 23.81
N LEU H 53 31.44 57.50 23.41
CA LEU H 53 32.42 58.46 22.95
C LEU H 53 32.02 59.01 21.58
N LEU H 54 31.45 58.13 20.74
CA LEU H 54 31.05 58.50 19.38
C LEU H 54 30.00 59.59 19.46
N ASP H 55 28.98 59.35 20.30
CA ASP H 55 27.94 60.34 20.52
C ASP H 55 28.53 61.75 20.70
N LEU H 56 29.51 61.92 21.59
CA LEU H 56 30.22 63.20 21.79
C LEU H 56 30.98 63.71 20.55
N VAL H 57 31.63 62.80 19.83
CA VAL H 57 32.32 63.16 18.58
C VAL H 57 31.29 63.76 17.63
N PHE H 58 30.19 63.03 17.43
CA PHE H 58 29.12 63.51 16.58
C PHE H 58 28.63 64.83 17.11
N ASP H 59 28.42 64.90 18.43
CA ASP H 59 27.83 66.10 19.01
C ASP H 59 28.76 67.31 18.99
N ILE H 60 30.07 67.07 18.92
CA ILE H 60 31.02 68.18 18.83
C ILE H 60 31.01 68.76 17.43
N VAL H 61 30.90 67.91 16.41
CA VAL H 61 31.01 68.37 15.03
C VAL H 61 29.76 69.13 14.52
N LEU H 62 28.58 68.73 15.03
CA LEU H 62 27.30 69.39 14.74
C LEU H 62 27.36 70.90 14.99
N THR H 63 28.47 71.37 15.56
CA THR H 63 28.68 72.81 15.73
C THR H 63 28.91 73.50 14.40
N GLU H 64 29.21 72.73 13.37
CA GLU H 64 29.50 73.29 12.04
C GLU H 64 28.24 73.62 11.28
N VAL H 65 27.09 73.27 11.84
CA VAL H 65 25.81 73.50 11.17
C VAL H 65 25.13 74.78 11.68
N GLU H 66 24.60 75.58 10.75
CA GLU H 66 24.13 76.95 11.04
C GLU H 66 22.70 77.15 10.60
N VAL H 67 21.73 76.81 11.46
CA VAL H 67 20.30 77.02 11.22
C VAL H 67 19.98 78.50 11.41
N PRO H 68 19.54 79.21 10.34
CA PRO H 68 19.47 80.68 10.37
C PRO H 68 18.14 81.23 10.92
N GLU H 69 18.14 82.53 11.27
CA GLU H 69 16.99 83.19 11.90
C GLU H 69 15.97 83.43 10.81
N PRO H 70 14.70 83.02 11.05
CA PRO H 70 13.63 83.04 10.03
C PRO H 70 13.33 84.43 9.46
N GLU H 71 13.22 84.52 8.14
CA GLU H 71 13.05 85.82 7.45
C GLU H 71 11.89 85.89 6.46
N PRO H 72 11.09 86.97 6.52
CA PRO H 72 10.02 87.28 5.56
C PRO H 72 10.22 86.75 4.11
N GLY H 73 9.25 85.97 3.62
CA GLY H 73 9.21 85.52 2.22
C GLY H 73 10.12 84.36 1.82
N ARG H 74 11.23 84.17 2.54
CA ARG H 74 12.32 83.30 2.08
C ARG H 74 12.33 81.88 2.66
N TRP H 75 11.27 81.54 3.40
CA TRP H 75 11.13 80.24 4.07
C TRP H 75 11.78 79.09 3.34
N ALA H 76 11.20 78.68 2.21
CA ALA H 76 11.73 77.55 1.45
C ALA H 76 13.24 77.67 1.21
N GLU H 77 13.72 78.88 0.91
CA GLU H 77 15.14 79.12 0.66
C GLU H 77 16.00 78.81 1.91
N GLN H 78 15.63 79.42 3.03
CA GLN H 78 16.34 79.22 4.30
C GLN H 78 16.51 77.74 4.71
N VAL H 79 15.46 76.94 4.53
CA VAL H 79 15.55 75.52 4.80
C VAL H 79 16.75 74.88 4.07
N LYS H 80 16.84 75.09 2.77
CA LYS H 80 17.88 74.50 1.91
C LYS H 80 19.30 74.78 2.40
N GLU H 81 19.57 76.05 2.73
CA GLU H 81 20.85 76.47 3.30
C GLU H 81 21.22 75.62 4.52
N MET H 82 20.26 75.45 5.41
CA MET H 82 20.37 74.51 6.53
C MET H 82 20.70 73.11 6.06
N CYS H 83 19.94 72.62 5.08
CA CYS H 83 20.15 71.28 4.53
C CYS H 83 21.55 71.10 3.90
N ARG H 84 22.04 72.12 3.17
CA ARG H 84 23.37 72.06 2.54
C ARG H 84 24.49 72.06 3.56
N SER H 85 24.36 72.90 4.57
CA SER H 85 25.39 72.98 5.61
C SER H 85 25.57 71.64 6.32
N LEU H 86 24.49 70.92 6.55
CA LEU H 86 24.61 69.62 7.14
C LEU H 86 25.48 68.77 6.21
N ARG H 87 25.10 68.75 4.93
CA ARG H 87 25.79 67.95 3.92
C ARG H 87 27.28 68.29 3.79
N ARG H 88 27.66 69.54 3.98
CA ARG H 88 29.07 69.84 3.98
C ARG H 88 29.80 69.30 5.21
N MET H 89 29.12 69.30 6.35
CA MET H 89 29.69 68.71 7.56
C MET H 89 30.09 67.26 7.29
N PHE H 90 29.18 66.49 6.70
CA PHE H 90 29.43 65.07 6.40
C PHE H 90 30.53 64.95 5.35
N LEU H 91 30.62 65.94 4.46
CA LEU H 91 31.59 65.93 3.37
C LEU H 91 32.99 66.19 3.85
N ALA H 92 33.14 66.96 4.94
CA ALA H 92 34.48 67.36 5.42
C ALA H 92 35.15 66.43 6.46
N HIS H 93 34.43 65.39 6.91
CA HIS H 93 34.97 64.32 7.79
C HIS H 93 34.55 62.92 7.29
N ARG H 94 35.51 61.98 7.15
CA ARG H 94 35.16 60.64 6.61
C ARG H 94 34.32 59.80 7.57
N ASP H 95 33.60 58.82 7.04
CA ASP H 95 32.81 57.87 7.84
C ASP H 95 31.79 58.45 8.84
N LEU H 96 31.71 59.78 8.93
CA LEU H 96 30.84 60.41 9.91
C LEU H 96 29.36 60.03 9.76
N ALA H 97 28.94 59.76 8.53
CA ALA H 97 27.58 59.29 8.29
C ALA H 97 27.38 57.92 8.91
N ARG H 98 28.37 57.05 8.73
CA ARG H 98 28.27 55.65 9.19
C ARG H 98 27.80 55.63 10.65
N ILE H 99 28.59 56.28 11.50
CA ILE H 99 28.22 56.66 12.87
C ILE H 99 26.77 57.21 13.01
N ALA H 100 26.52 58.36 12.39
CA ALA H 100 25.20 59.01 12.45
C ALA H 100 24.03 58.04 12.48
N ILE H 101 23.90 57.23 11.42
CA ILE H 101 22.77 56.31 11.17
C ILE H 101 22.65 55.21 12.26
N ASP H 102 23.16 55.51 13.46
CA ASP H 102 23.03 54.63 14.62
C ASP H 102 22.57 55.38 15.89
N ARG H 103 22.71 56.70 15.89
CA ARG H 103 22.67 57.53 17.09
C ARG H 103 21.57 58.59 17.05
N VAL H 104 21.09 59.03 18.22
CA VAL H 104 20.27 60.25 18.24
C VAL H 104 21.12 61.48 18.52
N PRO H 105 20.69 62.64 17.99
CA PRO H 105 21.13 63.96 18.51
C PRO H 105 20.45 64.33 19.88
N LEU H 106 20.71 63.52 20.91
CA LEU H 106 20.37 63.90 22.28
C LEU H 106 21.45 64.77 22.94
N GLY H 107 22.55 65.02 22.22
CA GLY H 107 23.67 65.79 22.77
C GLY H 107 23.28 67.24 22.94
N PRO H 108 23.85 67.92 23.96
CA PRO H 108 23.60 69.36 24.23
C PRO H 108 23.54 70.18 22.94
N ASN H 109 24.63 70.15 22.20
CA ASN H 109 24.70 70.75 20.89
C ASN H 109 23.47 70.45 20.08
N GLY H 110 23.17 69.14 19.98
CA GLY H 110 22.07 68.59 19.18
C GLY H 110 20.74 69.23 19.53
N MET H 111 20.50 69.36 20.82
CA MET H 111 19.30 70.00 21.30
C MET H 111 19.08 71.46 20.93
N VAL H 112 20.16 72.24 20.86
CA VAL H 112 20.03 73.66 20.50
C VAL H 112 19.41 73.76 19.10
N GLY H 113 19.92 72.94 18.19
CA GLY H 113 19.57 73.09 16.79
C GLY H 113 18.23 72.49 16.45
N MET H 114 17.84 71.48 17.23
CA MET H 114 16.51 70.96 17.14
C MET H 114 15.49 72.06 17.44
N GLU H 115 15.67 72.74 18.57
CA GLU H 115 14.89 73.95 18.83
C GLU H 115 14.96 74.98 17.67
N ARG H 116 16.18 75.28 17.20
CA ARG H 116 16.38 76.25 16.11
C ARG H 116 15.66 75.84 14.81
N THR H 117 15.97 74.63 14.32
CA THR H 117 15.30 74.01 13.16
C THR H 117 13.78 74.07 13.25
N MET H 118 13.21 73.57 14.36
CA MET H 118 11.75 73.37 14.48
C MET H 118 11.03 74.70 14.52
N ASN H 119 11.73 75.71 15.02
CA ASN H 119 11.24 77.05 15.04
C ASN H 119 11.07 77.52 13.60
N LEU H 120 12.11 77.35 12.77
CA LEU H 120 12.06 77.71 11.35
C LEU H 120 10.92 77.02 10.57
N LEU H 121 10.89 75.67 10.60
CA LEU H 121 9.85 74.85 9.98
C LEU H 121 8.41 75.27 10.35
N ARG H 122 8.15 75.43 11.65
CA ARG H 122 6.86 75.91 12.16
C ARG H 122 6.54 77.34 11.76
N SER H 123 7.53 78.12 11.32
CA SER H 123 7.27 79.45 10.79
C SER H 123 6.62 79.48 9.38
N GLY H 124 6.61 78.35 8.68
CA GLY H 124 6.07 78.32 7.32
C GLY H 124 4.58 78.01 7.23
N GLY H 125 3.98 77.67 8.38
CA GLY H 125 2.59 77.23 8.43
C GLY H 125 2.43 75.73 8.67
N LEU H 126 3.39 75.13 9.37
CA LEU H 126 3.36 73.69 9.63
C LEU H 126 2.75 73.30 10.98
N HIS H 127 1.54 72.74 10.92
CA HIS H 127 0.87 72.29 12.14
C HIS H 127 1.79 71.35 12.87
N ASP H 128 1.63 71.28 14.19
CA ASP H 128 2.52 70.49 15.06
C ASP H 128 3.17 69.27 14.35
N GLU H 129 2.34 68.30 13.97
CA GLU H 129 2.81 67.04 13.36
C GLU H 129 3.75 67.27 12.16
N LEU H 130 3.18 67.69 11.03
CA LEU H 130 3.96 68.07 9.84
C LEU H 130 5.38 68.55 10.15
N ALA H 131 5.50 69.38 11.18
CA ALA H 131 6.75 70.03 11.45
C ALA H 131 7.72 69.09 12.13
N ALA H 132 7.23 68.28 13.06
CA ALA H 132 8.10 67.39 13.84
C ALA H 132 8.66 66.23 13.00
N TYR H 133 7.87 65.77 12.03
CA TYR H 133 8.32 64.75 11.09
C TYR H 133 8.97 65.38 9.86
N GLY H 134 8.44 66.50 9.39
CA GLY H 134 9.17 67.26 8.40
C GLY H 134 10.65 67.19 8.75
N GLY H 135 10.99 67.48 10.00
CA GLY H 135 12.38 67.56 10.45
C GLY H 135 13.05 66.21 10.34
N ASP H 136 12.53 65.27 11.10
CA ASP H 136 12.95 63.88 11.06
C ASP H 136 13.21 63.39 9.63
N LEU H 137 12.32 63.78 8.71
CA LEU H 137 12.36 63.38 7.31
C LEU H 137 13.53 64.01 6.62
N LEU H 138 13.74 65.28 6.92
CA LEU H 138 14.81 65.98 6.28
C LEU H 138 16.13 65.37 6.72
N SER H 139 16.22 65.00 8.01
CA SER H 139 17.45 64.43 8.57
C SER H 139 17.91 63.22 7.83
N THR H 140 17.04 62.22 7.82
CA THR H 140 17.28 61.01 7.07
C THR H 140 17.80 61.25 5.64
N PHE H 141 17.12 62.10 4.87
CA PHE H 141 17.48 62.28 3.46
C PHE H 141 18.93 62.71 3.31
N VAL H 142 19.34 63.71 4.08
CA VAL H 142 20.68 64.28 3.97
C VAL H 142 21.75 63.28 4.44
N THR H 143 21.39 62.48 5.43
CA THR H 143 22.25 61.45 5.98
C THR H 143 22.44 60.38 4.90
N ALA H 144 21.34 59.85 4.40
CA ALA H 144 21.40 58.84 3.35
C ALA H 144 22.27 59.27 2.17
N GLU H 145 22.06 60.50 1.70
CA GLU H 145 22.77 61.03 0.56
C GLU H 145 24.28 60.92 0.73
N ALA H 146 24.75 61.31 1.91
CA ALA H 146 26.17 61.46 2.14
C ALA H 146 26.84 60.12 2.30
N LEU H 147 26.13 59.18 2.88
CA LEU H 147 26.56 57.78 2.90
C LEU H 147 26.82 57.34 1.46
N GLU H 148 25.78 57.49 0.64
CA GLU H 148 25.84 57.26 -0.80
C GLU H 148 26.96 58.03 -1.47
N GLN H 149 27.08 59.34 -1.23
CA GLN H 149 28.19 60.07 -1.82
C GLN H 149 29.53 59.44 -1.42
N SER H 150 29.75 59.23 -0.12
CA SER H 150 31.00 58.65 0.39
C SER H 150 31.36 57.30 -0.24
N SER H 151 30.33 56.55 -0.62
CA SER H 151 30.50 55.28 -1.34
C SER H 151 31.07 55.44 -2.76
N ARG H 152 30.97 56.62 -3.36
CA ARG H 152 31.61 56.90 -4.66
C ARG H 152 33.10 57.14 -4.44
N ASN H 153 33.48 57.29 -3.17
CA ASN H 153 34.86 57.55 -2.73
C ASN H 153 35.50 58.96 -2.92
N PRO H 154 34.68 60.04 -3.02
CA PRO H 154 35.25 61.35 -3.37
C PRO H 154 35.49 62.24 -2.15
N GLY H 155 35.74 63.54 -2.39
CA GLY H 155 36.04 64.49 -1.32
C GLY H 155 37.44 65.09 -1.43
N THR H 156 38.49 64.27 -1.41
CA THR H 156 38.45 62.82 -1.21
C THR H 156 38.32 62.45 0.30
N ALA H 163 36.41 54.22 -8.80
CA ALA H 163 35.01 53.72 -8.78
C ALA H 163 34.08 53.96 -9.97
N GLY H 164 34.04 55.18 -10.51
CA GLY H 164 33.31 55.48 -11.74
C GLY H 164 33.53 54.49 -12.86
N VAL H 165 34.50 53.58 -12.68
CA VAL H 165 34.76 52.44 -13.57
C VAL H 165 33.65 51.39 -13.46
N PHE H 166 33.29 51.02 -12.23
CA PHE H 166 32.18 50.11 -11.94
C PHE H 166 30.85 50.63 -12.49
N ALA H 167 30.47 51.85 -12.12
CA ALA H 167 29.20 52.45 -12.55
C ALA H 167 29.04 52.44 -14.07
N ASP H 168 30.00 53.02 -14.78
CA ASP H 168 30.07 52.94 -16.24
C ASP H 168 29.74 51.52 -16.75
N GLN H 169 30.15 50.51 -15.98
CA GLN H 169 29.96 49.08 -16.33
C GLN H 169 28.55 48.56 -15.96
N LEU H 170 27.78 49.37 -15.24
CA LEU H 170 26.39 49.09 -14.90
C LEU H 170 25.47 49.79 -15.92
N HIS H 171 26.04 50.79 -16.61
CA HIS H 171 25.38 51.50 -17.70
C HIS H 171 25.41 50.60 -18.94
N GLY H 172 26.60 50.14 -19.34
CA GLY H 172 26.73 49.22 -20.46
C GLY H 172 25.76 48.08 -20.28
N TYR H 173 25.90 47.38 -19.15
CA TYR H 173 25.09 46.21 -18.84
C TYR H 173 23.58 46.45 -19.01
N LEU H 174 23.05 47.44 -18.30
CA LEU H 174 21.62 47.79 -18.39
C LEU H 174 21.17 48.17 -19.80
N LYS H 175 21.99 48.96 -20.50
CA LYS H 175 21.74 49.33 -21.90
C LYS H 175 21.61 48.10 -22.78
N SER H 176 22.34 47.04 -22.44
CA SER H 176 22.42 45.86 -23.30
C SER H 176 21.37 44.77 -23.05
N LEU H 177 20.34 45.11 -22.28
CA LEU H 177 19.20 44.21 -22.04
C LEU H 177 18.37 44.06 -23.32
N PRO H 178 17.60 42.97 -23.46
CA PRO H 178 16.64 42.89 -24.56
C PRO H 178 15.64 44.04 -24.51
N ALA H 179 15.65 44.86 -25.56
CA ALA H 179 14.92 46.13 -25.58
C ALA H 179 13.40 46.01 -25.35
N THR H 180 12.81 44.89 -25.76
CA THR H 180 11.36 44.67 -25.65
C THR H 180 10.87 44.29 -24.25
N SER H 181 11.67 43.49 -23.54
CA SER H 181 11.31 43.00 -22.20
C SER H 181 11.63 44.02 -21.11
N PHE H 182 12.53 44.95 -21.42
CA PHE H 182 12.98 45.93 -20.42
C PHE H 182 13.06 47.35 -20.99
N PRO H 183 11.97 47.83 -21.62
CA PRO H 183 11.96 49.14 -22.25
C PRO H 183 12.33 50.30 -21.29
N ASN H 184 11.65 50.39 -20.14
CA ASN H 184 11.92 51.46 -19.17
C ASN H 184 13.36 51.46 -18.66
N LEU H 185 13.88 50.27 -18.35
CA LEU H 185 15.27 50.09 -17.94
C LEU H 185 16.24 50.44 -19.08
N VAL H 186 15.93 50.03 -20.31
CA VAL H 186 16.73 50.43 -21.46
C VAL H 186 16.77 51.96 -21.64
N HIS H 187 15.59 52.60 -21.67
CA HIS H 187 15.43 54.07 -21.90
C HIS H 187 16.04 54.96 -20.80
N LEU H 188 16.05 54.46 -19.56
CA LEU H 188 16.58 55.20 -18.41
C LEU H 188 17.99 54.76 -17.96
N ALA H 189 18.77 54.14 -18.86
CA ALA H 189 20.07 53.60 -18.47
C ALA H 189 20.96 54.60 -17.73
N GLY H 190 21.00 55.85 -18.22
CA GLY H 190 21.93 56.86 -17.72
C GLY H 190 21.57 57.41 -16.35
N PRO H 191 20.44 58.12 -16.29
CA PRO H 191 19.89 58.68 -15.05
C PRO H 191 19.77 57.70 -13.86
N ILE H 192 19.83 56.38 -14.08
CA ILE H 192 19.80 55.41 -12.96
C ILE H 192 21.20 55.10 -12.43
N THR H 193 22.11 54.76 -13.36
CA THR H 193 23.46 54.26 -13.05
C THR H 193 24.28 55.40 -12.56
N SER H 194 24.73 56.23 -13.50
CA SER H 194 25.45 57.45 -13.16
C SER H 194 24.49 58.65 -13.03
N LEU H 195 24.77 59.47 -12.04
CA LEU H 195 24.12 60.75 -11.83
C LEU H 195 25.02 61.60 -10.95
N ASP H 196 25.36 62.78 -11.46
CA ASP H 196 25.99 63.79 -10.66
C ASP H 196 25.32 63.87 -9.28
N SER H 197 26.15 63.81 -8.24
CA SER H 197 25.72 63.83 -6.85
C SER H 197 25.07 65.16 -6.47
N ASP H 198 25.66 66.25 -6.97
CA ASP H 198 25.12 67.62 -6.76
C ASP H 198 23.71 67.81 -7.38
N ARG H 199 23.46 67.07 -8.46
CA ARG H 199 22.14 67.04 -9.06
C ARG H 199 21.15 66.20 -8.22
N ARG H 200 21.57 65.04 -7.74
CA ARG H 200 20.62 64.16 -7.03
C ARG H 200 20.11 64.75 -5.70
N PHE H 201 20.88 65.68 -5.17
CA PHE H 201 20.60 66.33 -3.88
C PHE H 201 19.56 67.40 -4.06
N GLU H 202 19.83 68.30 -5.01
CA GLU H 202 18.95 69.43 -5.26
C GLU H 202 17.56 68.96 -5.66
N LEU H 203 17.47 67.82 -6.36
CA LEU H 203 16.17 67.24 -6.72
C LEU H 203 15.33 66.80 -5.53
N GLY H 204 15.94 66.09 -4.60
CA GLY H 204 15.22 65.55 -3.46
C GLY H 204 14.86 66.61 -2.46
N LEU H 205 15.66 67.66 -2.45
CA LEU H 205 15.44 68.75 -1.57
C LEU H 205 14.13 69.39 -2.00
N GLU H 206 14.11 69.87 -3.25
CA GLU H 206 12.91 70.38 -3.88
C GLU H 206 11.76 69.40 -3.68
N ILE H 207 11.91 68.15 -4.08
CA ILE H 207 10.81 67.19 -3.92
C ILE H 207 10.18 67.28 -2.51
N ILE H 208 10.96 67.00 -1.48
CA ILE H 208 10.43 67.03 -0.10
C ILE H 208 9.88 68.44 0.27
N ILE H 209 10.65 69.49 0.02
CA ILE H 209 10.16 70.79 0.38
C ILE H 209 8.75 71.02 -0.19
N ALA H 210 8.61 70.88 -1.51
CA ALA H 210 7.31 70.99 -2.17
C ALA H 210 6.29 70.05 -1.53
N GLY H 211 6.73 68.83 -1.22
CA GLY H 211 5.90 67.84 -0.53
C GLY H 211 5.36 68.34 0.80
N LEU H 212 6.23 68.98 1.59
CA LEU H 212 5.82 69.63 2.85
C LEU H 212 4.88 70.82 2.57
N LEU H 213 5.23 71.60 1.54
CA LEU H 213 4.40 72.76 1.15
C LEU H 213 2.95 72.39 0.84
N ALA H 214 2.75 71.27 0.13
CA ALA H 214 1.40 70.77 -0.16
C ALA H 214 0.70 70.48 1.14
N GLY H 215 1.47 69.98 2.11
CA GLY H 215 0.96 69.67 3.44
C GLY H 215 0.41 70.87 4.21
N ALA H 216 0.96 72.06 3.98
CA ALA H 216 0.48 73.29 4.61
C ALA H 216 -0.96 73.69 4.20
N GLY H 217 -1.28 73.68 2.90
CA GLY H 217 -2.64 73.99 2.41
C GLY H 217 -3.04 75.45 2.61
N GLU H 218 -4.31 75.68 3.01
CA GLU H 218 -4.84 77.04 3.22
C GLU H 218 -4.31 77.71 4.50
#